data_3FB9
# 
_entry.id   3FB9 
# 
_audit_conform.dict_name       mmcif_pdbx.dic 
_audit_conform.dict_version    5.383 
_audit_conform.dict_location   http://mmcif.pdb.org/dictionaries/ascii/mmcif_pdbx.dic 
# 
loop_
_database_2.database_id 
_database_2.database_code 
_database_2.pdbx_database_accession 
_database_2.pdbx_DOI 
PDB   3FB9         pdb_00003fb9 10.2210/pdb3fb9/pdb 
RCSB  RCSB050376   ?            ?                   
WWPDB D_1000050376 ?            ?                   
# 
loop_
_pdbx_audit_revision_history.ordinal 
_pdbx_audit_revision_history.data_content_type 
_pdbx_audit_revision_history.major_revision 
_pdbx_audit_revision_history.minor_revision 
_pdbx_audit_revision_history.revision_date 
1 'Structure model' 1 0 2008-12-23 
2 'Structure model' 1 1 2011-07-13 
3 'Structure model' 1 2 2023-12-27 
# 
_pdbx_audit_revision_details.ordinal             1 
_pdbx_audit_revision_details.revision_ordinal    1 
_pdbx_audit_revision_details.data_content_type   'Structure model' 
_pdbx_audit_revision_details.provider            repository 
_pdbx_audit_revision_details.type                'Initial release' 
_pdbx_audit_revision_details.description         ? 
_pdbx_audit_revision_details.details             ? 
# 
loop_
_pdbx_audit_revision_group.ordinal 
_pdbx_audit_revision_group.revision_ordinal 
_pdbx_audit_revision_group.data_content_type 
_pdbx_audit_revision_group.group 
1 2 'Structure model' Advisory                    
2 2 'Structure model' 'Refinement description'    
3 2 'Structure model' 'Source and taxonomy'       
4 2 'Structure model' 'Version format compliance' 
5 3 'Structure model' 'Data collection'           
6 3 'Structure model' 'Database references'       
# 
loop_
_pdbx_audit_revision_category.ordinal 
_pdbx_audit_revision_category.revision_ordinal 
_pdbx_audit_revision_category.data_content_type 
_pdbx_audit_revision_category.category 
1 3 'Structure model' chem_comp_atom 
2 3 'Structure model' chem_comp_bond 
3 3 'Structure model' database_2     
# 
loop_
_pdbx_audit_revision_item.ordinal 
_pdbx_audit_revision_item.revision_ordinal 
_pdbx_audit_revision_item.data_content_type 
_pdbx_audit_revision_item.item 
1 3 'Structure model' '_database_2.pdbx_DOI'                
2 3 'Structure model' '_database_2.pdbx_database_accession' 
# 
_pdbx_database_status.status_code                     REL 
_pdbx_database_status.entry_id                        3FB9 
_pdbx_database_status.recvd_initial_deposition_date   2008-11-18 
_pdbx_database_status.deposit_site                    RCSB 
_pdbx_database_status.process_site                    RCSB 
_pdbx_database_status.status_code_sf                  REL 
_pdbx_database_status.status_code_mr                  ? 
_pdbx_database_status.SG_entry                        Y 
_pdbx_database_status.pdb_format_compatible           Y 
_pdbx_database_status.status_code_cs                  ? 
_pdbx_database_status.status_code_nmr_data            ? 
_pdbx_database_status.methods_development_category    ? 
# 
_pdbx_database_related.db_name        TargetDB 
_pdbx_database_related.db_id          APC80713 
_pdbx_database_related.details        . 
_pdbx_database_related.content_type   unspecified 
# 
loop_
_audit_author.name 
_audit_author.pdbx_ordinal 
'Zhang, R.'                                     1 
'Li, H.'                                        2 
'Abdullah, J.'                                  3 
'Joachimiak, A.'                                4 
'Midwest Center for Structural Genomics (MCSG)' 5 
# 
_citation.id                        primary 
_citation.title                     
'The crystal structure of the protein with unknown function from Streptococcus pneumoniae TIGR4' 
_citation.journal_abbrev            'To be Published' 
_citation.journal_volume            ? 
_citation.page_first                ? 
_citation.page_last                 ? 
_citation.year                      ? 
_citation.journal_id_ASTM           ? 
_citation.country                   ? 
_citation.journal_id_ISSN           ? 
_citation.journal_id_CSD            0353 
_citation.book_publisher            ? 
_citation.pdbx_database_id_PubMed   ? 
_citation.pdbx_database_id_DOI      ? 
# 
loop_
_citation_author.citation_id 
_citation_author.name 
_citation_author.ordinal 
_citation_author.identifier_ORCID 
primary 'Zhang, R.'      1 ? 
primary 'Li, H.'         2 ? 
primary 'Abdullah, J.'   3 ? 
primary 'Joachimiak, A.' 4 ? 
# 
loop_
_entity.id 
_entity.type 
_entity.src_method 
_entity.pdbx_description 
_entity.formula_weight 
_entity.pdbx_number_of_molecules 
_entity.pdbx_ec 
_entity.pdbx_mutation 
_entity.pdbx_fragment 
_entity.details 
1 polymer man 'uncharacterized protein' 10411.871 2   ? ? ? ? 
2 water   nat water                     18.015    198 ? ? ? ? 
# 
_entity_poly.entity_id                      1 
_entity_poly.type                           'polypeptide(L)' 
_entity_poly.nstd_linkage                   no 
_entity_poly.nstd_monomer                   no 
_entity_poly.pdbx_seq_one_letter_code       
;QGMSDAFTDVAKMKKIKEEIKAHEGQVVEMTLENGRKRQKNRLGKLIEVYPSLFIVEFGDVEGDKQVNVYVESFTYSDIL
TEKNLIHYLD
;
_entity_poly.pdbx_seq_one_letter_code_can   
;QGMSDAFTDVAKMKKIKEEIKAHEGQVVEMTLENGRKRQKNRLGKLIEVYPSLFIVEFGDVEGDKQVNVYVESFTYSDIL
TEKNLIHYLD
;
_entity_poly.pdbx_strand_id                 A,B 
_entity_poly.pdbx_target_identifier         APC80713 
# 
_pdbx_entity_nonpoly.entity_id   2 
_pdbx_entity_nonpoly.name        water 
_pdbx_entity_nonpoly.comp_id     HOH 
# 
loop_
_entity_poly_seq.entity_id 
_entity_poly_seq.num 
_entity_poly_seq.mon_id 
_entity_poly_seq.hetero 
1 1  GLN n 
1 2  GLY n 
1 3  MET n 
1 4  SER n 
1 5  ASP n 
1 6  ALA n 
1 7  PHE n 
1 8  THR n 
1 9  ASP n 
1 10 VAL n 
1 11 ALA n 
1 12 LYS n 
1 13 MET n 
1 14 LYS n 
1 15 LYS n 
1 16 ILE n 
1 17 LYS n 
1 18 GLU n 
1 19 GLU n 
1 20 ILE n 
1 21 LYS n 
1 22 ALA n 
1 23 HIS n 
1 24 GLU n 
1 25 GLY n 
1 26 GLN n 
1 27 VAL n 
1 28 VAL n 
1 29 GLU n 
1 30 MET n 
1 31 THR n 
1 32 LEU n 
1 33 GLU n 
1 34 ASN n 
1 35 GLY n 
1 36 ARG n 
1 37 LYS n 
1 38 ARG n 
1 39 GLN n 
1 40 LYS n 
1 41 ASN n 
1 42 ARG n 
1 43 LEU n 
1 44 GLY n 
1 45 LYS n 
1 46 LEU n 
1 47 ILE n 
1 48 GLU n 
1 49 VAL n 
1 50 TYR n 
1 51 PRO n 
1 52 SER n 
1 53 LEU n 
1 54 PHE n 
1 55 ILE n 
1 56 VAL n 
1 57 GLU n 
1 58 PHE n 
1 59 GLY n 
1 60 ASP n 
1 61 VAL n 
1 62 GLU n 
1 63 GLY n 
1 64 ASP n 
1 65 LYS n 
1 66 GLN n 
1 67 VAL n 
1 68 ASN n 
1 69 VAL n 
1 70 TYR n 
1 71 VAL n 
1 72 GLU n 
1 73 SER n 
1 74 PHE n 
1 75 THR n 
1 76 TYR n 
1 77 SER n 
1 78 ASP n 
1 79 ILE n 
1 80 LEU n 
1 81 THR n 
1 82 GLU n 
1 83 LYS n 
1 84 ASN n 
1 85 LEU n 
1 86 ILE n 
1 87 HIS n 
1 88 TYR n 
1 89 LEU n 
1 90 ASP n 
# 
_entity_src_gen.entity_id                          1 
_entity_src_gen.pdbx_src_id                        1 
_entity_src_gen.pdbx_alt_source_flag               sample 
_entity_src_gen.pdbx_seq_type                      ? 
_entity_src_gen.pdbx_beg_seq_num                   ? 
_entity_src_gen.pdbx_end_seq_num                   ? 
_entity_src_gen.gene_src_common_name               ? 
_entity_src_gen.gene_src_genus                     ? 
_entity_src_gen.pdbx_gene_src_gene                 'GI:14973714, SP_2202' 
_entity_src_gen.gene_src_species                   ? 
_entity_src_gen.gene_src_strain                    TIGR4 
_entity_src_gen.gene_src_tissue                    ? 
_entity_src_gen.gene_src_tissue_fraction           ? 
_entity_src_gen.gene_src_details                   ? 
_entity_src_gen.pdbx_gene_src_fragment             ? 
_entity_src_gen.pdbx_gene_src_scientific_name      'Streptococcus pneumoniae' 
_entity_src_gen.pdbx_gene_src_ncbi_taxonomy_id     170187 
_entity_src_gen.pdbx_gene_src_variant              ? 
_entity_src_gen.pdbx_gene_src_cell_line            ? 
_entity_src_gen.pdbx_gene_src_atcc                 ? 
_entity_src_gen.pdbx_gene_src_organ                ? 
_entity_src_gen.pdbx_gene_src_organelle            ? 
_entity_src_gen.pdbx_gene_src_cell                 ? 
_entity_src_gen.pdbx_gene_src_cellular_location    ? 
_entity_src_gen.host_org_common_name               ? 
_entity_src_gen.pdbx_host_org_scientific_name      'Escherichia coli' 
_entity_src_gen.pdbx_host_org_ncbi_taxonomy_id     562 
_entity_src_gen.host_org_genus                     ? 
_entity_src_gen.pdbx_host_org_gene                 ? 
_entity_src_gen.pdbx_host_org_organ                ? 
_entity_src_gen.host_org_species                   ? 
_entity_src_gen.pdbx_host_org_tissue               ? 
_entity_src_gen.pdbx_host_org_tissue_fraction      ? 
_entity_src_gen.pdbx_host_org_strain               BL21 
_entity_src_gen.pdbx_host_org_variant              ? 
_entity_src_gen.pdbx_host_org_cell_line            ? 
_entity_src_gen.pdbx_host_org_atcc                 ? 
_entity_src_gen.pdbx_host_org_culture_collection   ? 
_entity_src_gen.pdbx_host_org_cell                 ? 
_entity_src_gen.pdbx_host_org_organelle            ? 
_entity_src_gen.pdbx_host_org_cellular_location    ? 
_entity_src_gen.pdbx_host_org_vector_type          plasmid 
_entity_src_gen.pdbx_host_org_vector               ? 
_entity_src_gen.host_org_details                   ? 
_entity_src_gen.expression_system_id               ? 
_entity_src_gen.plasmid_name                       pMCSG7 
_entity_src_gen.plasmid_details                    ? 
_entity_src_gen.pdbx_description                   ? 
# 
loop_
_chem_comp.id 
_chem_comp.type 
_chem_comp.mon_nstd_flag 
_chem_comp.name 
_chem_comp.pdbx_synonyms 
_chem_comp.formula 
_chem_comp.formula_weight 
ALA 'L-peptide linking' y ALANINE         ? 'C3 H7 N O2'     89.093  
ARG 'L-peptide linking' y ARGININE        ? 'C6 H15 N4 O2 1' 175.209 
ASN 'L-peptide linking' y ASPARAGINE      ? 'C4 H8 N2 O3'    132.118 
ASP 'L-peptide linking' y 'ASPARTIC ACID' ? 'C4 H7 N O4'     133.103 
GLN 'L-peptide linking' y GLUTAMINE       ? 'C5 H10 N2 O3'   146.144 
GLU 'L-peptide linking' y 'GLUTAMIC ACID' ? 'C5 H9 N O4'     147.129 
GLY 'peptide linking'   y GLYCINE         ? 'C2 H5 N O2'     75.067  
HIS 'L-peptide linking' y HISTIDINE       ? 'C6 H10 N3 O2 1' 156.162 
HOH non-polymer         . WATER           ? 'H2 O'           18.015  
ILE 'L-peptide linking' y ISOLEUCINE      ? 'C6 H13 N O2'    131.173 
LEU 'L-peptide linking' y LEUCINE         ? 'C6 H13 N O2'    131.173 
LYS 'L-peptide linking' y LYSINE          ? 'C6 H15 N2 O2 1' 147.195 
MET 'L-peptide linking' y METHIONINE      ? 'C5 H11 N O2 S'  149.211 
PHE 'L-peptide linking' y PHENYLALANINE   ? 'C9 H11 N O2'    165.189 
PRO 'L-peptide linking' y PROLINE         ? 'C5 H9 N O2'     115.130 
SER 'L-peptide linking' y SERINE          ? 'C3 H7 N O3'     105.093 
THR 'L-peptide linking' y THREONINE       ? 'C4 H9 N O3'     119.119 
TYR 'L-peptide linking' y TYROSINE        ? 'C9 H11 N O3'    181.189 
VAL 'L-peptide linking' y VALINE          ? 'C5 H11 N O2'    117.146 
# 
loop_
_pdbx_poly_seq_scheme.asym_id 
_pdbx_poly_seq_scheme.entity_id 
_pdbx_poly_seq_scheme.seq_id 
_pdbx_poly_seq_scheme.mon_id 
_pdbx_poly_seq_scheme.ndb_seq_num 
_pdbx_poly_seq_scheme.pdb_seq_num 
_pdbx_poly_seq_scheme.auth_seq_num 
_pdbx_poly_seq_scheme.pdb_mon_id 
_pdbx_poly_seq_scheme.auth_mon_id 
_pdbx_poly_seq_scheme.pdb_strand_id 
_pdbx_poly_seq_scheme.pdb_ins_code 
_pdbx_poly_seq_scheme.hetero 
A 1 1  GLN 1  -1 ?  ?   ?   A . n 
A 1 2  GLY 2  0  0  GLY GLY A . n 
A 1 3  MET 3  1  1  MET MET A . n 
A 1 4  SER 4  2  2  SER SER A . n 
A 1 5  ASP 5  3  3  ASP ASP A . n 
A 1 6  ALA 6  4  4  ALA ALA A . n 
A 1 7  PHE 7  5  5  PHE PHE A . n 
A 1 8  THR 8  6  6  THR THR A . n 
A 1 9  ASP 9  7  7  ASP ASP A . n 
A 1 10 VAL 10 8  8  VAL VAL A . n 
A 1 11 ALA 11 9  9  ALA ALA A . n 
A 1 12 LYS 12 10 10 LYS LYS A . n 
A 1 13 MET 13 11 11 MET MET A . n 
A 1 14 LYS 14 12 12 LYS LYS A . n 
A 1 15 LYS 15 13 13 LYS LYS A . n 
A 1 16 ILE 16 14 14 ILE ILE A . n 
A 1 17 LYS 17 15 15 LYS LYS A . n 
A 1 18 GLU 18 16 16 GLU GLU A . n 
A 1 19 GLU 19 17 17 GLU GLU A . n 
A 1 20 ILE 20 18 18 ILE ILE A . n 
A 1 21 LYS 21 19 19 LYS LYS A . n 
A 1 22 ALA 22 20 20 ALA ALA A . n 
A 1 23 HIS 23 21 21 HIS HIS A . n 
A 1 24 GLU 24 22 22 GLU GLU A . n 
A 1 25 GLY 25 23 23 GLY GLY A . n 
A 1 26 GLN 26 24 24 GLN GLN A . n 
A 1 27 VAL 27 25 25 VAL VAL A . n 
A 1 28 VAL 28 26 26 VAL VAL A . n 
A 1 29 GLU 29 27 27 GLU GLU A . n 
A 1 30 MET 30 28 28 MET MET A . n 
A 1 31 THR 31 29 29 THR THR A . n 
A 1 32 LEU 32 30 30 LEU LEU A . n 
A 1 33 GLU 33 31 31 GLU GLU A . n 
A 1 34 ASN 34 32 32 ASN ASN A . n 
A 1 35 GLY 35 33 33 GLY GLY A . n 
A 1 36 ARG 36 34 34 ARG ARG A . n 
A 1 37 LYS 37 35 35 LYS LYS A . n 
A 1 38 ARG 38 36 36 ARG ARG A . n 
A 1 39 GLN 39 37 37 GLN GLN A . n 
A 1 40 LYS 40 38 38 LYS LYS A . n 
A 1 41 ASN 41 39 39 ASN ASN A . n 
A 1 42 ARG 42 40 40 ARG ARG A . n 
A 1 43 LEU 43 41 41 LEU LEU A . n 
A 1 44 GLY 44 42 42 GLY GLY A . n 
A 1 45 LYS 45 43 43 LYS LYS A . n 
A 1 46 LEU 46 44 44 LEU LEU A . n 
A 1 47 ILE 47 45 45 ILE ILE A . n 
A 1 48 GLU 48 46 46 GLU GLU A . n 
A 1 49 VAL 49 47 47 VAL VAL A . n 
A 1 50 TYR 50 48 48 TYR TYR A . n 
A 1 51 PRO 51 49 49 PRO PRO A . n 
A 1 52 SER 52 50 50 SER SER A . n 
A 1 53 LEU 53 51 51 LEU LEU A . n 
A 1 54 PHE 54 52 52 PHE PHE A . n 
A 1 55 ILE 55 53 53 ILE ILE A . n 
A 1 56 VAL 56 54 54 VAL VAL A . n 
A 1 57 GLU 57 55 55 GLU GLU A . n 
A 1 58 PHE 58 56 56 PHE PHE A . n 
A 1 59 GLY 59 57 57 GLY GLY A . n 
A 1 60 ASP 60 58 58 ASP ASP A . n 
A 1 61 VAL 61 59 59 VAL VAL A . n 
A 1 62 GLU 62 60 60 GLU GLU A . n 
A 1 63 GLY 63 61 61 GLY GLY A . n 
A 1 64 ASP 64 62 62 ASP ASP A . n 
A 1 65 LYS 65 63 63 LYS LYS A . n 
A 1 66 GLN 66 64 64 GLN GLN A . n 
A 1 67 VAL 67 65 65 VAL VAL A . n 
A 1 68 ASN 68 66 66 ASN ASN A . n 
A 1 69 VAL 69 67 67 VAL VAL A . n 
A 1 70 TYR 70 68 68 TYR TYR A . n 
A 1 71 VAL 71 69 69 VAL VAL A . n 
A 1 72 GLU 72 70 70 GLU GLU A . n 
A 1 73 SER 73 71 71 SER SER A . n 
A 1 74 PHE 74 72 72 PHE PHE A . n 
A 1 75 THR 75 73 73 THR THR A . n 
A 1 76 TYR 76 74 74 TYR TYR A . n 
A 1 77 SER 77 75 75 SER SER A . n 
A 1 78 ASP 78 76 76 ASP ASP A . n 
A 1 79 ILE 79 77 77 ILE ILE A . n 
A 1 80 LEU 80 78 78 LEU LEU A . n 
A 1 81 THR 81 79 79 THR THR A . n 
A 1 82 GLU 82 80 80 GLU GLU A . n 
A 1 83 LYS 83 81 81 LYS LYS A . n 
A 1 84 ASN 84 82 82 ASN ASN A . n 
A 1 85 LEU 85 83 83 LEU LEU A . n 
A 1 86 ILE 86 84 84 ILE ILE A . n 
A 1 87 HIS 87 85 85 HIS HIS A . n 
A 1 88 TYR 88 86 86 TYR TYR A . n 
A 1 89 LEU 89 87 87 LEU LEU A . n 
A 1 90 ASP 90 88 88 ASP ASP A . n 
B 1 1  GLN 1  -1 -1 GLN GLN B . n 
B 1 2  GLY 2  0  0  GLY GLY B . n 
B 1 3  MET 3  1  1  MET MET B . n 
B 1 4  SER 4  2  2  SER SER B . n 
B 1 5  ASP 5  3  3  ASP ASP B . n 
B 1 6  ALA 6  4  4  ALA ALA B . n 
B 1 7  PHE 7  5  5  PHE PHE B . n 
B 1 8  THR 8  6  6  THR THR B . n 
B 1 9  ASP 9  7  7  ASP ASP B . n 
B 1 10 VAL 10 8  8  VAL VAL B . n 
B 1 11 ALA 11 9  9  ALA ALA B . n 
B 1 12 LYS 12 10 10 LYS LYS B . n 
B 1 13 MET 13 11 11 MET MET B . n 
B 1 14 LYS 14 12 12 LYS LYS B . n 
B 1 15 LYS 15 13 13 LYS LYS B . n 
B 1 16 ILE 16 14 14 ILE ILE B . n 
B 1 17 LYS 17 15 15 LYS LYS B . n 
B 1 18 GLU 18 16 16 GLU GLU B . n 
B 1 19 GLU 19 17 17 GLU GLU B . n 
B 1 20 ILE 20 18 18 ILE ILE B . n 
B 1 21 LYS 21 19 19 LYS LYS B . n 
B 1 22 ALA 22 20 20 ALA ALA B . n 
B 1 23 HIS 23 21 21 HIS HIS B . n 
B 1 24 GLU 24 22 22 GLU GLU B . n 
B 1 25 GLY 25 23 23 GLY GLY B . n 
B 1 26 GLN 26 24 24 GLN GLN B . n 
B 1 27 VAL 27 25 25 VAL VAL B . n 
B 1 28 VAL 28 26 26 VAL VAL B . n 
B 1 29 GLU 29 27 27 GLU GLU B . n 
B 1 30 MET 30 28 28 MET MET B . n 
B 1 31 THR 31 29 29 THR THR B . n 
B 1 32 LEU 32 30 30 LEU LEU B . n 
B 1 33 GLU 33 31 31 GLU GLU B . n 
B 1 34 ASN 34 32 ?  ?   ?   B . n 
B 1 35 GLY 35 33 ?  ?   ?   B . n 
B 1 36 ARG 36 34 ?  ?   ?   B . n 
B 1 37 LYS 37 35 ?  ?   ?   B . n 
B 1 38 ARG 38 36 ?  ?   ?   B . n 
B 1 39 GLN 39 37 ?  ?   ?   B . n 
B 1 40 LYS 40 38 38 LYS LYS B . n 
B 1 41 ASN 41 39 39 ASN ASN B . n 
B 1 42 ARG 42 40 40 ARG ARG B . n 
B 1 43 LEU 43 41 41 LEU LEU B . n 
B 1 44 GLY 44 42 42 GLY GLY B . n 
B 1 45 LYS 45 43 43 LYS LYS B . n 
B 1 46 LEU 46 44 44 LEU LEU B . n 
B 1 47 ILE 47 45 45 ILE ILE B . n 
B 1 48 GLU 48 46 46 GLU GLU B . n 
B 1 49 VAL 49 47 47 VAL VAL B . n 
B 1 50 TYR 50 48 48 TYR TYR B . n 
B 1 51 PRO 51 49 49 PRO PRO B . n 
B 1 52 SER 52 50 50 SER SER B . n 
B 1 53 LEU 53 51 51 LEU LEU B . n 
B 1 54 PHE 54 52 52 PHE PHE B . n 
B 1 55 ILE 55 53 53 ILE ILE B . n 
B 1 56 VAL 56 54 54 VAL VAL B . n 
B 1 57 GLU 57 55 55 GLU GLU B . n 
B 1 58 PHE 58 56 56 PHE PHE B . n 
B 1 59 GLY 59 57 57 GLY GLY B . n 
B 1 60 ASP 60 58 58 ASP ASP B . n 
B 1 61 VAL 61 59 59 VAL VAL B . n 
B 1 62 GLU 62 60 60 GLU GLU B . n 
B 1 63 GLY 63 61 61 GLY GLY B . n 
B 1 64 ASP 64 62 62 ASP ASP B . n 
B 1 65 LYS 65 63 63 LYS LYS B . n 
B 1 66 GLN 66 64 64 GLN GLN B . n 
B 1 67 VAL 67 65 65 VAL VAL B . n 
B 1 68 ASN 68 66 66 ASN ASN B . n 
B 1 69 VAL 69 67 67 VAL VAL B . n 
B 1 70 TYR 70 68 68 TYR TYR B . n 
B 1 71 VAL 71 69 69 VAL VAL B . n 
B 1 72 GLU 72 70 70 GLU GLU B . n 
B 1 73 SER 73 71 71 SER SER B . n 
B 1 74 PHE 74 72 72 PHE PHE B . n 
B 1 75 THR 75 73 73 THR THR B . n 
B 1 76 TYR 76 74 74 TYR TYR B . n 
B 1 77 SER 77 75 75 SER SER B . n 
B 1 78 ASP 78 76 76 ASP ASP B . n 
B 1 79 ILE 79 77 77 ILE ILE B . n 
B 1 80 LEU 80 78 78 LEU LEU B . n 
B 1 81 THR 81 79 79 THR THR B . n 
B 1 82 GLU 82 80 80 GLU GLU B . n 
B 1 83 LYS 83 81 81 LYS LYS B . n 
B 1 84 ASN 84 82 82 ASN ASN B . n 
B 1 85 LEU 85 83 83 LEU LEU B . n 
B 1 86 ILE 86 84 84 ILE ILE B . n 
B 1 87 HIS 87 85 85 HIS HIS B . n 
B 1 88 TYR 88 86 86 TYR TYR B . n 
B 1 89 LEU 89 87 87 LEU LEU B . n 
B 1 90 ASP 90 88 88 ASP ASP B . n 
# 
loop_
_pdbx_nonpoly_scheme.asym_id 
_pdbx_nonpoly_scheme.entity_id 
_pdbx_nonpoly_scheme.mon_id 
_pdbx_nonpoly_scheme.ndb_seq_num 
_pdbx_nonpoly_scheme.pdb_seq_num 
_pdbx_nonpoly_scheme.auth_seq_num 
_pdbx_nonpoly_scheme.pdb_mon_id 
_pdbx_nonpoly_scheme.auth_mon_id 
_pdbx_nonpoly_scheme.pdb_strand_id 
_pdbx_nonpoly_scheme.pdb_ins_code 
C 2 HOH 1   89  89  HOH HOH A . 
C 2 HOH 2   90  90  HOH HOH A . 
C 2 HOH 3   91  4   HOH HOH A . 
C 2 HOH 4   92  92  HOH HOH A . 
C 2 HOH 5   93  93  HOH HOH A . 
C 2 HOH 6   94  94  HOH HOH A . 
C 2 HOH 7   95  95  HOH HOH A . 
C 2 HOH 8   96  5   HOH HOH A . 
C 2 HOH 9   97  97  HOH HOH A . 
C 2 HOH 10  98  6   HOH HOH A . 
C 2 HOH 11  99  99  HOH HOH A . 
C 2 HOH 12  100 7   HOH HOH A . 
C 2 HOH 13  101 8   HOH HOH A . 
C 2 HOH 14  102 102 HOH HOH A . 
C 2 HOH 15  103 11  HOH HOH A . 
C 2 HOH 16  104 104 HOH HOH A . 
C 2 HOH 17  105 12  HOH HOH A . 
C 2 HOH 18  106 14  HOH HOH A . 
C 2 HOH 19  107 107 HOH HOH A . 
C 2 HOH 20  108 108 HOH HOH A . 
C 2 HOH 21  109 109 HOH HOH A . 
C 2 HOH 22  110 22  HOH HOH A . 
C 2 HOH 23  111 111 HOH HOH A . 
C 2 HOH 24  112 112 HOH HOH A . 
C 2 HOH 25  113 23  HOH HOH A . 
C 2 HOH 26  114 114 HOH HOH A . 
C 2 HOH 27  115 115 HOH HOH A . 
C 2 HOH 28  116 24  HOH HOH A . 
C 2 HOH 29  117 117 HOH HOH A . 
C 2 HOH 30  118 118 HOH HOH A . 
C 2 HOH 31  119 27  HOH HOH A . 
C 2 HOH 32  120 29  HOH HOH A . 
C 2 HOH 33  121 121 HOH HOH A . 
C 2 HOH 34  122 122 HOH HOH A . 
C 2 HOH 35  123 123 HOH HOH A . 
C 2 HOH 36  124 32  HOH HOH A . 
C 2 HOH 37  125 33  HOH HOH A . 
C 2 HOH 38  126 35  HOH HOH A . 
C 2 HOH 39  127 42  HOH HOH A . 
C 2 HOH 40  128 128 HOH HOH A . 
C 2 HOH 41  129 43  HOH HOH A . 
C 2 HOH 42  130 48  HOH HOH A . 
C 2 HOH 43  131 49  HOH HOH A . 
C 2 HOH 44  132 50  HOH HOH A . 
C 2 HOH 45  133 133 HOH HOH A . 
C 2 HOH 46  134 134 HOH HOH A . 
C 2 HOH 47  135 135 HOH HOH A . 
C 2 HOH 48  136 136 HOH HOH A . 
C 2 HOH 49  137 137 HOH HOH A . 
C 2 HOH 50  138 138 HOH HOH A . 
C 2 HOH 51  139 52  HOH HOH A . 
C 2 HOH 52  140 53  HOH HOH A . 
C 2 HOH 53  141 54  HOH HOH A . 
C 2 HOH 54  142 56  HOH HOH A . 
C 2 HOH 55  143 143 HOH HOH A . 
C 2 HOH 56  144 57  HOH HOH A . 
C 2 HOH 57  145 62  HOH HOH A . 
C 2 HOH 58  146 146 HOH HOH A . 
C 2 HOH 59  147 65  HOH HOH A . 
C 2 HOH 60  148 66  HOH HOH A . 
C 2 HOH 61  149 149 HOH HOH A . 
C 2 HOH 62  150 68  HOH HOH A . 
C 2 HOH 63  151 151 HOH HOH A . 
C 2 HOH 64  152 69  HOH HOH A . 
C 2 HOH 65  153 153 HOH HOH A . 
C 2 HOH 66  154 154 HOH HOH A . 
C 2 HOH 67  155 155 HOH HOH A . 
C 2 HOH 68  156 156 HOH HOH A . 
C 2 HOH 69  157 71  HOH HOH A . 
C 2 HOH 70  158 72  HOH HOH A . 
C 2 HOH 71  159 73  HOH HOH A . 
C 2 HOH 72  160 74  HOH HOH A . 
C 2 HOH 73  161 161 HOH HOH A . 
C 2 HOH 74  162 162 HOH HOH A . 
C 2 HOH 75  163 163 HOH HOH A . 
C 2 HOH 76  164 75  HOH HOH A . 
C 2 HOH 77  165 165 HOH HOH A . 
C 2 HOH 78  166 76  HOH HOH A . 
C 2 HOH 79  167 167 HOH HOH A . 
C 2 HOH 80  168 168 HOH HOH A . 
C 2 HOH 81  169 169 HOH HOH A . 
C 2 HOH 82  170 170 HOH HOH A . 
C 2 HOH 83  171 78  HOH HOH A . 
C 2 HOH 84  172 172 HOH HOH A . 
C 2 HOH 85  173 80  HOH HOH A . 
C 2 HOH 86  174 174 HOH HOH A . 
C 2 HOH 87  175 84  HOH HOH A . 
C 2 HOH 88  176 176 HOH HOH A . 
C 2 HOH 89  177 177 HOH HOH A . 
C 2 HOH 90  178 178 HOH HOH A . 
C 2 HOH 91  179 179 HOH HOH A . 
C 2 HOH 92  180 85  HOH HOH A . 
C 2 HOH 93  181 181 HOH HOH A . 
C 2 HOH 94  182 86  HOH HOH A . 
C 2 HOH 95  183 88  HOH HOH A . 
C 2 HOH 96  184 142 HOH HOH A . 
C 2 HOH 97  185 185 HOH HOH A . 
C 2 HOH 98  186 186 HOH HOH A . 
C 2 HOH 99  187 187 HOH HOH A . 
C 2 HOH 100 188 188 HOH HOH A . 
C 2 HOH 101 189 159 HOH HOH A . 
C 2 HOH 102 190 173 HOH HOH A . 
C 2 HOH 103 191 191 HOH HOH A . 
C 2 HOH 104 194 194 HOH HOH A . 
C 2 HOH 105 196 196 HOH HOH A . 
C 2 HOH 106 197 197 HOH HOH A . 
D 2 HOH 1   89  1   HOH HOH B . 
D 2 HOH 2   90  2   HOH HOH B . 
D 2 HOH 3   91  91  HOH HOH B . 
D 2 HOH 4   92  3   HOH HOH B . 
D 2 HOH 5   93  9   HOH HOH B . 
D 2 HOH 6   94  10  HOH HOH B . 
D 2 HOH 7   95  13  HOH HOH B . 
D 2 HOH 8   96  96  HOH HOH B . 
D 2 HOH 9   97  15  HOH HOH B . 
D 2 HOH 10  98  98  HOH HOH B . 
D 2 HOH 11  99  16  HOH HOH B . 
D 2 HOH 12  100 100 HOH HOH B . 
D 2 HOH 13  101 101 HOH HOH B . 
D 2 HOH 14  102 17  HOH HOH B . 
D 2 HOH 15  103 103 HOH HOH B . 
D 2 HOH 16  104 18  HOH HOH B . 
D 2 HOH 17  105 105 HOH HOH B . 
D 2 HOH 18  106 106 HOH HOH B . 
D 2 HOH 19  107 19  HOH HOH B . 
D 2 HOH 20  108 20  HOH HOH B . 
D 2 HOH 21  109 21  HOH HOH B . 
D 2 HOH 22  110 110 HOH HOH B . 
D 2 HOH 23  111 25  HOH HOH B . 
D 2 HOH 24  112 26  HOH HOH B . 
D 2 HOH 25  113 113 HOH HOH B . 
D 2 HOH 26  114 28  HOH HOH B . 
D 2 HOH 27  115 30  HOH HOH B . 
D 2 HOH 28  116 116 HOH HOH B . 
D 2 HOH 29  117 31  HOH HOH B . 
D 2 HOH 30  118 34  HOH HOH B . 
D 2 HOH 31  119 119 HOH HOH B . 
D 2 HOH 32  120 120 HOH HOH B . 
D 2 HOH 33  121 36  HOH HOH B . 
D 2 HOH 34  122 37  HOH HOH B . 
D 2 HOH 35  123 38  HOH HOH B . 
D 2 HOH 36  124 124 HOH HOH B . 
D 2 HOH 37  125 125 HOH HOH B . 
D 2 HOH 38  126 126 HOH HOH B . 
D 2 HOH 39  127 127 HOH HOH B . 
D 2 HOH 40  128 39  HOH HOH B . 
D 2 HOH 41  129 129 HOH HOH B . 
D 2 HOH 42  130 130 HOH HOH B . 
D 2 HOH 43  131 131 HOH HOH B . 
D 2 HOH 44  132 132 HOH HOH B . 
D 2 HOH 45  133 40  HOH HOH B . 
D 2 HOH 46  134 41  HOH HOH B . 
D 2 HOH 47  135 44  HOH HOH B . 
D 2 HOH 48  136 45  HOH HOH B . 
D 2 HOH 49  137 46  HOH HOH B . 
D 2 HOH 50  138 47  HOH HOH B . 
D 2 HOH 51  139 139 HOH HOH B . 
D 2 HOH 52  140 140 HOH HOH B . 
D 2 HOH 53  141 141 HOH HOH B . 
D 2 HOH 54  143 51  HOH HOH B . 
D 2 HOH 55  144 144 HOH HOH B . 
D 2 HOH 56  145 145 HOH HOH B . 
D 2 HOH 57  146 55  HOH HOH B . 
D 2 HOH 58  147 147 HOH HOH B . 
D 2 HOH 59  148 148 HOH HOH B . 
D 2 HOH 60  149 58  HOH HOH B . 
D 2 HOH 61  150 150 HOH HOH B . 
D 2 HOH 62  151 59  HOH HOH B . 
D 2 HOH 63  152 152 HOH HOH B . 
D 2 HOH 64  153 60  HOH HOH B . 
D 2 HOH 65  154 61  HOH HOH B . 
D 2 HOH 66  155 63  HOH HOH B . 
D 2 HOH 67  156 64  HOH HOH B . 
D 2 HOH 68  157 157 HOH HOH B . 
D 2 HOH 69  158 158 HOH HOH B . 
D 2 HOH 70  160 160 HOH HOH B . 
D 2 HOH 71  161 67  HOH HOH B . 
D 2 HOH 72  162 70  HOH HOH B . 
D 2 HOH 73  163 77  HOH HOH B . 
D 2 HOH 74  164 164 HOH HOH B . 
D 2 HOH 75  165 79  HOH HOH B . 
D 2 HOH 76  166 166 HOH HOH B . 
D 2 HOH 77  167 81  HOH HOH B . 
D 2 HOH 78  168 82  HOH HOH B . 
D 2 HOH 79  169 83  HOH HOH B . 
D 2 HOH 80  170 87  HOH HOH B . 
D 2 HOH 81  171 171 HOH HOH B . 
D 2 HOH 82  175 175 HOH HOH B . 
D 2 HOH 83  180 180 HOH HOH B . 
D 2 HOH 84  182 182 HOH HOH B . 
D 2 HOH 85  183 183 HOH HOH B . 
D 2 HOH 86  184 184 HOH HOH B . 
D 2 HOH 87  189 189 HOH HOH B . 
D 2 HOH 88  190 190 HOH HOH B . 
D 2 HOH 89  192 192 HOH HOH B . 
D 2 HOH 90  193 193 HOH HOH B . 
D 2 HOH 91  195 195 HOH HOH B . 
D 2 HOH 92  198 198 HOH HOH B . 
# 
loop_
_software.name 
_software.classification 
_software.version 
_software.citation_id 
_software.pdbx_ordinal 
SBC-Collect 'data collection' .        ? 1 
HKL-3000    phasing           .        ? 2 
REFMAC      refinement        5.5.0054 ? 3 
HKL-2000    'data reduction'  .        ? 4 
HKL-2000    'data scaling'    .        ? 5 
# 
_cell.entry_id           3FB9 
_cell.length_a           46.609 
_cell.length_b           53.118 
_cell.length_c           72.036 
_cell.angle_alpha        90.00 
_cell.angle_beta         90.00 
_cell.angle_gamma        90.00 
_cell.Z_PDB              8 
_cell.pdbx_unique_axis   ? 
_cell.length_a_esd       ? 
_cell.length_b_esd       ? 
_cell.length_c_esd       ? 
_cell.angle_alpha_esd    ? 
_cell.angle_beta_esd     ? 
_cell.angle_gamma_esd    ? 
# 
_symmetry.entry_id                         3FB9 
_symmetry.space_group_name_H-M             'P 21 21 21' 
_symmetry.pdbx_full_space_group_name_H-M   ? 
_symmetry.cell_setting                     ? 
_symmetry.Int_Tables_number                19 
_symmetry.space_group_name_Hall            ? 
# 
_exptl.entry_id          3FB9 
_exptl.method            'X-RAY DIFFRACTION' 
_exptl.crystals_number   1 
# 
_exptl_crystal.id                    1 
_exptl_crystal.density_meas          ? 
_exptl_crystal.density_Matthews      2.14 
_exptl_crystal.density_percent_sol   42.55 
_exptl_crystal.description           ? 
_exptl_crystal.F_000                 ? 
_exptl_crystal.preparation           ? 
# 
_exptl_crystal_grow.crystal_id      1 
_exptl_crystal_grow.method          'VAPOR DIFFUSION, SITTING DROP' 
_exptl_crystal_grow.temp            289 
_exptl_crystal_grow.temp_details    ? 
_exptl_crystal_grow.pH              7.5 
_exptl_crystal_grow.pdbx_details    '0.2M NaCl, 0.1M Tris, 25%PEG3350, pH 7.5, VAPOR DIFFUSION, SITTING DROP, temperature 289K' 
_exptl_crystal_grow.pdbx_pH_range   ? 
# 
_diffrn.id                     1 
_diffrn.ambient_temp           100 
_diffrn.ambient_temp_details   ? 
_diffrn.crystal_id             1 
# 
_diffrn_detector.diffrn_id              1 
_diffrn_detector.detector               CCD 
_diffrn_detector.type                   'ADSC QUANTUM 315' 
_diffrn_detector.pdbx_collection_date   2007-10-03 
_diffrn_detector.details                mirrors 
# 
_diffrn_radiation.diffrn_id                        1 
_diffrn_radiation.wavelength_id                    1 
_diffrn_radiation.pdbx_monochromatic_or_laue_m_l   M 
_diffrn_radiation.monochromator                    'Si channel 111' 
_diffrn_radiation.pdbx_diffrn_protocol             'SINGLE WAVELENGTH' 
_diffrn_radiation.pdbx_scattering_type             x-ray 
# 
_diffrn_radiation_wavelength.id           1 
_diffrn_radiation_wavelength.wavelength   0.9794 
_diffrn_radiation_wavelength.wt           1.0 
# 
_diffrn_source.diffrn_id                   1 
_diffrn_source.source                      SYNCHROTRON 
_diffrn_source.type                        'APS BEAMLINE 19-ID' 
_diffrn_source.pdbx_synchrotron_site       APS 
_diffrn_source.pdbx_synchrotron_beamline   19-ID 
_diffrn_source.pdbx_wavelength             ? 
_diffrn_source.pdbx_wavelength_list        0.9794 
# 
_reflns.entry_id                     3FB9 
_reflns.observed_criterion_sigma_I   2.0 
_reflns.observed_criterion_sigma_F   2.0 
_reflns.d_resolution_low             42.76 
_reflns.d_resolution_high            1.8 
_reflns.number_obs                   16247 
_reflns.number_all                   16314 
_reflns.percent_possible_obs         99.59 
_reflns.pdbx_Rmerge_I_obs            0.085 
_reflns.pdbx_Rsym_value              ? 
_reflns.pdbx_netI_over_sigmaI        29.64 
_reflns.B_iso_Wilson_estimate        13.0 
_reflns.pdbx_redundancy              9.4 
_reflns.R_free_details               ? 
_reflns.limit_h_max                  ? 
_reflns.limit_h_min                  ? 
_reflns.limit_k_max                  ? 
_reflns.limit_k_min                  ? 
_reflns.limit_l_max                  ? 
_reflns.limit_l_min                  ? 
_reflns.observed_criterion_F_max     ? 
_reflns.observed_criterion_F_min     ? 
_reflns.pdbx_chi_squared             ? 
_reflns.pdbx_scaling_rejects         ? 
_reflns.pdbx_ordinal                 1 
_reflns.pdbx_diffrn_id               1 
# 
_reflns_shell.d_res_high             1.8 
_reflns_shell.d_res_low              1.846 
_reflns_shell.percent_possible_all   97.20 
_reflns_shell.Rmerge_I_obs           0.238 
_reflns_shell.pdbx_Rsym_value        ? 
_reflns_shell.meanI_over_sigI_obs    8.14 
_reflns_shell.pdbx_redundancy        8.9 
_reflns_shell.percent_possible_obs   ? 
_reflns_shell.number_unique_all      1248 
_reflns_shell.number_measured_all    ? 
_reflns_shell.number_measured_obs    ? 
_reflns_shell.number_unique_obs      ? 
_reflns_shell.pdbx_chi_squared       ? 
_reflns_shell.pdbx_ordinal           1 
_reflns_shell.pdbx_diffrn_id         1 
# 
_refine.entry_id                                 3FB9 
_refine.ls_number_reflns_obs                     16247 
_refine.ls_number_reflns_all                     16314 
_refine.pdbx_ls_sigma_I                          0 
_refine.pdbx_ls_sigma_F                          0 
_refine.pdbx_data_cutoff_high_absF               ? 
_refine.pdbx_data_cutoff_low_absF                ? 
_refine.pdbx_data_cutoff_high_rms_absF           ? 
_refine.ls_d_res_low                             42.76 
_refine.ls_d_res_high                            1.80 
_refine.ls_percent_reflns_obs                    99.59 
_refine.ls_R_factor_obs                          0.19297 
_refine.ls_R_factor_all                          ? 
_refine.ls_R_factor_R_work                       0.19073 
_refine.ls_R_factor_R_free                       0.23436 
_refine.ls_R_factor_R_free_error                 ? 
_refine.ls_R_factor_R_free_error_details         ? 
_refine.ls_percent_reflns_R_free                 5.1 
_refine.ls_number_reflns_R_free                  868 
_refine.ls_number_parameters                     ? 
_refine.ls_number_restraints                     ? 
_refine.occupancy_min                            ? 
_refine.occupancy_max                            ? 
_refine.correlation_coeff_Fo_to_Fc               0.952 
_refine.correlation_coeff_Fo_to_Fc_free          0.939 
_refine.B_iso_mean                               12.274 
_refine.aniso_B[1][1]                            -1.18 
_refine.aniso_B[2][2]                            1.77 
_refine.aniso_B[3][3]                            -0.59 
_refine.aniso_B[1][2]                            0.00 
_refine.aniso_B[1][3]                            0.00 
_refine.aniso_B[2][3]                            0.00 
_refine.solvent_model_details                    MASK 
_refine.solvent_model_param_ksol                 ? 
_refine.solvent_model_param_bsol                 ? 
_refine.pdbx_solvent_vdw_probe_radii             1.20 
_refine.pdbx_solvent_ion_probe_radii             0.80 
_refine.pdbx_solvent_shrinkage_radii             0.80 
_refine.pdbx_ls_cross_valid_method               THROUGHOUT 
_refine.details                                  'HYDROGENS HAVE BEEN ADDED IN THE RIDING POSITIONS' 
_refine.pdbx_starting_model                      ? 
_refine.pdbx_method_to_determine_struct          SAD 
_refine.pdbx_isotropic_thermal_model             ? 
_refine.pdbx_stereochemistry_target_values       'MAXIMUM LIKELIHOOD WITH PHASES' 
_refine.pdbx_stereochem_target_val_spec_case     ? 
_refine.pdbx_R_Free_selection_details            RANDOM 
_refine.pdbx_overall_ESU_R                       0.141 
_refine.pdbx_overall_ESU_R_Free                  0.135 
_refine.overall_SU_ML                            0.081 
_refine.overall_SU_B                             5.635 
_refine.ls_redundancy_reflns_obs                 ? 
_refine.B_iso_min                                ? 
_refine.B_iso_max                                ? 
_refine.overall_SU_R_Cruickshank_DPI             ? 
_refine.overall_SU_R_free                        ? 
_refine.ls_wR_factor_R_free                      ? 
_refine.ls_wR_factor_R_work                      ? 
_refine.overall_FOM_free_R_set                   ? 
_refine.overall_FOM_work_R_set                   ? 
_refine.pdbx_overall_phase_error                 ? 
_refine.pdbx_refine_id                           'X-RAY DIFFRACTION' 
_refine.pdbx_TLS_residual_ADP_flag               'LIKELY RESIDUAL' 
_refine.pdbx_diffrn_id                           1 
_refine.pdbx_overall_SU_R_free_Cruickshank_DPI   ? 
_refine.pdbx_overall_SU_R_Blow_DPI               ? 
_refine.pdbx_overall_SU_R_free_Blow_DPI          ? 
# 
_refine_hist.pdbx_refine_id                   'X-RAY DIFFRACTION' 
_refine_hist.cycle_id                         LAST 
_refine_hist.pdbx_number_atoms_protein        1399 
_refine_hist.pdbx_number_atoms_nucleic_acid   0 
_refine_hist.pdbx_number_atoms_ligand         0 
_refine_hist.number_atoms_solvent             198 
_refine_hist.number_atoms_total               1597 
_refine_hist.d_res_high                       1.80 
_refine_hist.d_res_low                        42.76 
# 
loop_
_refine_ls_restr.type 
_refine_ls_restr.dev_ideal 
_refine_ls_restr.dev_ideal_target 
_refine_ls_restr.weight 
_refine_ls_restr.number 
_refine_ls_restr.pdbx_refine_id 
_refine_ls_restr.pdbx_restraint_function 
r_bond_refined_d       0.020  0.022  ? 1418 'X-RAY DIFFRACTION' ? 
r_bond_other_d         0.001  0.020  ? 967  'X-RAY DIFFRACTION' ? 
r_angle_refined_deg    1.562  1.971  ? 1900 'X-RAY DIFFRACTION' ? 
r_angle_other_deg      0.905  3.000  ? 2381 'X-RAY DIFFRACTION' ? 
r_dihedral_angle_1_deg 5.883  5.000  ? 170  'X-RAY DIFFRACTION' ? 
r_dihedral_angle_2_deg 36.411 25.942 ? 69   'X-RAY DIFFRACTION' ? 
r_dihedral_angle_3_deg 14.323 15.000 ? 283  'X-RAY DIFFRACTION' ? 
r_dihedral_angle_4_deg 12.390 15.000 ? 4    'X-RAY DIFFRACTION' ? 
r_chiral_restr         0.097  0.200  ? 214  'X-RAY DIFFRACTION' ? 
r_gen_planes_refined   0.008  0.020  ? 1536 'X-RAY DIFFRACTION' ? 
r_gen_planes_other     0.001  0.020  ? 264  'X-RAY DIFFRACTION' ? 
r_mcbond_it            1.217  1.500  ? 853  'X-RAY DIFFRACTION' ? 
r_mcbond_other         0.366  1.500  ? 353  'X-RAY DIFFRACTION' ? 
r_mcangle_it           2.286  2.000  ? 1380 'X-RAY DIFFRACTION' ? 
r_scbond_it            3.581  3.000  ? 565  'X-RAY DIFFRACTION' ? 
r_scangle_it           5.760  4.500  ? 520  'X-RAY DIFFRACTION' ? 
# 
_refine_ls_shell.pdbx_total_number_of_bins_used   20 
_refine_ls_shell.d_res_high                       1.799 
_refine_ls_shell.d_res_low                        1.846 
_refine_ls_shell.number_reflns_R_work             1159 
_refine_ls_shell.R_factor_R_work                  0.208 
_refine_ls_shell.percent_reflns_obs               97.20 
_refine_ls_shell.R_factor_R_free                  0.252 
_refine_ls_shell.R_factor_R_free_error            ? 
_refine_ls_shell.percent_reflns_R_free            ? 
_refine_ls_shell.number_reflns_R_free             54 
_refine_ls_shell.number_reflns_all                ? 
_refine_ls_shell.R_factor_all                     ? 
_refine_ls_shell.number_reflns_obs                1213 
_refine_ls_shell.redundancy_reflns_obs            ? 
_refine_ls_shell.pdbx_refine_id                   'X-RAY DIFFRACTION' 
# 
_struct.entry_id                  3FB9 
_struct.title                     'The crystal structure of the protein with unknown function from Streptococcus pneumoniae TIGR4' 
_struct.pdbx_model_details        ? 
_struct.pdbx_CASP_flag            ? 
_struct.pdbx_model_type_details   ? 
# 
_struct_keywords.entry_id        3FB9 
_struct_keywords.pdbx_keywords   'structural genomics, unknown function' 
_struct_keywords.text            
'Unknown function, structural genomics, MCSG, PSI2, Protein Structure Initiative, Midwest Center for Structural Genomics' 
# 
loop_
_struct_asym.id 
_struct_asym.pdbx_blank_PDB_chainid_flag 
_struct_asym.pdbx_modified 
_struct_asym.entity_id 
_struct_asym.details 
A N N 1 ? 
B N N 1 ? 
C N N 2 ? 
D N N 2 ? 
# 
_struct_ref.id                         1 
_struct_ref.db_name                    UNP 
_struct_ref.db_code                    Q97N65_STRPN 
_struct_ref.pdbx_db_accession          Q97N65 
_struct_ref.entity_id                  1 
_struct_ref.pdbx_seq_one_letter_code   
;MSDAFTDVAKMKKIKEEIKAHEGQVVEMTLENGRKRQKNRLGKLIEVYPSLFIVEFGDVEGDKQVNVYVESFTYSDILTE
KNLIHYLD
;
_struct_ref.pdbx_align_begin           1 
_struct_ref.pdbx_db_isoform            ? 
# 
loop_
_struct_ref_seq.align_id 
_struct_ref_seq.ref_id 
_struct_ref_seq.pdbx_PDB_id_code 
_struct_ref_seq.pdbx_strand_id 
_struct_ref_seq.seq_align_beg 
_struct_ref_seq.pdbx_seq_align_beg_ins_code 
_struct_ref_seq.seq_align_end 
_struct_ref_seq.pdbx_seq_align_end_ins_code 
_struct_ref_seq.pdbx_db_accession 
_struct_ref_seq.db_align_beg 
_struct_ref_seq.pdbx_db_align_beg_ins_code 
_struct_ref_seq.db_align_end 
_struct_ref_seq.pdbx_db_align_end_ins_code 
_struct_ref_seq.pdbx_auth_seq_align_beg 
_struct_ref_seq.pdbx_auth_seq_align_end 
1 1 3FB9 A 3 ? 90 ? Q97N65 1 ? 88 ? 1 88 
2 1 3FB9 B 3 ? 90 ? Q97N65 1 ? 88 ? 1 88 
# 
loop_
_struct_ref_seq_dif.align_id 
_struct_ref_seq_dif.pdbx_pdb_id_code 
_struct_ref_seq_dif.mon_id 
_struct_ref_seq_dif.pdbx_pdb_strand_id 
_struct_ref_seq_dif.seq_num 
_struct_ref_seq_dif.pdbx_pdb_ins_code 
_struct_ref_seq_dif.pdbx_seq_db_name 
_struct_ref_seq_dif.pdbx_seq_db_accession_code 
_struct_ref_seq_dif.db_mon_id 
_struct_ref_seq_dif.pdbx_seq_db_seq_num 
_struct_ref_seq_dif.details 
_struct_ref_seq_dif.pdbx_auth_seq_num 
_struct_ref_seq_dif.pdbx_ordinal 
1 3FB9 GLN A 1 ? UNP Q97N65 ? ? 'expression tag' -1 1 
1 3FB9 GLY A 2 ? UNP Q97N65 ? ? 'expression tag' 0  2 
2 3FB9 GLN B 1 ? UNP Q97N65 ? ? 'expression tag' -1 3 
2 3FB9 GLY B 2 ? UNP Q97N65 ? ? 'expression tag' 0  4 
# 
_pdbx_struct_assembly.id                   1 
_pdbx_struct_assembly.details              author_defined_assembly 
_pdbx_struct_assembly.method_details       ? 
_pdbx_struct_assembly.oligomeric_details   dimeric 
_pdbx_struct_assembly.oligomeric_count     2 
# 
_pdbx_struct_assembly_gen.assembly_id       1 
_pdbx_struct_assembly_gen.oper_expression   1 
_pdbx_struct_assembly_gen.asym_id_list      A,B,C,D 
# 
_pdbx_struct_oper_list.id                   1 
_pdbx_struct_oper_list.type                 'identity operation' 
_pdbx_struct_oper_list.name                 1_555 
_pdbx_struct_oper_list.symmetry_operation   x,y,z 
_pdbx_struct_oper_list.matrix[1][1]         1.0000000000 
_pdbx_struct_oper_list.matrix[1][2]         0.0000000000 
_pdbx_struct_oper_list.matrix[1][3]         0.0000000000 
_pdbx_struct_oper_list.vector[1]            0.0000000000 
_pdbx_struct_oper_list.matrix[2][1]         0.0000000000 
_pdbx_struct_oper_list.matrix[2][2]         1.0000000000 
_pdbx_struct_oper_list.matrix[2][3]         0.0000000000 
_pdbx_struct_oper_list.vector[2]            0.0000000000 
_pdbx_struct_oper_list.matrix[3][1]         0.0000000000 
_pdbx_struct_oper_list.matrix[3][2]         0.0000000000 
_pdbx_struct_oper_list.matrix[3][3]         1.0000000000 
_pdbx_struct_oper_list.vector[3]            0.0000000000 
# 
_struct_biol.id   1 
# 
loop_
_struct_conf.conf_type_id 
_struct_conf.id 
_struct_conf.pdbx_PDB_helix_id 
_struct_conf.beg_label_comp_id 
_struct_conf.beg_label_asym_id 
_struct_conf.beg_label_seq_id 
_struct_conf.pdbx_beg_PDB_ins_code 
_struct_conf.end_label_comp_id 
_struct_conf.end_label_asym_id 
_struct_conf.end_label_seq_id 
_struct_conf.pdbx_end_PDB_ins_code 
_struct_conf.beg_auth_comp_id 
_struct_conf.beg_auth_asym_id 
_struct_conf.beg_auth_seq_id 
_struct_conf.end_auth_comp_id 
_struct_conf.end_auth_asym_id 
_struct_conf.end_auth_seq_id 
_struct_conf.pdbx_PDB_helix_class 
_struct_conf.details 
_struct_conf.pdbx_PDB_helix_length 
HELX_P HELX_P1 1 SER A 4  ? PHE A 7  ? SER A 2  PHE A 5  5 ? 4  
HELX_P HELX_P2 2 THR A 8  ? HIS A 23 ? THR A 6  HIS A 21 1 ? 16 
HELX_P HELX_P3 3 TYR A 76 ? THR A 81 ? TYR A 74 THR A 79 1 ? 6  
HELX_P HELX_P4 4 SER B 4  ? PHE B 7  ? SER B 2  PHE B 5  5 ? 4  
HELX_P HELX_P5 5 THR B 8  ? HIS B 23 ? THR B 6  HIS B 21 1 ? 16 
HELX_P HELX_P6 6 THR B 75 ? THR B 81 ? THR B 73 THR B 79 1 ? 7  
# 
_struct_conf_type.id          HELX_P 
_struct_conf_type.criteria    ? 
_struct_conf_type.reference   ? 
# 
loop_
_struct_sheet.id 
_struct_sheet.type 
_struct_sheet.number_strands 
_struct_sheet.details 
A ? 5 ? 
B ? 5 ? 
# 
loop_
_struct_sheet_order.sheet_id 
_struct_sheet_order.range_id_1 
_struct_sheet_order.range_id_2 
_struct_sheet_order.offset 
_struct_sheet_order.sense 
A 1 2 ? anti-parallel 
A 2 3 ? anti-parallel 
A 3 4 ? anti-parallel 
A 4 5 ? anti-parallel 
B 1 2 ? anti-parallel 
B 2 3 ? anti-parallel 
B 3 4 ? anti-parallel 
B 4 5 ? anti-parallel 
# 
loop_
_struct_sheet_range.sheet_id 
_struct_sheet_range.id 
_struct_sheet_range.beg_label_comp_id 
_struct_sheet_range.beg_label_asym_id 
_struct_sheet_range.beg_label_seq_id 
_struct_sheet_range.pdbx_beg_PDB_ins_code 
_struct_sheet_range.end_label_comp_id 
_struct_sheet_range.end_label_asym_id 
_struct_sheet_range.end_label_seq_id 
_struct_sheet_range.pdbx_end_PDB_ins_code 
_struct_sheet_range.beg_auth_comp_id 
_struct_sheet_range.beg_auth_asym_id 
_struct_sheet_range.beg_auth_seq_id 
_struct_sheet_range.end_auth_comp_id 
_struct_sheet_range.end_auth_asym_id 
_struct_sheet_range.end_auth_seq_id 
A 1 TYR A 70 ? THR A 75 ? TYR A 68 THR A 73 
A 2 LEU A 53 ? PHE A 58 ? LEU A 51 PHE A 56 
A 3 ARG A 42 ? VAL A 49 ? ARG A 40 VAL A 47 
A 4 VAL A 27 ? LEU A 32 ? VAL A 25 LEU A 30 
A 5 ASN A 84 ? TYR A 88 ? ASN A 82 TYR A 86 
B 1 TYR B 70 ? PHE B 74 ? TYR B 68 PHE B 72 
B 2 PHE B 54 ? PHE B 58 ? PHE B 52 PHE B 56 
B 3 ARG B 42 ? VAL B 49 ? ARG B 40 VAL B 47 
B 4 VAL B 27 ? MET B 30 ? VAL B 25 MET B 28 
B 5 ILE B 86 ? TYR B 88 ? ILE B 84 TYR B 86 
# 
loop_
_pdbx_struct_sheet_hbond.sheet_id 
_pdbx_struct_sheet_hbond.range_id_1 
_pdbx_struct_sheet_hbond.range_id_2 
_pdbx_struct_sheet_hbond.range_1_label_atom_id 
_pdbx_struct_sheet_hbond.range_1_label_comp_id 
_pdbx_struct_sheet_hbond.range_1_label_asym_id 
_pdbx_struct_sheet_hbond.range_1_label_seq_id 
_pdbx_struct_sheet_hbond.range_1_PDB_ins_code 
_pdbx_struct_sheet_hbond.range_1_auth_atom_id 
_pdbx_struct_sheet_hbond.range_1_auth_comp_id 
_pdbx_struct_sheet_hbond.range_1_auth_asym_id 
_pdbx_struct_sheet_hbond.range_1_auth_seq_id 
_pdbx_struct_sheet_hbond.range_2_label_atom_id 
_pdbx_struct_sheet_hbond.range_2_label_comp_id 
_pdbx_struct_sheet_hbond.range_2_label_asym_id 
_pdbx_struct_sheet_hbond.range_2_label_seq_id 
_pdbx_struct_sheet_hbond.range_2_PDB_ins_code 
_pdbx_struct_sheet_hbond.range_2_auth_atom_id 
_pdbx_struct_sheet_hbond.range_2_auth_comp_id 
_pdbx_struct_sheet_hbond.range_2_auth_asym_id 
_pdbx_struct_sheet_hbond.range_2_auth_seq_id 
A 1 2 O TYR A 70 ? O TYR A 68 N PHE A 58 ? N PHE A 56 
A 2 3 O GLU A 57 ? O GLU A 55 N LYS A 45 ? N LYS A 43 
A 3 4 O GLY A 44 ? O GLY A 42 N VAL A 28 ? N VAL A 26 
A 4 5 N THR A 31 ? N THR A 29 O LEU A 85 ? O LEU A 83 
B 1 2 O TYR B 70 ? O TYR B 68 N PHE B 58 ? N PHE B 56 
B 2 3 O ILE B 55 ? O ILE B 53 N GLU B 48 ? N GLU B 46 
B 3 4 O GLY B 44 ? O GLY B 42 N VAL B 28 ? N VAL B 26 
B 4 5 N GLU B 29 ? N GLU B 27 O HIS B 87 ? O HIS B 85 
# 
_pdbx_validate_close_contact.id               1 
_pdbx_validate_close_contact.PDB_model_num    1 
_pdbx_validate_close_contact.auth_atom_id_1   O 
_pdbx_validate_close_contact.auth_asym_id_1   A 
_pdbx_validate_close_contact.auth_comp_id_1   HOH 
_pdbx_validate_close_contact.auth_seq_id_1    170 
_pdbx_validate_close_contact.PDB_ins_code_1   ? 
_pdbx_validate_close_contact.label_alt_id_1   ? 
_pdbx_validate_close_contact.auth_atom_id_2   O 
_pdbx_validate_close_contact.auth_asym_id_2   A 
_pdbx_validate_close_contact.auth_comp_id_2   HOH 
_pdbx_validate_close_contact.auth_seq_id_2    181 
_pdbx_validate_close_contact.PDB_ins_code_2   ? 
_pdbx_validate_close_contact.label_alt_id_2   ? 
_pdbx_validate_close_contact.dist             2.05 
# 
_pdbx_validate_symm_contact.id                1 
_pdbx_validate_symm_contact.PDB_model_num     1 
_pdbx_validate_symm_contact.auth_atom_id_1    O 
_pdbx_validate_symm_contact.auth_asym_id_1    A 
_pdbx_validate_symm_contact.auth_comp_id_1    HOH 
_pdbx_validate_symm_contact.auth_seq_id_1     191 
_pdbx_validate_symm_contact.PDB_ins_code_1    ? 
_pdbx_validate_symm_contact.label_alt_id_1    ? 
_pdbx_validate_symm_contact.site_symmetry_1   1_555 
_pdbx_validate_symm_contact.auth_atom_id_2    O 
_pdbx_validate_symm_contact.auth_asym_id_2    B 
_pdbx_validate_symm_contact.auth_comp_id_2    HOH 
_pdbx_validate_symm_contact.auth_seq_id_2     192 
_pdbx_validate_symm_contact.PDB_ins_code_2    ? 
_pdbx_validate_symm_contact.label_alt_id_2    ? 
_pdbx_validate_symm_contact.site_symmetry_2   1_655 
_pdbx_validate_symm_contact.dist              2.10 
# 
loop_
_pdbx_validate_torsion.id 
_pdbx_validate_torsion.PDB_model_num 
_pdbx_validate_torsion.auth_comp_id 
_pdbx_validate_torsion.auth_asym_id 
_pdbx_validate_torsion.auth_seq_id 
_pdbx_validate_torsion.PDB_ins_code 
_pdbx_validate_torsion.label_alt_id 
_pdbx_validate_torsion.phi 
_pdbx_validate_torsion.psi 
1 1 ASN A 32 ? ? -162.52 -96.46 
2 1 ASP B 62 ? ? -142.31 40.60  
# 
_pdbx_SG_project.id                    1 
_pdbx_SG_project.project_name          'PSI, Protein Structure Initiative' 
_pdbx_SG_project.full_name_of_center   'Midwest Center for Structural Genomics' 
_pdbx_SG_project.initial_of_center     MCSG 
# 
_pdbx_refine_tls.pdbx_refine_id   'X-RAY DIFFRACTION' 
_pdbx_refine_tls.id               1 
_pdbx_refine_tls.details          ? 
_pdbx_refine_tls.method           refined 
_pdbx_refine_tls.origin_x         0.1566 
_pdbx_refine_tls.origin_y         0.1075 
_pdbx_refine_tls.origin_z         -0.0382 
_pdbx_refine_tls.T[1][1]          0.0764 
_pdbx_refine_tls.T[2][2]          0.0640 
_pdbx_refine_tls.T[3][3]          0.0847 
_pdbx_refine_tls.T[1][2]          -0.0030 
_pdbx_refine_tls.T[1][3]          0.0047 
_pdbx_refine_tls.T[2][3]          -0.0028 
_pdbx_refine_tls.L[1][1]          1.5134 
_pdbx_refine_tls.L[2][2]          0.1168 
_pdbx_refine_tls.L[3][3]          0.0948 
_pdbx_refine_tls.L[1][2]          0.2901 
_pdbx_refine_tls.L[1][3]          0.1946 
_pdbx_refine_tls.L[2][3]          0.0636 
_pdbx_refine_tls.S[1][1]          0.0098 
_pdbx_refine_tls.S[2][2]          -0.0240 
_pdbx_refine_tls.S[3][3]          0.0143 
_pdbx_refine_tls.S[1][2]          0.1080 
_pdbx_refine_tls.S[1][3]          -0.0559 
_pdbx_refine_tls.S[2][3]          -0.0097 
_pdbx_refine_tls.S[2][1]          0.0413 
_pdbx_refine_tls.S[3][1]          0.0219 
_pdbx_refine_tls.S[3][2]          -0.0042 
# 
loop_
_pdbx_refine_tls_group.pdbx_refine_id 
_pdbx_refine_tls_group.id 
_pdbx_refine_tls_group.refine_tls_id 
_pdbx_refine_tls_group.beg_auth_asym_id 
_pdbx_refine_tls_group.beg_auth_seq_id 
_pdbx_refine_tls_group.end_auth_asym_id 
_pdbx_refine_tls_group.end_auth_seq_id 
_pdbx_refine_tls_group.selection_details 
_pdbx_refine_tls_group.beg_label_asym_id 
_pdbx_refine_tls_group.beg_label_seq_id 
_pdbx_refine_tls_group.end_label_asym_id 
_pdbx_refine_tls_group.end_label_seq_id 
_pdbx_refine_tls_group.selection 
'X-RAY DIFFRACTION' 1 1 A 0  A 88 ? . . . . ? 
'X-RAY DIFFRACTION' 2 1 B -1 B 31 ? . . . . ? 
'X-RAY DIFFRACTION' 3 1 B 38 B 88 ? . . . . ? 
# 
loop_
_pdbx_unobs_or_zero_occ_residues.id 
_pdbx_unobs_or_zero_occ_residues.PDB_model_num 
_pdbx_unobs_or_zero_occ_residues.polymer_flag 
_pdbx_unobs_or_zero_occ_residues.occupancy_flag 
_pdbx_unobs_or_zero_occ_residues.auth_asym_id 
_pdbx_unobs_or_zero_occ_residues.auth_comp_id 
_pdbx_unobs_or_zero_occ_residues.auth_seq_id 
_pdbx_unobs_or_zero_occ_residues.PDB_ins_code 
_pdbx_unobs_or_zero_occ_residues.label_asym_id 
_pdbx_unobs_or_zero_occ_residues.label_comp_id 
_pdbx_unobs_or_zero_occ_residues.label_seq_id 
1 1 Y 1 A GLN -1 ? A GLN 1  
2 1 Y 1 B ASN 32 ? B ASN 34 
3 1 Y 1 B GLY 33 ? B GLY 35 
4 1 Y 1 B ARG 34 ? B ARG 36 
5 1 Y 1 B LYS 35 ? B LYS 37 
6 1 Y 1 B ARG 36 ? B ARG 38 
7 1 Y 1 B GLN 37 ? B GLN 39 
# 
loop_
_chem_comp_atom.comp_id 
_chem_comp_atom.atom_id 
_chem_comp_atom.type_symbol 
_chem_comp_atom.pdbx_aromatic_flag 
_chem_comp_atom.pdbx_stereo_config 
_chem_comp_atom.pdbx_ordinal 
ALA N    N N N 1   
ALA CA   C N S 2   
ALA C    C N N 3   
ALA O    O N N 4   
ALA CB   C N N 5   
ALA OXT  O N N 6   
ALA H    H N N 7   
ALA H2   H N N 8   
ALA HA   H N N 9   
ALA HB1  H N N 10  
ALA HB2  H N N 11  
ALA HB3  H N N 12  
ALA HXT  H N N 13  
ARG N    N N N 14  
ARG CA   C N S 15  
ARG C    C N N 16  
ARG O    O N N 17  
ARG CB   C N N 18  
ARG CG   C N N 19  
ARG CD   C N N 20  
ARG NE   N N N 21  
ARG CZ   C N N 22  
ARG NH1  N N N 23  
ARG NH2  N N N 24  
ARG OXT  O N N 25  
ARG H    H N N 26  
ARG H2   H N N 27  
ARG HA   H N N 28  
ARG HB2  H N N 29  
ARG HB3  H N N 30  
ARG HG2  H N N 31  
ARG HG3  H N N 32  
ARG HD2  H N N 33  
ARG HD3  H N N 34  
ARG HE   H N N 35  
ARG HH11 H N N 36  
ARG HH12 H N N 37  
ARG HH21 H N N 38  
ARG HH22 H N N 39  
ARG HXT  H N N 40  
ASN N    N N N 41  
ASN CA   C N S 42  
ASN C    C N N 43  
ASN O    O N N 44  
ASN CB   C N N 45  
ASN CG   C N N 46  
ASN OD1  O N N 47  
ASN ND2  N N N 48  
ASN OXT  O N N 49  
ASN H    H N N 50  
ASN H2   H N N 51  
ASN HA   H N N 52  
ASN HB2  H N N 53  
ASN HB3  H N N 54  
ASN HD21 H N N 55  
ASN HD22 H N N 56  
ASN HXT  H N N 57  
ASP N    N N N 58  
ASP CA   C N S 59  
ASP C    C N N 60  
ASP O    O N N 61  
ASP CB   C N N 62  
ASP CG   C N N 63  
ASP OD1  O N N 64  
ASP OD2  O N N 65  
ASP OXT  O N N 66  
ASP H    H N N 67  
ASP H2   H N N 68  
ASP HA   H N N 69  
ASP HB2  H N N 70  
ASP HB3  H N N 71  
ASP HD2  H N N 72  
ASP HXT  H N N 73  
GLN N    N N N 74  
GLN CA   C N S 75  
GLN C    C N N 76  
GLN O    O N N 77  
GLN CB   C N N 78  
GLN CG   C N N 79  
GLN CD   C N N 80  
GLN OE1  O N N 81  
GLN NE2  N N N 82  
GLN OXT  O N N 83  
GLN H    H N N 84  
GLN H2   H N N 85  
GLN HA   H N N 86  
GLN HB2  H N N 87  
GLN HB3  H N N 88  
GLN HG2  H N N 89  
GLN HG3  H N N 90  
GLN HE21 H N N 91  
GLN HE22 H N N 92  
GLN HXT  H N N 93  
GLU N    N N N 94  
GLU CA   C N S 95  
GLU C    C N N 96  
GLU O    O N N 97  
GLU CB   C N N 98  
GLU CG   C N N 99  
GLU CD   C N N 100 
GLU OE1  O N N 101 
GLU OE2  O N N 102 
GLU OXT  O N N 103 
GLU H    H N N 104 
GLU H2   H N N 105 
GLU HA   H N N 106 
GLU HB2  H N N 107 
GLU HB3  H N N 108 
GLU HG2  H N N 109 
GLU HG3  H N N 110 
GLU HE2  H N N 111 
GLU HXT  H N N 112 
GLY N    N N N 113 
GLY CA   C N N 114 
GLY C    C N N 115 
GLY O    O N N 116 
GLY OXT  O N N 117 
GLY H    H N N 118 
GLY H2   H N N 119 
GLY HA2  H N N 120 
GLY HA3  H N N 121 
GLY HXT  H N N 122 
HIS N    N N N 123 
HIS CA   C N S 124 
HIS C    C N N 125 
HIS O    O N N 126 
HIS CB   C N N 127 
HIS CG   C Y N 128 
HIS ND1  N Y N 129 
HIS CD2  C Y N 130 
HIS CE1  C Y N 131 
HIS NE2  N Y N 132 
HIS OXT  O N N 133 
HIS H    H N N 134 
HIS H2   H N N 135 
HIS HA   H N N 136 
HIS HB2  H N N 137 
HIS HB3  H N N 138 
HIS HD1  H N N 139 
HIS HD2  H N N 140 
HIS HE1  H N N 141 
HIS HE2  H N N 142 
HIS HXT  H N N 143 
HOH O    O N N 144 
HOH H1   H N N 145 
HOH H2   H N N 146 
ILE N    N N N 147 
ILE CA   C N S 148 
ILE C    C N N 149 
ILE O    O N N 150 
ILE CB   C N S 151 
ILE CG1  C N N 152 
ILE CG2  C N N 153 
ILE CD1  C N N 154 
ILE OXT  O N N 155 
ILE H    H N N 156 
ILE H2   H N N 157 
ILE HA   H N N 158 
ILE HB   H N N 159 
ILE HG12 H N N 160 
ILE HG13 H N N 161 
ILE HG21 H N N 162 
ILE HG22 H N N 163 
ILE HG23 H N N 164 
ILE HD11 H N N 165 
ILE HD12 H N N 166 
ILE HD13 H N N 167 
ILE HXT  H N N 168 
LEU N    N N N 169 
LEU CA   C N S 170 
LEU C    C N N 171 
LEU O    O N N 172 
LEU CB   C N N 173 
LEU CG   C N N 174 
LEU CD1  C N N 175 
LEU CD2  C N N 176 
LEU OXT  O N N 177 
LEU H    H N N 178 
LEU H2   H N N 179 
LEU HA   H N N 180 
LEU HB2  H N N 181 
LEU HB3  H N N 182 
LEU HG   H N N 183 
LEU HD11 H N N 184 
LEU HD12 H N N 185 
LEU HD13 H N N 186 
LEU HD21 H N N 187 
LEU HD22 H N N 188 
LEU HD23 H N N 189 
LEU HXT  H N N 190 
LYS N    N N N 191 
LYS CA   C N S 192 
LYS C    C N N 193 
LYS O    O N N 194 
LYS CB   C N N 195 
LYS CG   C N N 196 
LYS CD   C N N 197 
LYS CE   C N N 198 
LYS NZ   N N N 199 
LYS OXT  O N N 200 
LYS H    H N N 201 
LYS H2   H N N 202 
LYS HA   H N N 203 
LYS HB2  H N N 204 
LYS HB3  H N N 205 
LYS HG2  H N N 206 
LYS HG3  H N N 207 
LYS HD2  H N N 208 
LYS HD3  H N N 209 
LYS HE2  H N N 210 
LYS HE3  H N N 211 
LYS HZ1  H N N 212 
LYS HZ2  H N N 213 
LYS HZ3  H N N 214 
LYS HXT  H N N 215 
MET N    N N N 216 
MET CA   C N S 217 
MET C    C N N 218 
MET O    O N N 219 
MET CB   C N N 220 
MET CG   C N N 221 
MET SD   S N N 222 
MET CE   C N N 223 
MET OXT  O N N 224 
MET H    H N N 225 
MET H2   H N N 226 
MET HA   H N N 227 
MET HB2  H N N 228 
MET HB3  H N N 229 
MET HG2  H N N 230 
MET HG3  H N N 231 
MET HE1  H N N 232 
MET HE2  H N N 233 
MET HE3  H N N 234 
MET HXT  H N N 235 
PHE N    N N N 236 
PHE CA   C N S 237 
PHE C    C N N 238 
PHE O    O N N 239 
PHE CB   C N N 240 
PHE CG   C Y N 241 
PHE CD1  C Y N 242 
PHE CD2  C Y N 243 
PHE CE1  C Y N 244 
PHE CE2  C Y N 245 
PHE CZ   C Y N 246 
PHE OXT  O N N 247 
PHE H    H N N 248 
PHE H2   H N N 249 
PHE HA   H N N 250 
PHE HB2  H N N 251 
PHE HB3  H N N 252 
PHE HD1  H N N 253 
PHE HD2  H N N 254 
PHE HE1  H N N 255 
PHE HE2  H N N 256 
PHE HZ   H N N 257 
PHE HXT  H N N 258 
PRO N    N N N 259 
PRO CA   C N S 260 
PRO C    C N N 261 
PRO O    O N N 262 
PRO CB   C N N 263 
PRO CG   C N N 264 
PRO CD   C N N 265 
PRO OXT  O N N 266 
PRO H    H N N 267 
PRO HA   H N N 268 
PRO HB2  H N N 269 
PRO HB3  H N N 270 
PRO HG2  H N N 271 
PRO HG3  H N N 272 
PRO HD2  H N N 273 
PRO HD3  H N N 274 
PRO HXT  H N N 275 
SER N    N N N 276 
SER CA   C N S 277 
SER C    C N N 278 
SER O    O N N 279 
SER CB   C N N 280 
SER OG   O N N 281 
SER OXT  O N N 282 
SER H    H N N 283 
SER H2   H N N 284 
SER HA   H N N 285 
SER HB2  H N N 286 
SER HB3  H N N 287 
SER HG   H N N 288 
SER HXT  H N N 289 
THR N    N N N 290 
THR CA   C N S 291 
THR C    C N N 292 
THR O    O N N 293 
THR CB   C N R 294 
THR OG1  O N N 295 
THR CG2  C N N 296 
THR OXT  O N N 297 
THR H    H N N 298 
THR H2   H N N 299 
THR HA   H N N 300 
THR HB   H N N 301 
THR HG1  H N N 302 
THR HG21 H N N 303 
THR HG22 H N N 304 
THR HG23 H N N 305 
THR HXT  H N N 306 
TYR N    N N N 307 
TYR CA   C N S 308 
TYR C    C N N 309 
TYR O    O N N 310 
TYR CB   C N N 311 
TYR CG   C Y N 312 
TYR CD1  C Y N 313 
TYR CD2  C Y N 314 
TYR CE1  C Y N 315 
TYR CE2  C Y N 316 
TYR CZ   C Y N 317 
TYR OH   O N N 318 
TYR OXT  O N N 319 
TYR H    H N N 320 
TYR H2   H N N 321 
TYR HA   H N N 322 
TYR HB2  H N N 323 
TYR HB3  H N N 324 
TYR HD1  H N N 325 
TYR HD2  H N N 326 
TYR HE1  H N N 327 
TYR HE2  H N N 328 
TYR HH   H N N 329 
TYR HXT  H N N 330 
VAL N    N N N 331 
VAL CA   C N S 332 
VAL C    C N N 333 
VAL O    O N N 334 
VAL CB   C N N 335 
VAL CG1  C N N 336 
VAL CG2  C N N 337 
VAL OXT  O N N 338 
VAL H    H N N 339 
VAL H2   H N N 340 
VAL HA   H N N 341 
VAL HB   H N N 342 
VAL HG11 H N N 343 
VAL HG12 H N N 344 
VAL HG13 H N N 345 
VAL HG21 H N N 346 
VAL HG22 H N N 347 
VAL HG23 H N N 348 
VAL HXT  H N N 349 
# 
loop_
_chem_comp_bond.comp_id 
_chem_comp_bond.atom_id_1 
_chem_comp_bond.atom_id_2 
_chem_comp_bond.value_order 
_chem_comp_bond.pdbx_aromatic_flag 
_chem_comp_bond.pdbx_stereo_config 
_chem_comp_bond.pdbx_ordinal 
ALA N   CA   sing N N 1   
ALA N   H    sing N N 2   
ALA N   H2   sing N N 3   
ALA CA  C    sing N N 4   
ALA CA  CB   sing N N 5   
ALA CA  HA   sing N N 6   
ALA C   O    doub N N 7   
ALA C   OXT  sing N N 8   
ALA CB  HB1  sing N N 9   
ALA CB  HB2  sing N N 10  
ALA CB  HB3  sing N N 11  
ALA OXT HXT  sing N N 12  
ARG N   CA   sing N N 13  
ARG N   H    sing N N 14  
ARG N   H2   sing N N 15  
ARG CA  C    sing N N 16  
ARG CA  CB   sing N N 17  
ARG CA  HA   sing N N 18  
ARG C   O    doub N N 19  
ARG C   OXT  sing N N 20  
ARG CB  CG   sing N N 21  
ARG CB  HB2  sing N N 22  
ARG CB  HB3  sing N N 23  
ARG CG  CD   sing N N 24  
ARG CG  HG2  sing N N 25  
ARG CG  HG3  sing N N 26  
ARG CD  NE   sing N N 27  
ARG CD  HD2  sing N N 28  
ARG CD  HD3  sing N N 29  
ARG NE  CZ   sing N N 30  
ARG NE  HE   sing N N 31  
ARG CZ  NH1  sing N N 32  
ARG CZ  NH2  doub N N 33  
ARG NH1 HH11 sing N N 34  
ARG NH1 HH12 sing N N 35  
ARG NH2 HH21 sing N N 36  
ARG NH2 HH22 sing N N 37  
ARG OXT HXT  sing N N 38  
ASN N   CA   sing N N 39  
ASN N   H    sing N N 40  
ASN N   H2   sing N N 41  
ASN CA  C    sing N N 42  
ASN CA  CB   sing N N 43  
ASN CA  HA   sing N N 44  
ASN C   O    doub N N 45  
ASN C   OXT  sing N N 46  
ASN CB  CG   sing N N 47  
ASN CB  HB2  sing N N 48  
ASN CB  HB3  sing N N 49  
ASN CG  OD1  doub N N 50  
ASN CG  ND2  sing N N 51  
ASN ND2 HD21 sing N N 52  
ASN ND2 HD22 sing N N 53  
ASN OXT HXT  sing N N 54  
ASP N   CA   sing N N 55  
ASP N   H    sing N N 56  
ASP N   H2   sing N N 57  
ASP CA  C    sing N N 58  
ASP CA  CB   sing N N 59  
ASP CA  HA   sing N N 60  
ASP C   O    doub N N 61  
ASP C   OXT  sing N N 62  
ASP CB  CG   sing N N 63  
ASP CB  HB2  sing N N 64  
ASP CB  HB3  sing N N 65  
ASP CG  OD1  doub N N 66  
ASP CG  OD2  sing N N 67  
ASP OD2 HD2  sing N N 68  
ASP OXT HXT  sing N N 69  
GLN N   CA   sing N N 70  
GLN N   H    sing N N 71  
GLN N   H2   sing N N 72  
GLN CA  C    sing N N 73  
GLN CA  CB   sing N N 74  
GLN CA  HA   sing N N 75  
GLN C   O    doub N N 76  
GLN C   OXT  sing N N 77  
GLN CB  CG   sing N N 78  
GLN CB  HB2  sing N N 79  
GLN CB  HB3  sing N N 80  
GLN CG  CD   sing N N 81  
GLN CG  HG2  sing N N 82  
GLN CG  HG3  sing N N 83  
GLN CD  OE1  doub N N 84  
GLN CD  NE2  sing N N 85  
GLN NE2 HE21 sing N N 86  
GLN NE2 HE22 sing N N 87  
GLN OXT HXT  sing N N 88  
GLU N   CA   sing N N 89  
GLU N   H    sing N N 90  
GLU N   H2   sing N N 91  
GLU CA  C    sing N N 92  
GLU CA  CB   sing N N 93  
GLU CA  HA   sing N N 94  
GLU C   O    doub N N 95  
GLU C   OXT  sing N N 96  
GLU CB  CG   sing N N 97  
GLU CB  HB2  sing N N 98  
GLU CB  HB3  sing N N 99  
GLU CG  CD   sing N N 100 
GLU CG  HG2  sing N N 101 
GLU CG  HG3  sing N N 102 
GLU CD  OE1  doub N N 103 
GLU CD  OE2  sing N N 104 
GLU OE2 HE2  sing N N 105 
GLU OXT HXT  sing N N 106 
GLY N   CA   sing N N 107 
GLY N   H    sing N N 108 
GLY N   H2   sing N N 109 
GLY CA  C    sing N N 110 
GLY CA  HA2  sing N N 111 
GLY CA  HA3  sing N N 112 
GLY C   O    doub N N 113 
GLY C   OXT  sing N N 114 
GLY OXT HXT  sing N N 115 
HIS N   CA   sing N N 116 
HIS N   H    sing N N 117 
HIS N   H2   sing N N 118 
HIS CA  C    sing N N 119 
HIS CA  CB   sing N N 120 
HIS CA  HA   sing N N 121 
HIS C   O    doub N N 122 
HIS C   OXT  sing N N 123 
HIS CB  CG   sing N N 124 
HIS CB  HB2  sing N N 125 
HIS CB  HB3  sing N N 126 
HIS CG  ND1  sing Y N 127 
HIS CG  CD2  doub Y N 128 
HIS ND1 CE1  doub Y N 129 
HIS ND1 HD1  sing N N 130 
HIS CD2 NE2  sing Y N 131 
HIS CD2 HD2  sing N N 132 
HIS CE1 NE2  sing Y N 133 
HIS CE1 HE1  sing N N 134 
HIS NE2 HE2  sing N N 135 
HIS OXT HXT  sing N N 136 
HOH O   H1   sing N N 137 
HOH O   H2   sing N N 138 
ILE N   CA   sing N N 139 
ILE N   H    sing N N 140 
ILE N   H2   sing N N 141 
ILE CA  C    sing N N 142 
ILE CA  CB   sing N N 143 
ILE CA  HA   sing N N 144 
ILE C   O    doub N N 145 
ILE C   OXT  sing N N 146 
ILE CB  CG1  sing N N 147 
ILE CB  CG2  sing N N 148 
ILE CB  HB   sing N N 149 
ILE CG1 CD1  sing N N 150 
ILE CG1 HG12 sing N N 151 
ILE CG1 HG13 sing N N 152 
ILE CG2 HG21 sing N N 153 
ILE CG2 HG22 sing N N 154 
ILE CG2 HG23 sing N N 155 
ILE CD1 HD11 sing N N 156 
ILE CD1 HD12 sing N N 157 
ILE CD1 HD13 sing N N 158 
ILE OXT HXT  sing N N 159 
LEU N   CA   sing N N 160 
LEU N   H    sing N N 161 
LEU N   H2   sing N N 162 
LEU CA  C    sing N N 163 
LEU CA  CB   sing N N 164 
LEU CA  HA   sing N N 165 
LEU C   O    doub N N 166 
LEU C   OXT  sing N N 167 
LEU CB  CG   sing N N 168 
LEU CB  HB2  sing N N 169 
LEU CB  HB3  sing N N 170 
LEU CG  CD1  sing N N 171 
LEU CG  CD2  sing N N 172 
LEU CG  HG   sing N N 173 
LEU CD1 HD11 sing N N 174 
LEU CD1 HD12 sing N N 175 
LEU CD1 HD13 sing N N 176 
LEU CD2 HD21 sing N N 177 
LEU CD2 HD22 sing N N 178 
LEU CD2 HD23 sing N N 179 
LEU OXT HXT  sing N N 180 
LYS N   CA   sing N N 181 
LYS N   H    sing N N 182 
LYS N   H2   sing N N 183 
LYS CA  C    sing N N 184 
LYS CA  CB   sing N N 185 
LYS CA  HA   sing N N 186 
LYS C   O    doub N N 187 
LYS C   OXT  sing N N 188 
LYS CB  CG   sing N N 189 
LYS CB  HB2  sing N N 190 
LYS CB  HB3  sing N N 191 
LYS CG  CD   sing N N 192 
LYS CG  HG2  sing N N 193 
LYS CG  HG3  sing N N 194 
LYS CD  CE   sing N N 195 
LYS CD  HD2  sing N N 196 
LYS CD  HD3  sing N N 197 
LYS CE  NZ   sing N N 198 
LYS CE  HE2  sing N N 199 
LYS CE  HE3  sing N N 200 
LYS NZ  HZ1  sing N N 201 
LYS NZ  HZ2  sing N N 202 
LYS NZ  HZ3  sing N N 203 
LYS OXT HXT  sing N N 204 
MET N   CA   sing N N 205 
MET N   H    sing N N 206 
MET N   H2   sing N N 207 
MET CA  C    sing N N 208 
MET CA  CB   sing N N 209 
MET CA  HA   sing N N 210 
MET C   O    doub N N 211 
MET C   OXT  sing N N 212 
MET CB  CG   sing N N 213 
MET CB  HB2  sing N N 214 
MET CB  HB3  sing N N 215 
MET CG  SD   sing N N 216 
MET CG  HG2  sing N N 217 
MET CG  HG3  sing N N 218 
MET SD  CE   sing N N 219 
MET CE  HE1  sing N N 220 
MET CE  HE2  sing N N 221 
MET CE  HE3  sing N N 222 
MET OXT HXT  sing N N 223 
PHE N   CA   sing N N 224 
PHE N   H    sing N N 225 
PHE N   H2   sing N N 226 
PHE CA  C    sing N N 227 
PHE CA  CB   sing N N 228 
PHE CA  HA   sing N N 229 
PHE C   O    doub N N 230 
PHE C   OXT  sing N N 231 
PHE CB  CG   sing N N 232 
PHE CB  HB2  sing N N 233 
PHE CB  HB3  sing N N 234 
PHE CG  CD1  doub Y N 235 
PHE CG  CD2  sing Y N 236 
PHE CD1 CE1  sing Y N 237 
PHE CD1 HD1  sing N N 238 
PHE CD2 CE2  doub Y N 239 
PHE CD2 HD2  sing N N 240 
PHE CE1 CZ   doub Y N 241 
PHE CE1 HE1  sing N N 242 
PHE CE2 CZ   sing Y N 243 
PHE CE2 HE2  sing N N 244 
PHE CZ  HZ   sing N N 245 
PHE OXT HXT  sing N N 246 
PRO N   CA   sing N N 247 
PRO N   CD   sing N N 248 
PRO N   H    sing N N 249 
PRO CA  C    sing N N 250 
PRO CA  CB   sing N N 251 
PRO CA  HA   sing N N 252 
PRO C   O    doub N N 253 
PRO C   OXT  sing N N 254 
PRO CB  CG   sing N N 255 
PRO CB  HB2  sing N N 256 
PRO CB  HB3  sing N N 257 
PRO CG  CD   sing N N 258 
PRO CG  HG2  sing N N 259 
PRO CG  HG3  sing N N 260 
PRO CD  HD2  sing N N 261 
PRO CD  HD3  sing N N 262 
PRO OXT HXT  sing N N 263 
SER N   CA   sing N N 264 
SER N   H    sing N N 265 
SER N   H2   sing N N 266 
SER CA  C    sing N N 267 
SER CA  CB   sing N N 268 
SER CA  HA   sing N N 269 
SER C   O    doub N N 270 
SER C   OXT  sing N N 271 
SER CB  OG   sing N N 272 
SER CB  HB2  sing N N 273 
SER CB  HB3  sing N N 274 
SER OG  HG   sing N N 275 
SER OXT HXT  sing N N 276 
THR N   CA   sing N N 277 
THR N   H    sing N N 278 
THR N   H2   sing N N 279 
THR CA  C    sing N N 280 
THR CA  CB   sing N N 281 
THR CA  HA   sing N N 282 
THR C   O    doub N N 283 
THR C   OXT  sing N N 284 
THR CB  OG1  sing N N 285 
THR CB  CG2  sing N N 286 
THR CB  HB   sing N N 287 
THR OG1 HG1  sing N N 288 
THR CG2 HG21 sing N N 289 
THR CG2 HG22 sing N N 290 
THR CG2 HG23 sing N N 291 
THR OXT HXT  sing N N 292 
TYR N   CA   sing N N 293 
TYR N   H    sing N N 294 
TYR N   H2   sing N N 295 
TYR CA  C    sing N N 296 
TYR CA  CB   sing N N 297 
TYR CA  HA   sing N N 298 
TYR C   O    doub N N 299 
TYR C   OXT  sing N N 300 
TYR CB  CG   sing N N 301 
TYR CB  HB2  sing N N 302 
TYR CB  HB3  sing N N 303 
TYR CG  CD1  doub Y N 304 
TYR CG  CD2  sing Y N 305 
TYR CD1 CE1  sing Y N 306 
TYR CD1 HD1  sing N N 307 
TYR CD2 CE2  doub Y N 308 
TYR CD2 HD2  sing N N 309 
TYR CE1 CZ   doub Y N 310 
TYR CE1 HE1  sing N N 311 
TYR CE2 CZ   sing Y N 312 
TYR CE2 HE2  sing N N 313 
TYR CZ  OH   sing N N 314 
TYR OH  HH   sing N N 315 
TYR OXT HXT  sing N N 316 
VAL N   CA   sing N N 317 
VAL N   H    sing N N 318 
VAL N   H2   sing N N 319 
VAL CA  C    sing N N 320 
VAL CA  CB   sing N N 321 
VAL CA  HA   sing N N 322 
VAL C   O    doub N N 323 
VAL C   OXT  sing N N 324 
VAL CB  CG1  sing N N 325 
VAL CB  CG2  sing N N 326 
VAL CB  HB   sing N N 327 
VAL CG1 HG11 sing N N 328 
VAL CG1 HG12 sing N N 329 
VAL CG1 HG13 sing N N 330 
VAL CG2 HG21 sing N N 331 
VAL CG2 HG22 sing N N 332 
VAL CG2 HG23 sing N N 333 
VAL OXT HXT  sing N N 334 
# 
_atom_sites.entry_id                    3FB9 
_atom_sites.fract_transf_matrix[1][1]   0.01334417 
_atom_sites.fract_transf_matrix[1][2]   -0.01642607 
_atom_sites.fract_transf_matrix[1][3]   -0.00352624 
_atom_sites.fract_transf_matrix[2][1]   -0.00004933 
_atom_sites.fract_transf_matrix[2][2]   -0.00398971 
_atom_sites.fract_transf_matrix[2][3]   0.01839832 
_atom_sites.fract_transf_matrix[3][1]   -0.01087022 
_atom_sites.fract_transf_matrix[3][2]   -0.00843194 
_atom_sites.fract_transf_matrix[3][3]   -0.00185763 
_atom_sites.fract_transf_vector[1]      0.504571 
_atom_sites.fract_transf_vector[2]      0.043874 
_atom_sites.fract_transf_vector[3]      0.342452 
# 
loop_
_atom_type.symbol 
C 
N 
O 
S 
# 
loop_
_atom_site.group_PDB 
_atom_site.id 
_atom_site.type_symbol 
_atom_site.label_atom_id 
_atom_site.label_alt_id 
_atom_site.label_comp_id 
_atom_site.label_asym_id 
_atom_site.label_entity_id 
_atom_site.label_seq_id 
_atom_site.pdbx_PDB_ins_code 
_atom_site.Cartn_x 
_atom_site.Cartn_y 
_atom_site.Cartn_z 
_atom_site.occupancy 
_atom_site.B_iso_or_equiv 
_atom_site.pdbx_formal_charge 
_atom_site.auth_seq_id 
_atom_site.auth_comp_id 
_atom_site.auth_asym_id 
_atom_site.auth_atom_id 
_atom_site.pdbx_PDB_model_num 
ATOM   1    N N   . GLY A 1 2  ? 31.301  -15.523 -13.327 1.00 26.07 ? 0   GLY A N   1 
ATOM   2    C CA  . GLY A 1 2  ? 29.818  -15.625 -12.956 1.00 26.99 ? 0   GLY A CA  1 
ATOM   3    C C   . GLY A 1 2  ? 29.455  -15.350 -11.477 1.00 27.40 ? 0   GLY A C   1 
ATOM   4    O O   . GLY A 1 2  ? 30.024  -15.988 -10.570 1.00 27.82 ? 0   GLY A O   1 
ATOM   5    N N   . MET A 1 3  ? 28.516  -14.420 -11.202 1.00 27.20 ? 1   MET A N   1 
ATOM   6    C CA  . MET A 1 3  ? 28.251  -14.079 -9.795  1.00 28.26 ? 1   MET A CA  1 
ATOM   7    C C   . MET A 1 3  ? 27.873  -15.376 -9.009  1.00 27.86 ? 1   MET A C   1 
ATOM   8    O O   . MET A 1 3  ? 27.258  -16.302 -9.565  1.00 27.54 ? 1   MET A O   1 
ATOM   9    C CB  . MET A 1 3  ? 27.235  -12.914 -9.613  1.00 28.22 ? 1   MET A CB  1 
ATOM   10   C CG  . MET A 1 3  ? 25.814  -13.110 -10.189 1.00 30.87 ? 1   MET A CG  1 
ATOM   11   S SD  . MET A 1 3  ? 24.866  -11.537 -10.341 1.00 33.22 ? 1   MET A SD  1 
ATOM   12   C CE  . MET A 1 3  ? 26.089  -10.667 -11.388 1.00 34.90 ? 1   MET A CE  1 
ATOM   13   N N   . SER A 1 4  ? 28.287  -15.436 -7.736  1.00 26.82 ? 2   SER A N   1 
ATOM   14   C CA  . SER A 1 4  ? 28.083  -16.627 -6.881  1.00 25.45 ? 2   SER A CA  1 
ATOM   15   C C   . SER A 1 4  ? 26.616  -16.814 -6.537  1.00 26.05 ? 2   SER A C   1 
ATOM   16   O O   . SER A 1 4  ? 25.738  -15.943 -6.820  1.00 27.26 ? 2   SER A O   1 
ATOM   17   C CB  . SER A 1 4  ? 28.932  -16.566 -5.574  1.00 24.88 ? 2   SER A CB  1 
ATOM   18   O OG  . SER A 1 4  ? 28.327  -15.722 -4.563  1.00 16.73 ? 2   SER A OG  1 
ATOM   19   N N   . ASP A 1 5  ? 26.342  -17.921 -5.858  1.00 25.72 ? 3   ASP A N   1 
ATOM   20   C CA  . ASP A 1 5  ? 24.968  -18.207 -5.495  1.00 26.34 ? 3   ASP A CA  1 
ATOM   21   C C   . ASP A 1 5  ? 24.401  -17.115 -4.556  1.00 25.38 ? 3   ASP A C   1 
ATOM   22   O O   . ASP A 1 5  ? 23.173  -17.040 -4.391  1.00 25.68 ? 3   ASP A O   1 
ATOM   23   C CB  . ASP A 1 5  ? 24.834  -19.605 -4.882  1.00 27.33 ? 3   ASP A CB  1 
ATOM   24   C CG  . ASP A 1 5  ? 24.669  -19.547 -3.390  1.00 31.52 ? 3   ASP A CG  1 
ATOM   25   O OD1 . ASP A 1 5  ? 25.716  -19.392 -2.710  1.00 36.57 ? 3   ASP A OD1 1 
ATOM   26   O OD2 . ASP A 1 5  ? 23.488  -19.593 -2.920  1.00 36.28 ? 3   ASP A OD2 1 
ATOM   27   N N   . ALA A 1 6  ? 25.252  -16.239 -3.976  1.00 23.15 ? 4   ALA A N   1 
ATOM   28   C CA  . ALA A 1 6  ? 24.732  -15.100 -3.179  1.00 22.39 ? 4   ALA A CA  1 
ATOM   29   C C   . ALA A 1 6  ? 23.817  -14.184 -3.981  1.00 20.68 ? 4   ALA A C   1 
ATOM   30   O O   . ALA A 1 6  ? 22.988  -13.504 -3.411  1.00 20.09 ? 4   ALA A O   1 
ATOM   31   C CB  . ALA A 1 6  ? 25.856  -14.269 -2.576  1.00 21.81 ? 4   ALA A CB  1 
ATOM   32   N N   . PHE A 1 7  ? 23.979  -14.167 -5.303  1.00 19.78 ? 5   PHE A N   1 
ATOM   33   C CA  . PHE A 1 7  ? 23.251  -13.242 -6.155  1.00 18.66 ? 5   PHE A CA  1 
ATOM   34   C C   . PHE A 1 7  ? 22.220  -13.925 -7.088  1.00 19.55 ? 5   PHE A C   1 
ATOM   35   O O   . PHE A 1 7  ? 21.642  -13.264 -7.962  1.00 20.80 ? 5   PHE A O   1 
ATOM   36   C CB  . PHE A 1 7  ? 24.234  -12.425 -6.978  1.00 19.05 ? 5   PHE A CB  1 
ATOM   37   C CG  . PHE A 1 7  ? 25.184  -11.604 -6.112  1.00 14.95 ? 5   PHE A CG  1 
ATOM   38   C CD1 . PHE A 1 7  ? 24.791  -10.390 -5.615  1.00 13.92 ? 5   PHE A CD1 1 
ATOM   39   C CD2 . PHE A 1 7  ? 26.418  -12.111 -5.749  1.00 14.31 ? 5   PHE A CD2 1 
ATOM   40   C CE1 . PHE A 1 7  ? 25.633  -9.659  -4.780  1.00 12.56 ? 5   PHE A CE1 1 
ATOM   41   C CE2 . PHE A 1 7  ? 27.245  -11.383 -4.924  1.00 14.52 ? 5   PHE A CE2 1 
ATOM   42   C CZ  . PHE A 1 7  ? 26.844  -10.185 -4.440  1.00 11.97 ? 5   PHE A CZ  1 
ATOM   43   N N   . THR A 1 8  ? 21.957  -15.201 -6.877  1.00 18.43 ? 6   THR A N   1 
ATOM   44   C CA  . THR A 1 8  ? 20.825  -15.841 -7.578  1.00 17.74 ? 6   THR A CA  1 
ATOM   45   C C   . THR A 1 8  ? 19.519  -15.251 -7.065  1.00 17.26 ? 6   THR A C   1 
ATOM   46   O O   . THR A 1 8  ? 19.435  -14.683 -5.950  1.00 16.32 ? 6   THR A O   1 
ATOM   47   C CB  . THR A 1 8  ? 20.795  -17.293 -7.343  1.00 17.49 ? 6   THR A CB  1 
ATOM   48   O OG1 . THR A 1 8  ? 20.489  -17.525 -5.959  1.00 17.88 ? 6   THR A OG1 1 
ATOM   49   C CG2 . THR A 1 8  ? 22.142  -17.937 -7.716  1.00 19.02 ? 6   THR A CG2 1 
ATOM   50   N N   . ASP A 1 9  ? 18.488  -15.341 -7.891  1.00 15.96 ? 7   ASP A N   1 
ATOM   51   C CA  . ASP A 1 9  ? 17.208  -14.768 -7.496  1.00 15.05 ? 7   ASP A CA  1 
ATOM   52   C C   . ASP A 1 9  ? 16.718  -15.415 -6.225  1.00 13.14 ? 7   ASP A C   1 
ATOM   53   O O   . ASP A 1 9  ? 16.182  -14.730 -5.359  1.00 11.66 ? 7   ASP A O   1 
ATOM   54   C CB  . ASP A 1 9  ? 16.170  -14.919 -8.598  1.00 16.00 ? 7   ASP A CB  1 
ATOM   55   C CG  . ASP A 1 9  ? 16.306  -13.878 -9.684  1.00 20.45 ? 7   ASP A CG  1 
ATOM   56   O OD1 . ASP A 1 9  ? 17.213  -13.008 -9.607  1.00 23.29 ? 7   ASP A OD1 1 
ATOM   57   O OD2 . ASP A 1 9  ? 15.504  -13.928 -10.639 1.00 21.58 ? 7   ASP A OD2 1 
ATOM   58   N N   . VAL A 1 10 ? 16.850  -16.729 -6.094  1.00 11.43 ? 8   VAL A N   1 
ATOM   59   C CA  . VAL A 1 10 ? 16.308  -17.391 -4.891  1.00 12.39 ? 8   VAL A CA  1 
ATOM   60   C C   . VAL A 1 10 ? 16.956  -16.924 -3.606  1.00 11.36 ? 8   VAL A C   1 
ATOM   61   O O   . VAL A 1 10 ? 16.256  -16.632 -2.601  1.00 11.77 ? 8   VAL A O   1 
ATOM   62   C CB  . VAL A 1 10 ? 16.415  -18.927 -4.957  1.00 14.29 ? 8   VAL A CB  1 
ATOM   63   C CG1 . VAL A 1 10 ? 16.164  -19.544 -3.536  1.00 15.64 ? 8   VAL A CG1 1 
ATOM   64   C CG2 . VAL A 1 10 ? 15.448  -19.414 -5.929  1.00 12.30 ? 8   VAL A CG2 1 
ATOM   65   N N   . ALA A 1 11 ? 18.288  -16.862 -3.651  1.00 11.28 ? 9   ALA A N   1 
ATOM   66   C CA  . ALA A 1 11 ? 19.112  -16.370 -2.555  1.00 11.88 ? 9   ALA A CA  1 
ATOM   67   C C   . ALA A 1 11 ? 18.732  -14.935 -2.189  1.00 12.34 ? 9   ALA A C   1 
ATOM   68   O O   . ALA A 1 11 ? 18.464  -14.631 -1.009  1.00 12.45 ? 9   ALA A O   1 
ATOM   69   C CB  . ALA A 1 11 ? 20.599  -16.428 -2.946  1.00 11.99 ? 9   ALA A CB  1 
ATOM   70   N N   . LYS A 1 12 ? 18.699  -14.063 -3.199  1.00 13.32 ? 10  LYS A N   1 
ATOM   71   C CA  . LYS A 1 12 ? 18.432  -12.632 -2.985  1.00 13.57 ? 10  LYS A CA  1 
ATOM   72   C C   . LYS A 1 12 ? 17.008  -12.448 -2.426  1.00 13.54 ? 10  LYS A C   1 
ATOM   73   O O   . LYS A 1 12 ? 16.812  -11.653 -1.488  1.00 11.79 ? 10  LYS A O   1 
ATOM   74   C CB  . LYS A 1 12 ? 18.569  -11.786 -4.266  1.00 14.90 ? 10  LYS A CB  1 
ATOM   75   C CG  . LYS A 1 12 ? 20.010  -11.502 -4.840  1.00 20.53 ? 10  LYS A CG  1 
ATOM   76   C CD  . LYS A 1 12 ? 20.005  -10.513 -6.114  1.00 26.63 ? 10  LYS A CD  1 
ATOM   77   C CE  . LYS A 1 12 ? 19.260  -9.114  -5.938  1.00 31.11 ? 10  LYS A CE  1 
ATOM   78   N NZ  . LYS A 1 12 ? 19.034  -8.220  -7.226  1.00 27.51 ? 10  LYS A NZ  1 
ATOM   79   N N   . MET A 1 13 ? 16.021  -13.164 -2.992  1.00 12.01 ? 11  MET A N   1 
ATOM   80   C CA  . MET A 1 13 ? 14.645  -13.050 -2.477  1.00 12.24 ? 11  MET A CA  1 
ATOM   81   C C   . MET A 1 13 ? 14.554  -13.446 -0.983  1.00 12.36 ? 11  MET A C   1 
ATOM   82   O O   . MET A 1 13 ? 13.917  -12.800 -0.196  1.00 10.19 ? 11  MET A O   1 
ATOM   83   C CB  . MET A 1 13 ? 13.663  -13.872 -3.305  1.00 11.96 ? 11  MET A CB  1 
ATOM   84   C CG  . MET A 1 13 ? 12.200  -13.604 -2.998  1.00 14.13 ? 11  MET A CG  1 
ATOM   85   S SD  . MET A 1 13 ? 11.717  -11.818 -3.213  1.00 10.66 ? 11  MET A SD  1 
ATOM   86   C CE  . MET A 1 13 ? 10.683  -11.933 -4.684  1.00 18.07 ? 11  MET A CE  1 
ATOM   87   N N   . LYS A 1 14 ? 15.186  -14.542 -0.616  1.00 13.64 ? 12  LYS A N   1 
ATOM   88   C CA  . LYS A 1 14 ? 15.146  -14.987 0.766   1.00 14.38 ? 12  LYS A CA  1 
ATOM   89   C C   . LYS A 1 14 ? 15.753  -13.917 1.712   1.00 13.34 ? 12  LYS A C   1 
ATOM   90   O O   . LYS A 1 14 ? 15.155  -13.577 2.760   1.00 13.06 ? 12  LYS A O   1 
ATOM   91   C CB  . LYS A 1 14 ? 15.939  -16.281 0.875   1.00 15.31 ? 12  LYS A CB  1 
ATOM   92   C CG  . LYS A 1 14 ? 16.077  -16.803 2.286   1.00 18.97 ? 12  LYS A CG  1 
ATOM   93   C CD  . LYS A 1 14 ? 17.073  -18.005 2.302   1.00 23.26 ? 12  LYS A CD  1 
ATOM   94   C CE  . LYS A 1 14 ? 16.621  -19.040 3.288   1.00 25.35 ? 12  LYS A CE  1 
ATOM   95   N NZ  . LYS A 1 14 ? 16.514  -18.476 4.634   1.00 27.97 ? 12  LYS A NZ  1 
ATOM   96   N N   . LYS A 1 15 ? 16.876  -13.367 1.307   1.00 12.13 ? 13  LYS A N   1 
ATOM   97   C CA  . LYS A 1 15 ? 17.537  -12.317 2.097   1.00 13.71 ? 13  LYS A CA  1 
ATOM   98   C C   . LYS A 1 15 ? 16.665  -11.044 2.186   1.00 12.41 ? 13  LYS A C   1 
ATOM   99   O O   . LYS A 1 15 ? 16.579  -10.432 3.251   1.00 12.12 ? 13  LYS A O   1 
ATOM   100  C CB  . LYS A 1 15 ? 18.920  -12.019 1.548   1.00 14.66 ? 13  LYS A CB  1 
ATOM   101  C CG  . LYS A 1 15 ? 19.739  -11.044 2.353   1.00 20.72 ? 13  LYS A CG  1 
ATOM   102  C CD  . LYS A 1 15 ? 20.030  -11.553 3.780   1.00 25.30 ? 13  LYS A CD  1 
ATOM   103  C CE  . LYS A 1 15 ? 20.944  -10.591 4.536   1.00 26.57 ? 13  LYS A CE  1 
ATOM   104  N NZ  . LYS A 1 15 ? 20.529  -10.516 5.962   1.00 30.56 ? 13  LYS A NZ  1 
ATOM   105  N N   . ILE A 1 16 ? 16.035  -10.664 1.072   1.00 11.52 ? 14  ILE A N   1 
ATOM   106  C CA  . ILE A 1 16 ? 15.198  -9.456  1.073   1.00 11.45 ? 14  ILE A CA  1 
ATOM   107  C C   . ILE A 1 16 ? 14.091  -9.652  2.071   1.00 11.41 ? 14  ILE A C   1 
ATOM   108  O O   . ILE A 1 16 ? 13.828  -8.782  2.925   1.00 11.80 ? 14  ILE A O   1 
ATOM   109  C CB  . ILE A 1 16 ? 14.572  -9.160  -0.317  1.00 10.98 ? 14  ILE A CB  1 
ATOM   110  C CG1 . ILE A 1 16 ? 15.652  -8.666  -1.290  1.00 10.79 ? 14  ILE A CG1 1 
ATOM   111  C CG2 . ILE A 1 16 ? 13.408  -8.135  -0.183  1.00 10.26 ? 14  ILE A CG2 1 
ATOM   112  C CD1 . ILE A 1 16 ? 15.308  -8.770  -2.835  1.00 9.63  ? 14  ILE A CD1 1 
ATOM   113  N N   . LYS A 1 17 ? 13.406  -10.790 1.975   1.00 11.05 ? 15  LYS A N   1 
ATOM   114  C CA  . LYS A 1 17 ? 12.288  -11.017 2.877   1.00 12.30 ? 15  LYS A CA  1 
ATOM   115  C C   . LYS A 1 17 ? 12.711  -11.007 4.343   1.00 12.87 ? 15  LYS A C   1 
ATOM   116  O O   . LYS A 1 17 ? 12.040  -10.393 5.197   1.00 14.09 ? 15  LYS A O   1 
ATOM   117  C CB  . LYS A 1 17 ? 11.558  -12.283 2.483   1.00 12.31 ? 15  LYS A CB  1 
ATOM   118  C CG  . LYS A 1 17 ? 10.708  -12.040 1.270   1.00 15.18 ? 15  LYS A CG  1 
ATOM   119  C CD  . LYS A 1 17 ? 9.973   -13.312 0.859   1.00 20.51 ? 15  LYS A CD  1 
ATOM   120  C CE  . LYS A 1 17 ? 9.231   -13.120 -0.442  1.00 25.15 ? 15  LYS A CE  1 
ATOM   121  N NZ  . LYS A 1 17 ? 7.949   -12.434 -0.255  1.00 33.12 ? 15  LYS A NZ  1 
ATOM   122  N N   . GLU A 1 18 ? 13.855  -11.599 4.611   1.00 12.61 ? 16  GLU A N   1 
ATOM   123  C CA  . GLU A 1 18 ? 14.406  -11.648 5.994   1.00 14.34 ? 16  GLU A CA  1 
ATOM   124  C C   . GLU A 1 18 ? 14.748  -10.245 6.520   1.00 13.61 ? 16  GLU A C   1 
ATOM   125  O O   . GLU A 1 18 ? 14.469  -9.925  7.687   1.00 12.77 ? 16  GLU A O   1 
ATOM   126  C CB  . GLU A 1 18 ? 15.680  -12.529 6.059   1.00 15.08 ? 16  GLU A CB  1 
ATOM   127  C CG  . GLU A 1 18 ? 15.381  -14.010 6.228   1.00 20.45 ? 16  GLU A CG  1 
ATOM   128  C CD  . GLU A 1 18 ? 16.604  -14.932 6.004   1.00 23.73 ? 16  GLU A CD  1 
ATOM   129  O OE1 . GLU A 1 18 ? 17.713  -14.427 5.684   1.00 26.41 ? 16  GLU A OE1 1 
ATOM   130  O OE2 . GLU A 1 18 ? 16.408  -16.162 6.131   1.00 26.00 ? 16  GLU A OE2 1 
ATOM   131  N N   . GLU A 1 19 ? 15.403  -9.453  5.661   1.00 11.90 ? 17  GLU A N   1 
ATOM   132  C CA  . GLU A 1 19 ? 15.874  -8.123  6.007   1.00 12.84 ? 17  GLU A CA  1 
ATOM   133  C C   . GLU A 1 19 ? 14.679  -7.193  6.297   1.00 11.77 ? 17  GLU A C   1 
ATOM   134  O O   . GLU A 1 19 ? 14.718  -6.432  7.262   1.00 10.47 ? 17  GLU A O   1 
ATOM   135  C CB  . GLU A 1 19 ? 16.744  -7.540  4.895   1.00 12.80 ? 17  GLU A CB  1 
ATOM   136  C CG  . GLU A 1 19 ? 18.148  -8.129  4.825   1.00 16.98 ? 17  GLU A CG  1 
ATOM   137  C CD  . GLU A 1 19 ? 18.913  -7.673  3.531   1.00 23.36 ? 17  GLU A CD  1 
ATOM   138  O OE1 . GLU A 1 19 ? 18.291  -7.373  2.485   1.00 25.67 ? 17  GLU A OE1 1 
ATOM   139  O OE2 . GLU A 1 19 ? 20.150  -7.695  3.546   1.00 31.31 ? 17  GLU A OE2 1 
ATOM   140  N N   . ILE A 1 20 ? 13.649  -7.262  5.463   1.00 10.71 ? 18  ILE A N   1 
ATOM   141  C CA  . ILE A 1 20 ? 12.418  -6.489  5.707   1.00 11.61 ? 18  ILE A CA  1 
ATOM   142  C C   . ILE A 1 20 ? 11.730  -6.901  6.984   1.00 12.14 ? 18  ILE A C   1 
ATOM   143  O O   . ILE A 1 20 ? 11.379  -6.042  7.796   1.00 12.12 ? 18  ILE A O   1 
ATOM   144  C CB  . ILE A 1 20 ? 11.472  -6.587  4.535   1.00 11.00 ? 18  ILE A CB  1 
ATOM   145  C CG1 . ILE A 1 20 ? 12.146  -5.931  3.289   1.00 14.11 ? 18  ILE A CG1 1 
ATOM   146  C CG2 . ILE A 1 20 ? 10.076  -6.026  4.901   1.00 13.43 ? 18  ILE A CG2 1 
ATOM   147  C CD1 . ILE A 1 20 ? 11.783  -4.489  2.994   1.00 16.98 ? 18  ILE A CD1 1 
ATOM   148  N N   . LYS A 1 21 ? 11.585  -8.221  7.203   1.00 13.16 ? 19  LYS A N   1 
ATOM   149  C CA  . LYS A 1 21 ? 10.890  -8.698  8.390   1.00 14.25 ? 19  LYS A CA  1 
ATOM   150  C C   . LYS A 1 21 ? 11.628  -8.208  9.631   1.00 14.14 ? 19  LYS A C   1 
ATOM   151  O O   . LYS A 1 21 ? 10.998  -7.717  10.606  1.00 15.68 ? 19  LYS A O   1 
ATOM   152  C CB  . LYS A 1 21 ? 10.763  -10.245 8.376   1.00 15.08 ? 19  LYS A CB  1 
ATOM   153  C CG  . LYS A 1 21 ? 10.248  -10.838 9.668   1.00 22.29 ? 19  LYS A CG  1 
ATOM   154  C CD  . LYS A 1 21 ? 10.259  -12.401 9.716   1.00 27.10 ? 19  LYS A CD  1 
ATOM   155  C CE  . LYS A 1 21 ? 9.831   -12.917 11.129  1.00 30.47 ? 19  LYS A CE  1 
ATOM   156  N NZ  . LYS A 1 21 ? 9.784   -14.421 11.278  1.00 30.33 ? 19  LYS A NZ  1 
ATOM   157  N N   . ALA A 1 22 ? 12.952  -8.284  9.571   1.00 13.46 ? 20  ALA A N   1 
ATOM   158  C CA  . ALA A 1 22 ? 13.806  -7.948  10.690  1.00 13.93 ? 20  ALA A CA  1 
ATOM   159  C C   . ALA A 1 22 ? 13.769  -6.466  10.981  1.00 14.74 ? 20  ALA A C   1 
ATOM   160  O O   . ALA A 1 22 ? 14.068  -6.049  12.103  1.00 15.28 ? 20  ALA A O   1 
ATOM   161  C CB  . ALA A 1 22 ? 15.246  -8.398  10.422  1.00 14.14 ? 20  ALA A CB  1 
ATOM   162  N N   . HIS A 1 23 ? 13.419  -5.650  9.980   1.00 13.45 ? 21  HIS A N   1 
ATOM   163  C CA  . HIS A 1 23 ? 13.503  -4.208  10.130  1.00 12.60 ? 21  HIS A CA  1 
ATOM   164  C C   . HIS A 1 23 ? 12.167  -3.526  10.379  1.00 12.67 ? 21  HIS A C   1 
ATOM   165  O O   . HIS A 1 23 ? 12.102  -2.301  10.343  1.00 13.34 ? 21  HIS A O   1 
ATOM   166  C CB  . HIS A 1 23 ? 14.189  -3.585  8.892   1.00 11.58 ? 21  HIS A CB  1 
ATOM   167  C CG  . HIS A 1 23 ? 15.100  -2.457  9.232   1.00 11.44 ? 21  HIS A CG  1 
ATOM   168  N ND1 . HIS A 1 23 ? 14.885  -1.149  8.826   1.00 15.28 ? 21  HIS A ND1 1 
ATOM   169  C CD2 . HIS A 1 23 ? 16.181  -2.421  10.036  1.00 10.37 ? 21  HIS A CD2 1 
ATOM   170  C CE1 . HIS A 1 23 ? 15.835  -0.379  9.338   1.00 10.54 ? 21  HIS A CE1 1 
ATOM   171  N NE2 . HIS A 1 23 ? 16.646  -1.136  10.050  1.00 16.17 ? 21  HIS A NE2 1 
ATOM   172  N N   . GLU A 1 24 ? 11.103  -4.287  10.589  1.00 14.02 ? 22  GLU A N   1 
ATOM   173  C CA  . GLU A 1 24 ? 9.787   -3.702  10.795  1.00 13.57 ? 22  GLU A CA  1 
ATOM   174  C C   . GLU A 1 24 ? 9.835   -2.691  11.934  1.00 14.30 ? 22  GLU A C   1 
ATOM   175  O O   . GLU A 1 24 ? 10.463  -2.935  12.978  1.00 15.64 ? 22  GLU A O   1 
ATOM   176  C CB  . GLU A 1 24 ? 8.724   -4.774  11.054  1.00 14.96 ? 22  GLU A CB  1 
ATOM   177  C CG  . GLU A 1 24 ? 7.328   -4.207  11.107  1.00 16.51 ? 22  GLU A CG  1 
ATOM   178  C CD  . GLU A 1 24 ? 6.257   -5.277  11.281  1.00 20.73 ? 22  GLU A CD  1 
ATOM   179  O OE1 . GLU A 1 24 ? 6.510   -6.446  10.954  1.00 21.32 ? 22  GLU A OE1 1 
ATOM   180  O OE2 . GLU A 1 24 ? 5.141   -4.922  11.711  1.00 20.45 ? 22  GLU A OE2 1 
ATOM   181  N N   . GLY A 1 25 ? 9.219   -1.533  11.731  1.00 13.76 ? 23  GLY A N   1 
ATOM   182  C CA  . GLY A 1 25 ? 9.226   -0.489  12.753  1.00 14.77 ? 23  GLY A CA  1 
ATOM   183  C C   . GLY A 1 25 ? 10.380  0.490   12.664  1.00 14.66 ? 23  GLY A C   1 
ATOM   184  O O   . GLY A 1 25 ? 10.374  1.533   13.368  1.00 16.33 ? 23  GLY A O   1 
ATOM   185  N N   . GLN A 1 26 ? 11.389  0.192   11.828  1.00 12.00 ? 24  GLN A N   1 
ATOM   186  C CA  . GLN A 1 26 ? 12.605  0.978   11.791  1.00 11.27 ? 24  GLN A CA  1 
ATOM   187  C C   . GLN A 1 26 ? 12.710  1.772   10.491  1.00 10.79 ? 24  GLN A C   1 
ATOM   188  O O   . GLN A 1 26 ? 11.849  1.677   9.669   1.00 10.54 ? 24  GLN A O   1 
ATOM   189  C CB  . GLN A 1 26 ? 13.845  0.081   11.980  1.00 12.35 ? 24  GLN A CB  1 
ATOM   190  C CG  . GLN A 1 26 ? 13.781  -0.701  13.284  1.00 14.83 ? 24  GLN A CG  1 
ATOM   191  C CD  . GLN A 1 26 ? 15.034  -1.552  13.491  1.00 16.17 ? 24  GLN A CD  1 
ATOM   192  O OE1 . GLN A 1 26 ? 14.957  -2.773  13.431  1.00 22.53 ? 24  GLN A OE1 1 
ATOM   193  N NE2 . GLN A 1 26 ? 16.182  -0.906  13.640  1.00 16.71 ? 24  GLN A NE2 1 
ATOM   194  N N   . VAL A 1 27 ? 13.777  2.527   10.340  1.00 10.30 ? 25  VAL A N   1 
ATOM   195  C CA  . VAL A 1 27 ? 13.899  3.500   9.225   1.00 9.29  ? 25  VAL A CA  1 
ATOM   196  C C   . VAL A 1 27 ? 14.600  2.883   8.032   1.00 8.70  ? 25  VAL A C   1 
ATOM   197  O O   . VAL A 1 27 ? 15.633  2.217   8.191   1.00 7.85  ? 25  VAL A O   1 
ATOM   198  C CB  . VAL A 1 27 ? 14.647  4.736   9.694   1.00 10.38 ? 25  VAL A CB  1 
ATOM   199  C CG1 . VAL A 1 27 ? 14.909  5.709   8.552   1.00 6.69  ? 25  VAL A CG1 1 
ATOM   200  C CG2 . VAL A 1 27 ? 13.873  5.436   10.789  1.00 13.21 ? 25  VAL A CG2 1 
ATOM   201  N N   . VAL A 1 28 ? 14.098  3.158   6.840   1.00 8.08  ? 26  VAL A N   1 
ATOM   202  C CA  . VAL A 1 28 ? 14.759  2.763   5.594   1.00 6.45  ? 26  VAL A CA  1 
ATOM   203  C C   . VAL A 1 28 ? 15.062  4.012   4.781   1.00 7.50  ? 26  VAL A C   1 
ATOM   204  O O   . VAL A 1 28 ? 14.354  4.997   4.892   1.00 7.25  ? 26  VAL A O   1 
ATOM   205  C CB  . VAL A 1 28 ? 13.841  1.802   4.780   1.00 8.30  ? 26  VAL A CB  1 
ATOM   206  C CG1 . VAL A 1 28 ? 13.729  0.472   5.565   1.00 9.19  ? 26  VAL A CG1 1 
ATOM   207  C CG2 . VAL A 1 28 ? 12.471  2.437   4.404   1.00 6.88  ? 26  VAL A CG2 1 
ATOM   208  N N   . GLU A 1 29 ? 16.093  3.940   3.938   1.00 6.97  ? 27  GLU A N   1 
ATOM   209  C CA  . GLU A 1 29 ? 16.390  4.929   2.942   1.00 6.42  ? 27  GLU A CA  1 
ATOM   210  C C   . GLU A 1 29 ? 16.099  4.232   1.616   1.00 6.68  ? 27  GLU A C   1 
ATOM   211  O O   . GLU A 1 29 ? 16.534  3.080   1.418   1.00 6.72  ? 27  GLU A O   1 
ATOM   212  C CB  . GLU A 1 29 ? 17.839  5.364   2.983   1.00 7.62  ? 27  GLU A CB  1 
ATOM   213  C CG  . GLU A 1 29 ? 18.162  6.397   1.892   1.00 7.09  ? 27  GLU A CG  1 
ATOM   214  C CD  . GLU A 1 29 ? 19.547  7.045   2.010   1.00 13.80 ? 27  GLU A CD  1 
ATOM   215  O OE1 . GLU A 1 29 ? 20.240  6.764   2.991   1.00 20.14 ? 27  GLU A OE1 1 
ATOM   216  O OE2 . GLU A 1 29 ? 19.932  7.820   1.088   1.00 14.73 ? 27  GLU A OE2 1 
ATOM   217  N N   . MET A 1 30 ? 15.362  4.901   0.746   1.00 8.32  ? 28  MET A N   1 
ATOM   218  C CA  . MET A 1 30 ? 14.962  4.331   -0.522  1.00 8.33  ? 28  MET A CA  1 
ATOM   219  C C   . MET A 1 30 ? 15.213  5.332   -1.627  1.00 10.24 ? 28  MET A C   1 
ATOM   220  O O   . MET A 1 30 ? 15.122  6.534   -1.434  1.00 9.89  ? 28  MET A O   1 
ATOM   221  C CB  . MET A 1 30 ? 13.513  3.831   -0.511  1.00 8.14  ? 28  MET A CB  1 
ATOM   222  C CG  . MET A 1 30 ? 13.220  2.620   0.426   1.00 9.24  ? 28  MET A CG  1 
ATOM   223  S SD  . MET A 1 30 ? 11.469  2.008   0.367   1.00 5.06  ? 28  MET A SD  1 
ATOM   224  C CE  . MET A 1 30 ? 11.540  1.348   -1.318  1.00 12.08 ? 28  MET A CE  1 
ATOM   225  N N   . THR A 1 31 ? 15.527  4.831   -2.825  1.00 11.65 ? 29  THR A N   1 
ATOM   226  C CA  . THR A 1 31 ? 15.569  5.722   -3.999  1.00 14.87 ? 29  THR A CA  1 
ATOM   227  C C   . THR A 1 31 ? 15.276  4.894   -5.241  1.00 19.01 ? 29  THR A C   1 
ATOM   228  O O   . THR A 1 31 ? 15.450  3.669   -5.230  1.00 17.31 ? 29  THR A O   1 
ATOM   229  C CB  . THR A 1 31 ? 16.937  6.454   -4.207  1.00 17.44 ? 29  THR A CB  1 
ATOM   230  O OG1 . THR A 1 31 ? 16.806  7.528   -5.182  1.00 19.67 ? 29  THR A OG1 1 
ATOM   231  C CG2 . THR A 1 31 ? 18.049  5.485   -4.619  1.00 16.11 ? 29  THR A CG2 1 
ATOM   232  N N   . LEU A 1 32 ? 14.833  5.566   -6.298  1.00 22.62 ? 30  LEU A N   1 
ATOM   233  C CA  . LEU A 1 32 ? 14.615  4.913   -7.613  1.00 26.24 ? 30  LEU A CA  1 
ATOM   234  C C   . LEU A 1 32 ? 15.924  4.666   -8.395  1.00 28.85 ? 30  LEU A C   1 
ATOM   235  O O   . LEU A 1 32 ? 16.777  5.539   -8.484  1.00 29.41 ? 30  LEU A O   1 
ATOM   236  C CB  . LEU A 1 32 ? 13.638  5.743   -8.465  1.00 26.79 ? 30  LEU A CB  1 
ATOM   237  C CG  . LEU A 1 32 ? 12.154  5.534   -8.201  1.00 28.02 ? 30  LEU A CG  1 
ATOM   238  C CD1 . LEU A 1 32 ? 11.315  6.651   -8.809  1.00 30.91 ? 30  LEU A CD1 1 
ATOM   239  C CD2 . LEU A 1 32 ? 11.639  4.163   -8.709  1.00 28.91 ? 30  LEU A CD2 1 
ATOM   240  N N   . GLU A 1 33 ? 16.085  3.454   -8.918  1.00 31.50 ? 31  GLU A N   1 
ATOM   241  C CA  . GLU A 1 33 ? 17.212  3.120   -9.795  1.00 33.77 ? 31  GLU A CA  1 
ATOM   242  C C   . GLU A 1 33 ? 17.030  3.902   -11.120 1.00 34.67 ? 31  GLU A C   1 
ATOM   243  O O   . GLU A 1 33 ? 15.921  3.926   -11.691 1.00 34.64 ? 31  GLU A O   1 
ATOM   244  C CB  . GLU A 1 33 ? 17.265  1.597   -10.045 1.00 34.06 ? 31  GLU A CB  1 
ATOM   245  C CG  . GLU A 1 33 ? 18.548  1.069   -10.765 1.00 37.12 ? 31  GLU A CG  1 
ATOM   246  C CD  . GLU A 1 33 ? 18.340  -0.154  -11.741 1.00 40.59 ? 31  GLU A CD  1 
ATOM   247  O OE1 . GLU A 1 33 ? 17.223  -0.730  -11.842 1.00 40.95 ? 31  GLU A OE1 1 
ATOM   248  O OE2 . GLU A 1 33 ? 19.328  -0.517  -12.445 1.00 43.63 ? 31  GLU A OE2 1 
ATOM   249  N N   . ASN A 1 34 ? 18.132  4.544   -11.540 1.00 36.41 ? 32  ASN A N   1 
ATOM   250  C CA  . ASN A 1 34 ? 18.302  5.375   -12.775 1.00 37.75 ? 32  ASN A CA  1 
ATOM   251  C C   . ASN A 1 34 ? 19.838  5.552   -13.090 1.00 36.84 ? 32  ASN A C   1 
ATOM   252  O O   . ASN A 1 34 ? 20.418  4.631   -13.680 1.00 37.98 ? 32  ASN A O   1 
ATOM   253  C CB  . ASN A 1 34 ? 17.568  6.729   -12.677 1.00 38.51 ? 32  ASN A CB  1 
ATOM   254  C CG  . ASN A 1 34 ? 17.719  7.389   -11.312 1.00 41.57 ? 32  ASN A CG  1 
ATOM   255  O OD1 . ASN A 1 34 ? 18.472  6.896   -10.453 1.00 42.22 ? 32  ASN A OD1 1 
ATOM   256  N ND2 . ASN A 1 34 ? 17.005  8.512   -11.101 1.00 43.88 ? 32  ASN A ND2 1 
ATOM   257  N N   . GLY A 1 35 ? 20.503  6.664   -12.683 1.00 35.93 ? 33  GLY A N   1 
ATOM   258  C CA  . GLY A 1 35 ? 21.986  6.895   -12.944 1.00 34.06 ? 33  GLY A CA  1 
ATOM   259  C C   . GLY A 1 35 ? 22.939  6.758   -11.731 1.00 33.53 ? 33  GLY A C   1 
ATOM   260  O O   . GLY A 1 35 ? 22.508  6.433   -10.626 1.00 31.58 ? 33  GLY A O   1 
ATOM   261  N N   . ARG A 1 36 ? 24.236  7.016   -11.923 1.00 31.64 ? 34  ARG A N   1 
ATOM   262  C CA  . ARG A 1 36 ? 25.239  6.774   -10.855 1.00 32.06 ? 34  ARG A CA  1 
ATOM   263  C C   . ARG A 1 36 ? 25.018  7.662   -9.621  1.00 31.86 ? 34  ARG A C   1 
ATOM   264  O O   . ARG A 1 36 ? 25.247  7.235   -8.476  1.00 31.50 ? 34  ARG A O   1 
ATOM   265  C CB  . ARG A 1 36 ? 26.668  6.994   -11.372 1.00 31.62 ? 34  ARG A CB  1 
ATOM   266  C CG  . ARG A 1 36 ? 27.762  6.593   -10.330 1.00 33.04 ? 34  ARG A CG  1 
ATOM   267  C CD  . ARG A 1 36 ? 29.131  6.871   -10.901 1.00 34.34 ? 34  ARG A CD  1 
ATOM   268  N NE  . ARG A 1 36 ? 30.234  6.391   -10.042 1.00 35.25 ? 34  ARG A NE  1 
ATOM   269  C CZ  . ARG A 1 36 ? 30.701  7.015   -8.955  1.00 35.67 ? 34  ARG A CZ  1 
ATOM   270  N NH1 . ARG A 1 36 ? 30.146  8.148   -8.527  1.00 34.97 ? 34  ARG A NH1 1 
ATOM   271  N NH2 . ARG A 1 36 ? 31.723  6.495   -8.273  1.00 36.23 ? 34  ARG A NH2 1 
ATOM   272  N N   . LYS A 1 37 ? 24.604  8.902   -9.891  1.00 31.70 ? 35  LYS A N   1 
ATOM   273  C CA  . LYS A 1 37 ? 24.311  9.873   -8.867  1.00 32.66 ? 35  LYS A CA  1 
ATOM   274  C C   . LYS A 1 37 ? 22.840  9.678   -8.446  1.00 32.68 ? 35  LYS A C   1 
ATOM   275  O O   . LYS A 1 37 ? 21.903  10.018  -9.162  1.00 31.25 ? 35  LYS A O   1 
ATOM   276  C CB  . LYS A 1 37 ? 24.575  11.296  -9.385  1.00 33.26 ? 35  LYS A CB  1 
ATOM   277  C CG  . LYS A 1 37 ? 24.351  12.398  -8.349  1.00 35.69 ? 35  LYS A CG  1 
ATOM   278  C CD  . LYS A 1 37 ? 24.073  13.773  -9.004  1.00 38.82 ? 35  LYS A CD  1 
ATOM   279  C CE  . LYS A 1 37 ? 22.799  13.749  -9.879  1.00 40.32 ? 35  LYS A CE  1 
ATOM   280  N NZ  . LYS A 1 37 ? 21.917  14.959  -9.636  1.00 41.88 ? 35  LYS A NZ  1 
ATOM   281  N N   . ARG A 1 38 ? 22.686  9.114   -7.252  1.00 33.17 ? 36  ARG A N   1 
ATOM   282  C CA  . ARG A 1 38 ? 21.398  8.820   -6.677  1.00 34.12 ? 36  ARG A CA  1 
ATOM   283  C C   . ARG A 1 38 ? 20.576  10.139  -6.521  1.00 34.71 ? 36  ARG A C   1 
ATOM   284  O O   . ARG A 1 38 ? 21.076  11.105  -5.950  1.00 34.99 ? 36  ARG A O   1 
ATOM   285  C CB  . ARG A 1 38 ? 21.626  8.118   -5.320  1.00 34.02 ? 36  ARG A CB  1 
ATOM   286  C CG  . ARG A 1 38 ? 22.488  6.802   -5.417  1.00 34.42 ? 36  ARG A CG  1 
ATOM   287  C CD  . ARG A 1 38 ? 21.680  5.704   -6.070  1.00 33.94 ? 36  ARG A CD  1 
ATOM   288  N NE  . ARG A 1 38 ? 22.316  4.363   -6.120  1.00 24.12 ? 36  ARG A NE  1 
ATOM   289  C CZ  . ARG A 1 38 ? 22.850  3.804   -7.211  1.00 25.04 ? 36  ARG A CZ  1 
ATOM   290  N NH1 . ARG A 1 38 ? 22.933  4.467   -8.378  1.00 24.10 ? 36  ARG A NH1 1 
ATOM   291  N NH2 . ARG A 1 38 ? 23.323  2.557   -7.150  1.00 17.88 ? 36  ARG A NH2 1 
ATOM   292  N N   . GLN A 1 39 ? 19.346  10.175  -7.029  1.00 35.03 ? 37  GLN A N   1 
ATOM   293  C CA  . GLN A 1 39 ? 18.520  11.377  -6.857  1.00 35.31 ? 37  GLN A CA  1 
ATOM   294  C C   . GLN A 1 39 ? 17.227  11.160  -6.080  1.00 33.39 ? 37  GLN A C   1 
ATOM   295  O O   . GLN A 1 39 ? 16.583  10.106  -6.188  1.00 34.37 ? 37  GLN A O   1 
ATOM   296  C CB  . GLN A 1 39 ? 18.274  12.052  -8.220  1.00 36.16 ? 37  GLN A CB  1 
ATOM   297  C CG  . GLN A 1 39 ? 19.475  12.913  -8.622  1.00 40.14 ? 37  GLN A CG  1 
ATOM   298  C CD  . GLN A 1 39 ? 19.916  13.845  -7.462  1.00 45.30 ? 37  GLN A CD  1 
ATOM   299  O OE1 . GLN A 1 39 ? 21.093  13.864  -7.042  1.00 46.83 ? 37  GLN A OE1 1 
ATOM   300  N NE2 . GLN A 1 39 ? 18.947  14.603  -6.924  1.00 48.65 ? 37  GLN A NE2 1 
ATOM   301  N N   . LYS A 1 40 ? 16.852  12.177  -5.299  1.00 30.86 ? 38  LYS A N   1 
ATOM   302  C CA  . LYS A 1 40 ? 15.568  12.157  -4.570  1.00 28.52 ? 38  LYS A CA  1 
ATOM   303  C C   . LYS A 1 40 ? 15.458  10.942  -3.639  1.00 24.16 ? 38  LYS A C   1 
ATOM   304  O O   . LYS A 1 40 ? 14.397  10.332  -3.535  1.00 25.53 ? 38  LYS A O   1 
ATOM   305  C CB  . LYS A 1 40 ? 14.369  12.203  -5.527  1.00 29.77 ? 38  LYS A CB  1 
ATOM   306  C CG  . LYS A 1 40 ? 14.095  13.585  -6.164  1.00 34.15 ? 38  LYS A CG  1 
ATOM   307  C CD  . LYS A 1 40 ? 13.425  14.542  -5.130  1.00 38.19 ? 38  LYS A CD  1 
ATOM   308  C CE  . LYS A 1 40 ? 13.993  15.952  -5.236  1.00 39.60 ? 38  LYS A CE  1 
ATOM   309  N NZ  . LYS A 1 40 ? 13.709  16.543  -6.584  1.00 41.43 ? 38  LYS A NZ  1 
ATOM   310  N N   . ASN A 1 41 ? 16.550  10.607  -2.977  1.00 18.36 ? 39  ASN A N   1 
ATOM   311  C CA  . ASN A 1 41 ? 16.498  9.635   -1.871  1.00 15.45 ? 39  ASN A CA  1 
ATOM   312  C C   . ASN A 1 41 ? 15.503  10.116  -0.801  1.00 12.69 ? 39  ASN A C   1 
ATOM   313  O O   . ASN A 1 41 ? 15.334  11.341  -0.590  1.00 12.01 ? 39  ASN A O   1 
ATOM   314  C CB  . ASN A 1 41 ? 17.819  9.426   -1.209  1.00 15.84 ? 39  ASN A CB  1 
ATOM   315  C CG  . ASN A 1 41 ? 18.883  8.912   -2.167  1.00 17.95 ? 39  ASN A CG  1 
ATOM   316  O OD1 . ASN A 1 41 ? 18.800  9.129   -3.369  1.00 23.12 ? 39  ASN A OD1 1 
ATOM   317  N ND2 . ASN A 1 41 ? 19.859  8.229   -1.637  1.00 18.12 ? 39  ASN A ND2 1 
ATOM   318  N N   . ARG A 1 42 ? 14.852  9.151   -0.164  1.00 10.82 ? 40  ARG A N   1 
ATOM   319  C CA  . ARG A 1 42 ? 13.840  9.442   0.869   1.00 9.58  ? 40  ARG A CA  1 
ATOM   320  C C   . ARG A 1 42 ? 14.032  8.515   2.043   1.00 9.12  ? 40  ARG A C   1 
ATOM   321  O O   . ARG A 1 42 ? 14.385  7.352   1.879   1.00 7.77  ? 40  ARG A O   1 
ATOM   322  C CB  . ARG A 1 42 ? 12.397  9.363   0.293   1.00 10.07 ? 40  ARG A CB  1 
ATOM   323  C CG  . ARG A 1 42 ? 12.116  8.232   -0.611  1.00 13.64 ? 40  ARG A CG  1 
ATOM   324  C CD  . ARG A 1 42 ? 10.709  8.349   -1.252  1.00 15.60 ? 40  ARG A CD  1 
ATOM   325  N NE  . ARG A 1 42 ? 10.502  7.201   -2.102  1.00 20.96 ? 40  ARG A NE  1 
ATOM   326  C CZ  . ARG A 1 42 ? 9.337   6.800   -2.555  1.00 20.46 ? 40  ARG A CZ  1 
ATOM   327  N NH1 . ARG A 1 42 ? 8.222   7.468   -2.234  1.00 22.25 ? 40  ARG A NH1 1 
ATOM   328  N NH2 . ARG A 1 42 ? 9.301   5.750   -3.348  1.00 22.67 ? 40  ARG A NH2 1 
ATOM   329  N N   . LEU A 1 43 ? 13.814  9.040   3.240   1.00 7.62  ? 41  LEU A N   1 
ATOM   330  C CA  . LEU A 1 43 ? 13.734  8.252   4.424   1.00 7.23  ? 41  LEU A CA  1 
ATOM   331  C C   . LEU A 1 43 ? 12.276  7.973   4.843   1.00 6.63  ? 41  LEU A C   1 
ATOM   332  O O   . LEU A 1 43 ? 11.459  8.858   4.765   1.00 6.41  ? 41  LEU A O   1 
ATOM   333  C CB  . LEU A 1 43 ? 14.418  8.987   5.582   1.00 6.88  ? 41  LEU A CB  1 
ATOM   334  C CG  . LEU A 1 43 ? 15.880  9.389   5.411   1.00 8.90  ? 41  LEU A CG  1 
ATOM   335  C CD1 . LEU A 1 43 ? 16.419  9.882   6.767   1.00 7.19  ? 41  LEU A CD1 1 
ATOM   336  C CD2 . LEU A 1 43 ? 16.745  8.223   4.917   1.00 9.74  ? 41  LEU A CD2 1 
ATOM   337  N N   . GLY A 1 44 ? 11.994  6.731   5.235   1.00 5.36  ? 42  GLY A N   1 
ATOM   338  C CA  . GLY A 1 44 ? 10.686  6.371   5.733   1.00 6.42  ? 42  GLY A CA  1 
ATOM   339  C C   . GLY A 1 44 ? 10.735  5.324   6.788   1.00 8.01  ? 42  GLY A C   1 
ATOM   340  O O   . GLY A 1 44 ? 11.780  4.771   7.056   1.00 8.25  ? 42  GLY A O   1 
ATOM   341  N N   . LYS A 1 45 ? 9.602   5.118   7.453   1.00 8.22  ? 43  LYS A N   1 
ATOM   342  C CA  . LYS A 1 45 ? 9.476   4.129   8.505   1.00 10.28 ? 43  LYS A CA  1 
ATOM   343  C C   . LYS A 1 45 ? 8.797   2.918   7.904   1.00 8.94  ? 43  LYS A C   1 
ATOM   344  O O   . LYS A 1 45 ? 7.776   3.021   7.192   1.00 7.81  ? 43  LYS A O   1 
ATOM   345  C CB  . LYS A 1 45 ? 8.703   4.710   9.687   1.00 10.67 ? 43  LYS A CB  1 
ATOM   346  C CG  . LYS A 1 45 ? 8.698   3.815   10.899  1.00 19.04 ? 43  LYS A CG  1 
ATOM   347  C CD  . LYS A 1 45 ? 7.839   4.380   12.056  1.00 26.66 ? 43  LYS A CD  1 
ATOM   348  C CE  . LYS A 1 45 ? 7.404   3.266   13.056  1.00 29.73 ? 43  LYS A CE  1 
ATOM   349  N NZ  . LYS A 1 45 ? 6.238   2.453   12.570  1.00 34.86 ? 43  LYS A NZ  1 
ATOM   350  N N   . LEU A 1 46 ? 9.387   1.753   8.143   1.00 9.06  ? 44  LEU A N   1 
ATOM   351  C CA  . LEU A 1 46 ? 8.839   0.519   7.638   1.00 9.69  ? 44  LEU A CA  1 
ATOM   352  C C   . LEU A 1 46 ? 7.692   0.130   8.544   1.00 10.79 ? 44  LEU A C   1 
ATOM   353  O O   . LEU A 1 46 ? 7.905   -0.478  9.590   1.00 12.12 ? 44  LEU A O   1 
ATOM   354  C CB  . LEU A 1 46 ? 9.940   -0.557  7.598   1.00 10.53 ? 44  LEU A CB  1 
ATOM   355  C CG  . LEU A 1 46 ? 9.523   -1.913  7.053   1.00 13.63 ? 44  LEU A CG  1 
ATOM   356  C CD1 . LEU A 1 46 ? 9.008   -1.800  5.680   1.00 13.55 ? 44  LEU A CD1 1 
ATOM   357  C CD2 . LEU A 1 46 ? 10.729  -2.819  7.046   1.00 14.16 ? 44  LEU A CD2 1 
ATOM   358  N N   . ILE A 1 47 ? 6.460   0.471   8.178   1.00 10.95 ? 45  ILE A N   1 
ATOM   359  C CA  . ILE A 1 47 ? 5.359   0.376   9.133   1.00 11.51 ? 45  ILE A CA  1 
ATOM   360  C C   . ILE A 1 47 ? 4.562   -0.956  9.095   1.00 11.81 ? 45  ILE A C   1 
ATOM   361  O O   . ILE A 1 47 ? 3.958   -1.342  10.110  1.00 12.51 ? 45  ILE A O   1 
ATOM   362  C CB  . ILE A 1 47 ? 4.375   1.572   9.015   1.00 11.87 ? 45  ILE A CB  1 
ATOM   363  C CG1 . ILE A 1 47 ? 3.793   1.701   7.613   1.00 11.11 ? 45  ILE A CG1 1 
ATOM   364  C CG2 . ILE A 1 47 ? 5.036   2.878   9.466   1.00 12.05 ? 45  ILE A CG2 1 
ATOM   365  C CD1 . ILE A 1 47 ? 2.552   2.655   7.626   1.00 9.96  ? 45  ILE A CD1 1 
ATOM   366  N N   . GLU A 1 48 ? 4.509   -1.600  7.941   1.00 11.52 ? 46  GLU A N   1 
ATOM   367  C CA  . GLU A 1 48 ? 3.875   -2.917  7.859   1.00 13.23 ? 46  GLU A CA  1 
ATOM   368  C C   . GLU A 1 48 ? 4.688   -3.859  6.964   1.00 14.14 ? 46  GLU A C   1 
ATOM   369  O O   . GLU A 1 48 ? 5.270   -3.455  5.969   1.00 13.50 ? 46  GLU A O   1 
ATOM   370  C CB  . GLU A 1 48 ? 2.419   -2.837  7.332   1.00 12.72 ? 46  GLU A CB  1 
ATOM   371  C CG  . GLU A 1 48 ? 1.468   -1.964  8.100   1.00 12.25 ? 46  GLU A CG  1 
ATOM   372  C CD  . GLU A 1 48 ? 1.165   -2.394  9.559   1.00 18.33 ? 46  GLU A CD  1 
ATOM   373  O OE1 . GLU A 1 48 ? 1.411   -3.564  9.960   1.00 18.00 ? 46  GLU A OE1 1 
ATOM   374  O OE2 . GLU A 1 48 ? 0.694   -1.521  10.318  1.00 17.22 ? 46  GLU A OE2 1 
ATOM   375  N N   . VAL A 1 49 ? 4.673   -5.154  7.317   1.00 13.63 ? 47  VAL A N   1 
ATOM   376  C CA  . VAL A 1 49 ? 5.271   -6.214  6.500   1.00 13.51 ? 47  VAL A CA  1 
ATOM   377  C C   . VAL A 1 49 ? 4.208   -7.295  6.260   1.00 13.99 ? 47  VAL A C   1 
ATOM   378  O O   . VAL A 1 49 ? 3.622   -7.757  7.223   1.00 15.30 ? 47  VAL A O   1 
ATOM   379  C CB  . VAL A 1 49 ? 6.518   -6.771  7.194   1.00 15.38 ? 47  VAL A CB  1 
ATOM   380  C CG1 . VAL A 1 49 ? 7.097   -7.936  6.392   1.00 15.39 ? 47  VAL A CG1 1 
ATOM   381  C CG2 . VAL A 1 49 ? 7.558   -5.601  7.409   1.00 13.86 ? 47  VAL A CG2 1 
ATOM   382  N N   . TYR A 1 50 ? 3.894   -7.574  4.997   1.00 12.54 ? 48  TYR A N   1 
ATOM   383  C CA  . TYR A 1 50 ? 2.945   -8.624  4.604   1.00 14.41 ? 48  TYR A CA  1 
ATOM   384  C C   . TYR A 1 50 ? 3.663   -9.655  3.758   1.00 15.36 ? 48  TYR A C   1 
ATOM   385  O O   . TYR A 1 50 ? 4.828   -9.440  3.359   1.00 14.65 ? 48  TYR A O   1 
ATOM   386  C CB  . TYR A 1 50 ? 1.797   -8.047  3.769   1.00 14.96 ? 48  TYR A CB  1 
ATOM   387  C CG  . TYR A 1 50 ? 0.761   -7.280  4.590   1.00 15.65 ? 48  TYR A CG  1 
ATOM   388  C CD1 . TYR A 1 50 ? -0.435  -7.892  4.941   1.00 18.94 ? 48  TYR A CD1 1 
ATOM   389  C CD2 . TYR A 1 50 ? 0.960   -5.948  5.005   1.00 16.90 ? 48  TYR A CD2 1 
ATOM   390  C CE1 . TYR A 1 50 ? -1.412  -7.220  5.672   1.00 18.98 ? 48  TYR A CE1 1 
ATOM   391  C CE2 . TYR A 1 50 ? -0.039  -5.256  5.731   1.00 17.42 ? 48  TYR A CE2 1 
ATOM   392  C CZ  . TYR A 1 50 ? -1.222  -5.932  6.074   1.00 19.46 ? 48  TYR A CZ  1 
ATOM   393  O OH  . TYR A 1 50 ? -2.225  -5.344  6.806   1.00 20.34 ? 48  TYR A OH  1 
ATOM   394  N N   . PRO A 1 51 ? 2.970   -10.770 3.452   1.00 16.99 ? 49  PRO A N   1 
ATOM   395  C CA  . PRO A 1 51 ? 3.591   -11.811 2.651   1.00 17.29 ? 49  PRO A CA  1 
ATOM   396  C C   . PRO A 1 51 ? 3.982   -11.400 1.241   1.00 16.59 ? 49  PRO A C   1 
ATOM   397  O O   . PRO A 1 51 ? 4.995   -11.903 0.744   1.00 17.87 ? 49  PRO A O   1 
ATOM   398  C CB  . PRO A 1 51 ? 2.490   -12.914 2.620   1.00 18.13 ? 49  PRO A CB  1 
ATOM   399  C CG  . PRO A 1 51 ? 1.892   -12.803 4.036   1.00 18.41 ? 49  PRO A CG  1 
ATOM   400  C CD  . PRO A 1 51 ? 1.766   -11.285 4.174   1.00 18.32 ? 49  PRO A CD  1 
ATOM   401  N N   . SER A 1 52 ? 3.213   -10.518 0.622   1.00 15.94 ? 50  SER A N   1 
ATOM   402  C CA  . SER A 1 52 ? 3.419   -10.126 -0.781  1.00 16.31 ? 50  SER A CA  1 
ATOM   403  C C   . SER A 1 52 ? 4.002   -8.722  -0.899  1.00 16.91 ? 50  SER A C   1 
ATOM   404  O O   . SER A 1 52 ? 4.476   -8.355  -1.962  1.00 19.08 ? 50  SER A O   1 
ATOM   405  C CB  . SER A 1 52 ? 2.114   -10.140 -1.577  1.00 15.92 ? 50  SER A CB  1 
ATOM   406  O OG  . SER A 1 52 ? 1.064   -9.279  -1.040  1.00 20.91 ? 50  SER A OG  1 
ATOM   407  N N   . LEU A 1 53 ? 3.975   -7.965  0.180   1.00 15.29 ? 51  LEU A N   1 
ATOM   408  C CA  . LEU A 1 53 ? 4.458   -6.552  0.103   1.00 13.28 ? 51  LEU A CA  1 
ATOM   409  C C   . LEU A 1 53 ? 4.734   -5.967  1.432   1.00 12.32 ? 51  LEU A C   1 
ATOM   410  O O   . LEU A 1 53 ? 4.472   -6.589  2.435   1.00 10.77 ? 51  LEU A O   1 
ATOM   411  C CB  . LEU A 1 53 ? 3.469   -5.698  -0.647  1.00 14.03 ? 51  LEU A CB  1 
ATOM   412  C CG  . LEU A 1 53 ? 2.043   -5.522  -0.149  1.00 17.02 ? 51  LEU A CG  1 
ATOM   413  C CD1 . LEU A 1 53 ? 1.974   -4.596  1.050   1.00 17.62 ? 51  LEU A CD1 1 
ATOM   414  C CD2 . LEU A 1 53 ? 1.272   -4.866  -1.343  1.00 21.79 ? 51  LEU A CD2 1 
ATOM   415  N N   . PHE A 1 54 ? 5.307   -4.747  1.418   1.00 10.40 ? 52  PHE A N   1 
ATOM   416  C CA  . PHE A 1 54 ? 5.552   -4.021  2.625   1.00 9.07  ? 52  PHE A CA  1 
ATOM   417  C C   . PHE A 1 54 ? 5.165   -2.528  2.397   1.00 8.87  ? 52  PHE A C   1 
ATOM   418  O O   . PHE A 1 54 ? 5.020   -2.085  1.289   1.00 8.80  ? 52  PHE A O   1 
ATOM   419  C CB  . PHE A 1 54 ? 6.994   -4.213  3.104   1.00 8.41  ? 52  PHE A CB  1 
ATOM   420  C CG  . PHE A 1 54 ? 8.039   -3.726  2.129   1.00 8.26  ? 52  PHE A CG  1 
ATOM   421  C CD1 . PHE A 1 54 ? 8.579   -2.451  2.248   1.00 9.31  ? 52  PHE A CD1 1 
ATOM   422  C CD2 . PHE A 1 54 ? 8.506   -4.542  1.127   1.00 12.55 ? 52  PHE A CD2 1 
ATOM   423  C CE1 . PHE A 1 54 ? 9.567   -2.007  1.383   1.00 8.55  ? 52  PHE A CE1 1 
ATOM   424  C CE2 . PHE A 1 54 ? 9.511   -4.093  0.259   1.00 12.26 ? 52  PHE A CE2 1 
ATOM   425  C CZ  . PHE A 1 54 ? 10.013  -2.841  0.374   1.00 8.34  ? 52  PHE A CZ  1 
ATOM   426  N N   . ILE A 1 55 ? 4.969   -1.830  3.494   1.00 8.86  ? 53  ILE A N   1 
ATOM   427  C CA  . ILE A 1 55 ? 4.417   -0.498  3.478   1.00 9.55  ? 53  ILE A CA  1 
ATOM   428  C C   . ILE A 1 55 ? 5.372   0.422   4.230   1.00 7.51  ? 53  ILE A C   1 
ATOM   429  O O   . ILE A 1 55 ? 5.805   0.156   5.362   1.00 8.16  ? 53  ILE A O   1 
ATOM   430  C CB  . ILE A 1 55 ? 3.016   -0.460  4.097   1.00 10.08 ? 53  ILE A CB  1 
ATOM   431  C CG1 . ILE A 1 55 ? 2.128   -1.531  3.451   1.00 13.19 ? 53  ILE A CG1 1 
ATOM   432  C CG2 . ILE A 1 55 ? 2.403   0.997   3.957   1.00 8.46  ? 53  ILE A CG2 1 
ATOM   433  C CD1 . ILE A 1 55 ? 0.695   -1.573  4.034   1.00 13.10 ? 53  ILE A CD1 1 
ATOM   434  N N   . VAL A 1 56 ? 5.699   1.525   3.593   1.00 7.33  ? 54  VAL A N   1 
ATOM   435  C CA  . VAL A 1 56 ? 6.593   2.510   4.160   1.00 6.88  ? 54  VAL A CA  1 
ATOM   436  C C   . VAL A 1 56 ? 5.855   3.870   4.292   1.00 7.73  ? 54  VAL A C   1 
ATOM   437  O O   . VAL A 1 56 ? 5.171   4.299   3.362   1.00 7.18  ? 54  VAL A O   1 
ATOM   438  C CB  . VAL A 1 56 ? 7.858   2.675   3.268   1.00 7.83  ? 54  VAL A CB  1 
ATOM   439  C CG1 . VAL A 1 56 ? 8.844   3.716   3.857   1.00 5.82  ? 54  VAL A CG1 1 
ATOM   440  C CG2 . VAL A 1 56 ? 8.596   1.335   3.130   1.00 6.19  ? 54  VAL A CG2 1 
ATOM   441  N N   . GLU A 1 57 ? 6.024   4.535   5.428   1.00 8.14  ? 55  GLU A N   1 
ATOM   442  C CA  . GLU A 1 57 ? 5.539   5.915   5.618   1.00 8.30  ? 55  GLU A CA  1 
ATOM   443  C C   . GLU A 1 57 ? 6.689   6.879   5.435   1.00 7.63  ? 55  GLU A C   1 
ATOM   444  O O   . GLU A 1 57 ? 7.690   6.801   6.145   1.00 8.00  ? 55  GLU A O   1 
ATOM   445  C CB  . GLU A 1 57 ? 4.989   6.117   7.008   1.00 8.75  ? 55  GLU A CB  1 
ATOM   446  C CG  . GLU A 1 57 ? 4.397   7.492   7.263   1.00 11.48 ? 55  GLU A CG  1 
ATOM   447  C CD  . GLU A 1 57 ? 4.325   7.795   8.766   1.00 19.76 ? 55  GLU A CD  1 
ATOM   448  O OE1 . GLU A 1 57 ? 5.317   8.289   9.341   1.00 19.47 ? 55  GLU A OE1 1 
ATOM   449  O OE2 . GLU A 1 57 ? 3.254   7.546   9.379   1.00 23.06 ? 55  GLU A OE2 1 
ATOM   450  N N   . PHE A 1 58 ? 6.516   7.798   4.528   1.00 6.56  ? 56  PHE A N   1 
ATOM   451  C CA  . PHE A 1 58 ? 7.532   8.804   4.209   1.00 6.74  ? 56  PHE A CA  1 
ATOM   452  C C   . PHE A 1 58 ? 7.140   10.156  4.684   1.00 7.90  ? 56  PHE A C   1 
ATOM   453  O O   . PHE A 1 58 ? 5.956   10.515  4.651   1.00 9.47  ? 56  PHE A O   1 
ATOM   454  C CB  . PHE A 1 58 ? 7.698   8.882   2.696   1.00 6.57  ? 56  PHE A CB  1 
ATOM   455  C CG  . PHE A 1 58 ? 8.294   7.655   2.079   1.00 7.89  ? 56  PHE A CG  1 
ATOM   456  C CD1 . PHE A 1 58 ? 9.647   7.368   2.199   1.00 6.83  ? 56  PHE A CD1 1 
ATOM   457  C CD2 . PHE A 1 58 ? 7.494   6.797   1.352   1.00 10.01 ? 56  PHE A CD2 1 
ATOM   458  C CE1 . PHE A 1 58 ? 10.169  6.240   1.620   1.00 8.85  ? 56  PHE A CE1 1 
ATOM   459  C CE2 . PHE A 1 58 ? 8.053   5.669   0.755   1.00 10.20 ? 56  PHE A CE2 1 
ATOM   460  C CZ  . PHE A 1 58 ? 9.370   5.404   0.905   1.00 10.02 ? 56  PHE A CZ  1 
ATOM   461  N N   . GLY A 1 59 ? 8.136   10.942  5.059   1.00 7.85  ? 57  GLY A N   1 
ATOM   462  C CA  . GLY A 1 59 ? 7.926   12.354  5.400   1.00 7.98  ? 57  GLY A CA  1 
ATOM   463  C C   . GLY A 1 59 ? 7.964   12.717  6.840   1.00 6.41  ? 57  GLY A C   1 
ATOM   464  O O   . GLY A 1 59 ? 7.992   13.898  7.159   1.00 9.54  ? 57  GLY A O   1 
ATOM   465  N N   . ASP A 1 60 ? 8.010   11.744  7.731   1.00 9.05  ? 58  ASP A N   1 
ATOM   466  C CA  . ASP A 1 60 ? 8.070   12.042  9.164   1.00 11.74 ? 58  ASP A CA  1 
ATOM   467  C C   . ASP A 1 60 ? 9.308   11.549  9.874   1.00 11.77 ? 58  ASP A C   1 
ATOM   468  O O   . ASP A 1 60 ? 9.304   11.525  11.101  1.00 12.33 ? 58  ASP A O   1 
ATOM   469  C CB  . ASP A 1 60 ? 6.805   11.506  9.844   1.00 12.70 ? 58  ASP A CB  1 
ATOM   470  C CG  . ASP A 1 60 ? 6.373   12.327  11.042  1.00 19.69 ? 58  ASP A CG  1 
ATOM   471  O OD1 . ASP A 1 60 ? 6.607   13.569  11.076  1.00 21.87 ? 58  ASP A OD1 1 
ATOM   472  O OD2 . ASP A 1 60 ? 5.796   11.686  11.955  1.00 23.71 ? 58  ASP A OD2 1 
ATOM   473  N N   . VAL A 1 61 ? 10.366  11.177  9.152   1.00 9.80  ? 59  VAL A N   1 
ATOM   474  C CA  . VAL A 1 61 ? 11.632  10.772  9.762   1.00 9.69  ? 59  VAL A CA  1 
ATOM   475  C C   . VAL A 1 61 ? 12.506  11.997  9.966   1.00 10.00 ? 59  VAL A C   1 
ATOM   476  O O   . VAL A 1 61 ? 12.731  12.793  9.047   1.00 9.85  ? 59  VAL A O   1 
ATOM   477  C CB  . VAL A 1 61 ? 12.354  9.735   8.856   1.00 9.73  ? 59  VAL A CB  1 
ATOM   478  C CG1 . VAL A 1 61 ? 13.748  9.289   9.422   1.00 9.47  ? 59  VAL A CG1 1 
ATOM   479  C CG2 . VAL A 1 61 ? 11.450  8.551   8.589   1.00 9.78  ? 59  VAL A CG2 1 
ATOM   480  N N   . GLU A 1 62 ? 12.998  12.155  11.190  1.00 10.93 ? 60  GLU A N   1 
ATOM   481  C CA  . GLU A 1 62 ? 13.927  13.249  11.525  1.00 13.94 ? 60  GLU A CA  1 
ATOM   482  C C   . GLU A 1 62 ? 15.089  13.300  10.579  1.00 11.72 ? 60  GLU A C   1 
ATOM   483  O O   . GLU A 1 62 ? 15.709  12.292  10.280  1.00 12.57 ? 60  GLU A O   1 
ATOM   484  C CB  . GLU A 1 62 ? 14.421  13.136  12.978  1.00 16.13 ? 60  GLU A CB  1 
ATOM   485  C CG  . GLU A 1 62 ? 13.348  13.567  13.947  1.00 22.97 ? 60  GLU A CG  1 
ATOM   486  C CD  . GLU A 1 62 ? 13.851  13.728  15.346  1.00 31.96 ? 60  GLU A CD  1 
ATOM   487  O OE1 . GLU A 1 62 ? 14.950  13.170  15.672  1.00 35.88 ? 60  GLU A OE1 1 
ATOM   488  O OE2 . GLU A 1 62 ? 13.131  14.423  16.115  1.00 40.36 ? 60  GLU A OE2 1 
ATOM   489  N N   . GLY A 1 63 ? 15.318  14.478  10.014  1.00 12.68 ? 61  GLY A N   1 
ATOM   490  C CA  . GLY A 1 63 ? 16.370  14.672  8.993   1.00 12.67 ? 61  GLY A CA  1 
ATOM   491  C C   . GLY A 1 63 ? 15.868  14.619  7.567   1.00 12.38 ? 61  GLY A C   1 
ATOM   492  O O   . GLY A 1 63 ? 16.567  15.053  6.631   1.00 11.64 ? 61  GLY A O   1 
ATOM   493  N N   . ASP A 1 64 ? 14.667  14.066  7.390   1.00 10.99 ? 62  ASP A N   1 
ATOM   494  C CA  . ASP A 1 64 ? 13.998  14.081  6.090   1.00 11.24 ? 62  ASP A CA  1 
ATOM   495  C C   . ASP A 1 64 ? 12.518  14.369  6.240   1.00 9.07  ? 62  ASP A C   1 
ATOM   496  O O   . ASP A 1 64 ? 11.652  13.813  5.526   1.00 9.51  ? 62  ASP A O   1 
ATOM   497  C CB  . ASP A 1 64 ? 14.252  12.790  5.332   1.00 11.91 ? 62  ASP A CB  1 
ATOM   498  C CG  . ASP A 1 64 ? 13.780  12.857  3.878   1.00 13.73 ? 62  ASP A CG  1 
ATOM   499  O OD1 . ASP A 1 64 ? 13.923  13.908  3.221   1.00 12.90 ? 62  ASP A OD1 1 
ATOM   500  O OD2 . ASP A 1 64 ? 13.247  11.839  3.384   1.00 12.31 ? 62  ASP A OD2 1 
ATOM   501  N N   . LYS A 1 65 ? 12.194  15.310  7.127   1.00 9.10  ? 63  LYS A N   1 
ATOM   502  C CA  . LYS A 1 65 ? 10.814  15.667  7.311   1.00 9.92  ? 63  LYS A CA  1 
ATOM   503  C C   . LYS A 1 65 ? 10.303  16.438  6.097   1.00 9.61  ? 63  LYS A C   1 
ATOM   504  O O   . LYS A 1 65 ? 11.013  17.321  5.554   1.00 10.14 ? 63  LYS A O   1 
ATOM   505  C CB  . LYS A 1 65 ? 10.603  16.512  8.550   1.00 11.41 ? 63  LYS A CB  1 
ATOM   506  C CG  . LYS A 1 65 ? 10.985  15.831  9.811   1.00 15.02 ? 63  LYS A CG  1 
ATOM   507  C CD  . LYS A 1 65 ? 9.801   15.406  10.607  1.00 19.17 ? 63  LYS A CD  1 
ATOM   508  C CE  . LYS A 1 65 ? 10.212  14.869  11.980  1.00 22.17 ? 63  LYS A CE  1 
ATOM   509  N NZ  . LYS A 1 65 ? 9.133   14.042  12.566  1.00 26.66 ? 63  LYS A NZ  1 
ATOM   510  N N   . GLN A 1 66 ? 9.070   16.154  5.730   1.00 8.63  ? 64  GLN A N   1 
ATOM   511  C CA  . GLN A 1 66 ? 8.434   16.790  4.584   1.00 8.48  ? 64  GLN A CA  1 
ATOM   512  C C   . GLN A 1 66 ? 7.068   17.323  4.983   1.00 8.46  ? 64  GLN A C   1 
ATOM   513  O O   . GLN A 1 66 ? 6.395   16.811  5.891   1.00 9.56  ? 64  GLN A O   1 
ATOM   514  C CB  . GLN A 1 66 ? 8.242   15.790  3.445   1.00 10.55 ? 64  GLN A CB  1 
ATOM   515  C CG  . GLN A 1 66 ? 9.491   15.051  2.953   1.00 13.93 ? 64  GLN A CG  1 
ATOM   516  C CD  . GLN A 1 66 ? 10.439  15.942  2.226   1.00 18.40 ? 64  GLN A CD  1 
ATOM   517  O OE1 . GLN A 1 66 ? 10.011  16.829  1.488   1.00 22.52 ? 64  GLN A OE1 1 
ATOM   518  N NE2 . GLN A 1 66 ? 11.735  15.776  2.468   1.00 20.08 ? 64  GLN A NE2 1 
ATOM   519  N N   . VAL A 1 67 ? 6.600   18.298  4.228   1.00 8.40  ? 65  VAL A N   1 
ATOM   520  C CA  . VAL A 1 67 ? 5.294   18.878  4.451   1.00 8.41  ? 65  VAL A CA  1 
ATOM   521  C C   . VAL A 1 67 ? 4.202   17.789  4.354   1.00 10.01 ? 65  VAL A C   1 
ATOM   522  O O   . VAL A 1 67 ? 3.353   17.710  5.234   1.00 11.71 ? 65  VAL A O   1 
ATOM   523  C CB  . VAL A 1 67 ? 5.029   19.986  3.431   1.00 6.90  ? 65  VAL A CB  1 
ATOM   524  C CG1 . VAL A 1 67 ? 3.569   20.431  3.458   1.00 9.93  ? 65  VAL A CG1 1 
ATOM   525  C CG2 . VAL A 1 67 ? 6.023   21.216  3.672   1.00 4.91  ? 65  VAL A CG2 1 
ATOM   526  N N   . ASN A 1 68 ? 4.274   16.970  3.313   1.00 10.87 ? 66  ASN A N   1 
ATOM   527  C CA  . ASN A 1 68 ? 3.348   15.859  3.089   1.00 13.57 ? 66  ASN A CA  1 
ATOM   528  C C   . ASN A 1 68 ? 3.930   14.529  3.610   1.00 11.38 ? 66  ASN A C   1 
ATOM   529  O O   . ASN A 1 68 ? 4.989   14.056  3.157   1.00 12.64 ? 66  ASN A O   1 
ATOM   530  C CB  . ASN A 1 68 ? 2.986   15.710  1.599   1.00 15.53 ? 66  ASN A CB  1 
ATOM   531  C CG  . ASN A 1 68 ? 1.752   14.775  1.357   1.00 22.64 ? 66  ASN A CG  1 
ATOM   532  O OD1 . ASN A 1 68 ? 0.654   14.990  1.906   1.00 31.99 ? 66  ASN A OD1 1 
ATOM   533  N ND2 . ASN A 1 68 ? 1.940   13.745  0.491   1.00 30.60 ? 66  ASN A ND2 1 
ATOM   534  N N   . VAL A 1 69 ? 3.195   13.940  4.523   1.00 10.99 ? 67  VAL A N   1 
ATOM   535  C CA  . VAL A 1 69 ? 3.516   12.588  5.056   1.00 10.82 ? 67  VAL A CA  1 
ATOM   536  C C   . VAL A 1 69 ? 2.567   11.653  4.299   1.00 10.22 ? 67  VAL A C   1 
ATOM   537  O O   . VAL A 1 69 ? 1.327   11.905  4.229   1.00 10.42 ? 67  VAL A O   1 
ATOM   538  C CB  . VAL A 1 69 ? 3.348   12.515  6.561   1.00 11.94 ? 67  VAL A CB  1 
ATOM   539  C CG1 . VAL A 1 69 ? 3.482   11.044  7.095   1.00 12.21 ? 67  VAL A CG1 1 
ATOM   540  C CG2 . VAL A 1 69 ? 4.347   13.455  7.290   1.00 12.45 ? 67  VAL A CG2 1 
ATOM   541  N N   . TYR A 1 70 ? 3.129   10.629  3.658   1.00 9.77  ? 68  TYR A N   1 
ATOM   542  C CA  . TYR A 1 70 ? 2.313   9.711   2.851   1.00 9.55  ? 68  TYR A CA  1 
ATOM   543  C C   . TYR A 1 70 ? 2.880   8.293   2.961   1.00 9.24  ? 68  TYR A C   1 
ATOM   544  O O   . TYR A 1 70 ? 4.073   8.094   3.249   1.00 8.93  ? 68  TYR A O   1 
ATOM   545  C CB  . TYR A 1 70 ? 2.270   10.146  1.374   1.00 10.60 ? 68  TYR A CB  1 
ATOM   546  C CG  . TYR A 1 70 ? 3.626   10.107  0.717   1.00 10.78 ? 68  TYR A CG  1 
ATOM   547  C CD1 . TYR A 1 70 ? 4.035   8.993   0.005   1.00 14.86 ? 68  TYR A CD1 1 
ATOM   548  C CD2 . TYR A 1 70 ? 4.538   11.146  0.913   1.00 15.11 ? 68  TYR A CD2 1 
ATOM   549  C CE1 . TYR A 1 70 ? 5.336   8.919   -0.536  1.00 18.17 ? 68  TYR A CE1 1 
ATOM   550  C CE2 . TYR A 1 70 ? 5.810   11.087  0.369   1.00 17.28 ? 68  TYR A CE2 1 
ATOM   551  C CZ  . TYR A 1 70 ? 6.192   10.001  -0.356  1.00 18.49 ? 68  TYR A CZ  1 
ATOM   552  O OH  . TYR A 1 70 ? 7.459   9.922   -0.883  1.00 21.58 ? 68  TYR A OH  1 
ATOM   553  N N   . VAL A 1 71 ? 2.028   7.311   2.721   1.00 9.80  ? 69  VAL A N   1 
ATOM   554  C CA  . VAL A 1 71 ? 2.501   5.915   2.694   1.00 9.36  ? 69  VAL A CA  1 
ATOM   555  C C   . VAL A 1 71 ? 2.573   5.448   1.259   1.00 11.04 ? 69  VAL A C   1 
ATOM   556  O O   . VAL A 1 71 ? 1.853   5.952   0.326   1.00 10.69 ? 69  VAL A O   1 
ATOM   557  C CB  . VAL A 1 71 ? 1.598   4.959   3.569   1.00 11.77 ? 69  VAL A CB  1 
ATOM   558  C CG1 . VAL A 1 71 ? 1.393   5.545   5.024   1.00 12.10 ? 69  VAL A CG1 1 
ATOM   559  C CG2 . VAL A 1 71 ? 0.334   4.666   2.837   1.00 15.89 ? 69  VAL A CG2 1 
ATOM   560  N N   . GLU A 1 72 ? 3.427   4.465   1.020   1.00 10.20 ? 70  GLU A N   1 
ATOM   561  C CA  . GLU A 1 72 ? 3.510   3.810   -0.267  1.00 10.85 ? 70  GLU A CA  1 
ATOM   562  C C   . GLU A 1 72 ? 3.806   2.336   0.006   1.00 11.27 ? 70  GLU A C   1 
ATOM   563  O O   . GLU A 1 72 ? 4.556   2.012   0.918   1.00 9.60  ? 70  GLU A O   1 
ATOM   564  C CB  . GLU A 1 72 ? 4.619   4.442   -1.073  1.00 12.50 ? 70  GLU A CB  1 
ATOM   565  C CG  . GLU A 1 72 ? 4.737   3.990   -2.505  1.00 16.04 ? 70  GLU A CG  1 
ATOM   566  C CD  . GLU A 1 72 ? 5.728   4.846   -3.320  1.00 17.93 ? 70  GLU A CD  1 
ATOM   567  O OE1 . GLU A 1 72 ? 5.913   6.032   -3.010  1.00 22.63 ? 70  GLU A OE1 1 
ATOM   568  O OE2 . GLU A 1 72 ? 6.290   4.312   -4.315  1.00 25.00 ? 70  GLU A OE2 1 
ATOM   569  N N   . SER A 1 73 ? 3.287   1.460   -0.829  1.00 13.14 ? 71  SER A N   1 
ATOM   570  C CA  . SER A 1 73 ? 3.604   0.045   -0.687  1.00 12.75 ? 71  SER A CA  1 
ATOM   571  C C   . SER A 1 73 ? 4.564   -0.398  -1.810  1.00 12.74 ? 71  SER A C   1 
ATOM   572  O O   . SER A 1 73 ? 4.602   0.175   -2.900  1.00 12.06 ? 71  SER A O   1 
ATOM   573  C CB  . SER A 1 73 ? 2.291   -0.771  -0.671  1.00 14.83 ? 71  SER A CB  1 
ATOM   574  O OG  . SER A 1 73 ? 1.756   -0.794  -1.986  1.00 16.58 ? 71  SER A OG  1 
ATOM   575  N N   . PHE A 1 74 ? 5.352   -1.411  -1.513  1.00 10.81 ? 72  PHE A N   1 
ATOM   576  C CA  . PHE A 1 74 ? 6.301   -1.994  -2.434  1.00 10.83 ? 72  PHE A CA  1 
ATOM   577  C C   . PHE A 1 74 ? 6.183   -3.499  -2.367  1.00 10.87 ? 72  PHE A C   1 
ATOM   578  O O   . PHE A 1 74 ? 5.962   -4.068  -1.290  1.00 11.06 ? 72  PHE A O   1 
ATOM   579  C CB  . PHE A 1 74 ? 7.746   -1.575  -2.099  1.00 10.07 ? 72  PHE A CB  1 
ATOM   580  C CG  . PHE A 1 74 ? 7.930   -0.086  -2.011  1.00 8.87  ? 72  PHE A CG  1 
ATOM   581  C CD1 . PHE A 1 74 ? 8.292   0.625   -3.114  1.00 8.19  ? 72  PHE A CD1 1 
ATOM   582  C CD2 . PHE A 1 74 ? 7.668   0.582   -0.823  1.00 9.36  ? 72  PHE A CD2 1 
ATOM   583  C CE1 . PHE A 1 74 ? 8.471   1.981   -3.023  1.00 10.46 ? 72  PHE A CE1 1 
ATOM   584  C CE2 . PHE A 1 74 ? 7.824   1.915   -0.727  1.00 11.19 ? 72  PHE A CE2 1 
ATOM   585  C CZ  . PHE A 1 74 ? 8.198   2.631   -1.825  1.00 9.07  ? 72  PHE A CZ  1 
ATOM   586  N N   . THR A 1 75 ? 6.355   -4.138  -3.511  1.00 10.70 ? 73  THR A N   1 
ATOM   587  C CA  . THR A 1 75 ? 6.455   -5.595  -3.524  1.00 11.07 ? 73  THR A CA  1 
ATOM   588  C C   . THR A 1 75 ? 7.905   -6.014  -3.291  1.00 11.00 ? 73  THR A C   1 
ATOM   589  O O   . THR A 1 75 ? 8.846   -5.261  -3.537  1.00 11.18 ? 73  THR A O   1 
ATOM   590  C CB  . THR A 1 75 ? 5.966   -6.215  -4.850  1.00 10.64 ? 73  THR A CB  1 
ATOM   591  O OG1 . THR A 1 75 ? 6.870   -5.897  -5.911  1.00 12.28 ? 73  THR A OG1 1 
ATOM   592  C CG2 . THR A 1 75 ? 4.517   -5.739  -5.199  1.00 15.20 ? 73  THR A CG2 1 
ATOM   593  N N   . TYR A 1 76 ? 8.088   -7.253  -2.877  1.00 10.73 ? 74  TYR A N   1 
ATOM   594  C CA  . TYR A 1 76 ? 9.435   -7.783  -2.795  1.00 10.72 ? 74  TYR A CA  1 
ATOM   595  C C   . TYR A 1 76 ? 10.061  -7.902  -4.180  1.00 12.22 ? 74  TYR A C   1 
ATOM   596  O O   . TYR A 1 76 ? 11.282  -7.742  -4.359  1.00 11.99 ? 74  TYR A O   1 
ATOM   597  C CB  . TYR A 1 76 ? 9.442   -9.107  -2.095  1.00 11.78 ? 74  TYR A CB  1 
ATOM   598  C CG  . TYR A 1 76 ? 8.866   -9.002  -0.713  1.00 13.57 ? 74  TYR A CG  1 
ATOM   599  C CD1 . TYR A 1 76 ? 9.533   -8.292  0.280   1.00 12.60 ? 74  TYR A CD1 1 
ATOM   600  C CD2 . TYR A 1 76 ? 7.603   -9.499  -0.421  1.00 13.49 ? 74  TYR A CD2 1 
ATOM   601  C CE1 . TYR A 1 76 ? 9.049   -8.176  1.534   1.00 13.65 ? 74  TYR A CE1 1 
ATOM   602  C CE2 . TYR A 1 76 ? 7.087   -9.358  0.855   1.00 14.13 ? 74  TYR A CE2 1 
ATOM   603  C CZ  . TYR A 1 76 ? 7.785   -8.698  1.826   1.00 13.33 ? 74  TYR A CZ  1 
ATOM   604  O OH  . TYR A 1 76 ? 7.308   -8.536  3.125   1.00 14.35 ? 74  TYR A OH  1 
ATOM   605  N N   . SER A 1 77 ? 9.256   -8.151  -5.184  1.00 12.46 ? 75  SER A N   1 
ATOM   606  C CA  . SER A 1 77 ? 9.785   -8.137  -6.538  1.00 14.56 ? 75  SER A CA  1 
ATOM   607  C C   . SER A 1 77 ? 10.358  -6.778  -6.937  1.00 13.92 ? 75  SER A C   1 
ATOM   608  O O   . SER A 1 77 ? 11.363  -6.754  -7.661  1.00 14.34 ? 75  SER A O   1 
ATOM   609  C CB  . SER A 1 77 ? 8.730   -8.550  -7.559  1.00 15.08 ? 75  SER A CB  1 
ATOM   610  O OG  . SER A 1 77 ? 8.533   -9.924  -7.387  1.00 22.80 ? 75  SER A OG  1 
ATOM   611  N N   . ASP A 1 78 ? 9.748   -5.679  -6.489  1.00 11.88 ? 76  ASP A N   1 
ATOM   612  C CA  . ASP A 1 78 ? 10.263  -4.319  -6.769  1.00 12.95 ? 76  ASP A CA  1 
ATOM   613  C C   . ASP A 1 78 ? 11.705  -4.183  -6.286  1.00 12.01 ? 76  ASP A C   1 
ATOM   614  O O   . ASP A 1 78 ? 12.533  -3.483  -6.907  1.00 13.32 ? 76  ASP A O   1 
ATOM   615  C CB  . ASP A 1 78 ? 9.439   -3.246  -6.033  1.00 13.51 ? 76  ASP A CB  1 
ATOM   616  C CG  . ASP A 1 78 ? 8.012   -3.014  -6.638  1.00 16.21 ? 76  ASP A CG  1 
ATOM   617  O OD1 . ASP A 1 78 ? 7.825   -3.325  -7.835  1.00 15.37 ? 76  ASP A OD1 1 
ATOM   618  O OD2 . ASP A 1 78 ? 7.081   -2.537  -5.912  1.00 14.88 ? 76  ASP A OD2 1 
ATOM   619  N N   . ILE A 1 79 ? 12.011  -4.828  -5.163  1.00 10.72 ? 77  ILE A N   1 
ATOM   620  C CA  . ILE A 1 79 ? 13.351  -4.760  -4.596  1.00 9.03  ? 77  ILE A CA  1 
ATOM   621  C C   . ILE A 1 79 ? 14.274  -5.770  -5.302  1.00 9.17  ? 77  ILE A C   1 
ATOM   622  O O   . ILE A 1 79 ? 15.424  -5.444  -5.599  1.00 8.98  ? 77  ILE A O   1 
ATOM   623  C CB  . ILE A 1 79 ? 13.327  -5.068  -3.070  1.00 8.84  ? 77  ILE A CB  1 
ATOM   624  C CG1 . ILE A 1 79 ? 12.374  -4.134  -2.336  1.00 8.32  ? 77  ILE A CG1 1 
ATOM   625  C CG2 . ILE A 1 79 ? 14.730  -4.948  -2.488  1.00 7.85  ? 77  ILE A CG2 1 
ATOM   626  C CD1 . ILE A 1 79 ? 12.633  -2.643  -2.630  1.00 10.97 ? 77  ILE A CD1 1 
ATOM   627  N N   . LEU A 1 80 ? 13.795  -6.994  -5.508  1.00 9.40  ? 78  LEU A N   1 
ATOM   628  C CA  . LEU A 1 80 ? 14.554  -8.027  -6.235  1.00 10.42 ? 78  LEU A CA  1 
ATOM   629  C C   . LEU A 1 80 ? 14.999  -7.537  -7.613  1.00 10.47 ? 78  LEU A C   1 
ATOM   630  O O   . LEU A 1 80 ? 16.173  -7.698  -7.949  1.00 12.16 ? 78  LEU A O   1 
ATOM   631  C CB  . LEU A 1 80 ? 13.811  -9.339  -6.307  1.00 11.09 ? 78  LEU A CB  1 
ATOM   632  C CG  . LEU A 1 80 ? 14.511  -10.540 -6.919  1.00 12.09 ? 78  LEU A CG  1 
ATOM   633  C CD1 . LEU A 1 80 ? 15.775  -10.884 -6.142  1.00 13.13 ? 78  LEU A CD1 1 
ATOM   634  C CD2 . LEU A 1 80 ? 13.525  -11.742 -7.002  1.00 15.51 ? 78  LEU A CD2 1 
ATOM   635  N N   . THR A 1 81 ? 14.110  -6.915  -8.359  1.00 9.66  ? 79  THR A N   1 
ATOM   636  C CA  . THR A 1 81 ? 14.394  -6.462  -9.687  1.00 12.27 ? 79  THR A CA  1 
ATOM   637  C C   . THR A 1 81 ? 15.075  -5.100  -9.721  1.00 12.46 ? 79  THR A C   1 
ATOM   638  O O   . THR A 1 81 ? 15.330  -4.602  -10.826 1.00 13.47 ? 79  THR A O   1 
ATOM   639  C CB  . THR A 1 81 ? 13.104  -6.361  -10.568 1.00 12.70 ? 79  THR A CB  1 
ATOM   640  O OG1 . THR A 1 81 ? 12.255  -5.346  -10.041 1.00 13.21 ? 79  THR A OG1 1 
ATOM   641  C CG2 . THR A 1 81 ? 12.393  -7.719  -10.642 1.00 15.70 ? 79  THR A CG2 1 
ATOM   642  N N   . GLU A 1 82 ? 15.385  -4.514  -8.552  1.00 11.85 ? 80  GLU A N   1 
ATOM   643  C CA  . GLU A 1 82 ? 16.090  -3.208  -8.458  1.00 13.18 ? 80  GLU A CA  1 
ATOM   644  C C   . GLU A 1 82 ? 15.365  -2.028  -9.108  1.00 14.21 ? 80  GLU A C   1 
ATOM   645  O O   . GLU A 1 82 ? 15.997  -1.059  -9.529  1.00 16.30 ? 80  GLU A O   1 
ATOM   646  C CB  . GLU A 1 82 ? 17.549  -3.321  -8.958  1.00 14.00 ? 80  GLU A CB  1 
ATOM   647  C CG  . GLU A 1 82 ? 18.281  -4.479  -8.305  1.00 13.88 ? 80  GLU A CG  1 
ATOM   648  C CD  . GLU A 1 82 ? 19.716  -4.697  -8.808  1.00 13.67 ? 80  GLU A CD  1 
ATOM   649  O OE1 . GLU A 1 82 ? 20.012  -4.590  -10.041 1.00 13.15 ? 80  GLU A OE1 1 
ATOM   650  O OE2 . GLU A 1 82 ? 20.502  -5.062  -7.930  1.00 12.54 ? 80  GLU A OE2 1 
ATOM   651  N N   . LYS A 1 83 ? 14.044  -2.092  -9.162  1.00 14.65 ? 81  LYS A N   1 
ATOM   652  C CA  . LYS A 1 83 ? 13.223  -0.908  -9.479  1.00 14.46 ? 81  LYS A CA  1 
ATOM   653  C C   . LYS A 1 83 ? 13.345  0.156   -8.405  1.00 13.38 ? 81  LYS A C   1 
ATOM   654  O O   . LYS A 1 83 ? 13.530  1.336   -8.686  1.00 13.41 ? 81  LYS A O   1 
ATOM   655  C CB  . LYS A 1 83 ? 11.783  -1.309  -9.574  1.00 15.59 ? 81  LYS A CB  1 
ATOM   656  C CG  . LYS A 1 83 ? 10.864  -0.187  -10.010 1.00 18.90 ? 81  LYS A CG  1 
ATOM   657  C CD  . LYS A 1 83 ? 9.386   -0.690  -10.042 1.00 25.10 ? 81  LYS A CD  1 
ATOM   658  C CE  . LYS A 1 83 ? 8.418   0.384   -10.579 1.00 28.10 ? 81  LYS A CE  1 
ATOM   659  N NZ  . LYS A 1 83 ? 7.070   -0.191  -10.886 1.00 30.11 ? 81  LYS A NZ  1 
ATOM   660  N N   . ASN A 1 84 ? 13.301  -0.279  -7.152  1.00 11.65 ? 82  ASN A N   1 
ATOM   661  C CA  . ASN A 1 84 ? 13.559  0.571   -6.015  1.00 11.43 ? 82  ASN A CA  1 
ATOM   662  C C   . ASN A 1 84 ? 14.712  0.000   -5.221  1.00 9.53  ? 82  ASN A C   1 
ATOM   663  O O   . ASN A 1 84 ? 14.809  -1.213  -5.037  1.00 11.52 ? 82  ASN A O   1 
ATOM   664  C CB  . ASN A 1 84 ? 12.337  0.658   -5.097  1.00 12.20 ? 82  ASN A CB  1 
ATOM   665  C CG  . ASN A 1 84 ? 11.101  1.184   -5.801  1.00 13.67 ? 82  ASN A CG  1 
ATOM   666  O OD1 . ASN A 1 84 ? 10.903  2.403   -5.958  1.00 18.66 ? 82  ASN A OD1 1 
ATOM   667  N ND2 . ASN A 1 84 ? 10.320  0.294   -6.266  1.00 8.75  ? 82  ASN A ND2 1 
ATOM   668  N N   . LEU A 1 85 ? 15.595  0.876   -4.810  1.00 10.31 ? 83  LEU A N   1 
ATOM   669  C CA  . LEU A 1 85 ? 16.725  0.501   -3.977  1.00 9.14  ? 83  LEU A CA  1 
ATOM   670  C C   . LEU A 1 85 ? 16.388  0.811   -2.504  1.00 9.22  ? 83  LEU A C   1 
ATOM   671  O O   . LEU A 1 85 ? 15.713  1.778   -2.232  1.00 9.55  ? 83  LEU A O   1 
ATOM   672  C CB  . LEU A 1 85 ? 17.951  1.266   -4.428  1.00 10.11 ? 83  LEU A CB  1 
ATOM   673  C CG  . LEU A 1 85 ? 18.283  1.141   -5.921  1.00 11.51 ? 83  LEU A CG  1 
ATOM   674  C CD1 . LEU A 1 85 ? 19.504  1.975   -6.254  1.00 13.16 ? 83  LEU A CD1 1 
ATOM   675  C CD2 . LEU A 1 85 ? 18.436  -0.306  -6.344  1.00 12.05 ? 83  LEU A CD2 1 
ATOM   676  N N   . ILE A 1 86 ? 16.871  -0.003  -1.581  1.00 8.68  ? 84  ILE A N   1 
ATOM   677  C CA  . ILE A 1 86 ? 16.536  0.117   -0.176  1.00 7.56  ? 84  ILE A CA  1 
ATOM   678  C C   . ILE A 1 86 ? 17.790  -0.143  0.670   1.00 8.99  ? 84  ILE A C   1 
ATOM   679  O O   . ILE A 1 86 ? 18.569  -1.047  0.361   1.00 7.47  ? 84  ILE A O   1 
ATOM   680  C CB  . ILE A 1 86 ? 15.376  -0.852  0.187   1.00 8.47  ? 84  ILE A CB  1 
ATOM   681  C CG1 . ILE A 1 86 ? 14.851  -0.642  1.593   1.00 8.92  ? 84  ILE A CG1 1 
ATOM   682  C CG2 . ILE A 1 86 ? 15.715  -2.344  -0.011  1.00 10.74 ? 84  ILE A CG2 1 
ATOM   683  C CD1 . ILE A 1 86 ? 13.436  -1.212  1.778   1.00 10.80 ? 84  ILE A CD1 1 
ATOM   684  N N   . HIS A 1 87 ? 17.903  0.595   1.733   1.00 8.43  ? 85  HIS A N   1 
ATOM   685  C CA  . HIS A 1 87 ? 18.922  0.396   2.759   1.00 11.55 ? 85  HIS A CA  1 
ATOM   686  C C   . HIS A 1 87 ? 18.311  0.511   4.149   1.00 12.01 ? 85  HIS A C   1 
ATOM   687  O O   . HIS A 1 87 ? 17.471  1.386   4.385   1.00 11.65 ? 85  HIS A O   1 
ATOM   688  C CB  . HIS A 1 87 ? 19.992  1.457   2.558   1.00 12.51 ? 85  HIS A CB  1 
ATOM   689  C CG  . HIS A 1 87 ? 21.236  1.202   3.370   1.00 17.07 ? 85  HIS A CG  1 
ATOM   690  N ND1 . HIS A 1 87 ? 21.826  -0.039  3.436   1.00 25.61 ? 85  HIS A ND1 1 
ATOM   691  C CD2 . HIS A 1 87 ? 21.981  2.021   4.141   1.00 24.99 ? 85  HIS A CD2 1 
ATOM   692  C CE1 . HIS A 1 87 ? 22.915  0.046   4.188   1.00 27.30 ? 85  HIS A CE1 1 
ATOM   693  N NE2 . HIS A 1 87 ? 23.022  1.281   4.630   1.00 25.13 ? 85  HIS A NE2 1 
ATOM   694  N N   . TYR A 1 88 ? 18.712  -0.386  5.040   1.00 10.69 ? 86  TYR A N   1 
ATOM   695  C CA  . TYR A 1 88 ? 18.115  -0.563  6.353   1.00 11.43 ? 86  TYR A CA  1 
ATOM   696  C C   . TYR A 1 88 ? 18.946  0.178   7.384   1.00 13.07 ? 86  TYR A C   1 
ATOM   697  O O   . TYR A 1 88 ? 20.025  -0.292  7.761   1.00 13.39 ? 86  TYR A O   1 
ATOM   698  C CB  . TYR A 1 88 ? 17.994  -2.041  6.707   1.00 12.53 ? 86  TYR A CB  1 
ATOM   699  C CG  . TYR A 1 88 ? 17.271  -2.802  5.642   1.00 12.33 ? 86  TYR A CG  1 
ATOM   700  C CD1 . TYR A 1 88 ? 15.892  -2.818  5.600   1.00 14.17 ? 86  TYR A CD1 1 
ATOM   701  C CD2 . TYR A 1 88 ? 17.954  -3.410  4.615   1.00 14.99 ? 86  TYR A CD2 1 
ATOM   702  C CE1 . TYR A 1 88 ? 15.230  -3.432  4.583   1.00 13.89 ? 86  TYR A CE1 1 
ATOM   703  C CE2 . TYR A 1 88 ? 17.286  -4.040  3.589   1.00 13.71 ? 86  TYR A CE2 1 
ATOM   704  C CZ  . TYR A 1 88 ? 15.915  -4.040  3.585   1.00 15.27 ? 86  TYR A CZ  1 
ATOM   705  O OH  . TYR A 1 88 ? 15.225  -4.684  2.571   1.00 15.83 ? 86  TYR A OH  1 
ATOM   706  N N   . LEU A 1 89 ? 18.469  1.319   7.851   1.00 12.26 ? 87  LEU A N   1 
ATOM   707  C CA  . LEU A 1 89 ? 19.310  2.163   8.709   1.00 14.15 ? 87  LEU A CA  1 
ATOM   708  C C   . LEU A 1 89 ? 19.192  1.678   10.129  1.00 15.89 ? 87  LEU A C   1 
ATOM   709  O O   . LEU A 1 89 ? 18.125  1.353   10.569  1.00 17.00 ? 87  LEU A O   1 
ATOM   710  C CB  . LEU A 1 89 ? 18.884  3.640   8.637   1.00 14.77 ? 87  LEU A CB  1 
ATOM   711  C CG  . LEU A 1 89 ? 18.795  4.303   7.247   1.00 16.28 ? 87  LEU A CG  1 
ATOM   712  C CD1 . LEU A 1 89 ? 18.684  5.815   7.394   1.00 20.84 ? 87  LEU A CD1 1 
ATOM   713  C CD2 . LEU A 1 89 ? 19.957  3.883   6.360   1.00 20.11 ? 87  LEU A CD2 1 
ATOM   714  N N   . ASP A 1 90 ? 20.278  1.674   10.878  1.00 19.21 ? 88  ASP A N   1 
ATOM   715  C CA  . ASP A 1 90 ? 20.194  1.258   12.290  1.00 20.47 ? 88  ASP A CA  1 
ATOM   716  C C   . ASP A 1 90 ? 19.496  2.302   13.165  1.00 21.45 ? 88  ASP A C   1 
ATOM   717  O O   . ASP A 1 90 ? 19.484  3.502   12.811  1.00 23.54 ? 88  ASP A O   1 
ATOM   718  C CB  . ASP A 1 90 ? 21.596  0.977   12.803  1.00 21.18 ? 88  ASP A CB  1 
ATOM   719  C CG  . ASP A 1 90 ? 22.259  -0.179  12.067  1.00 24.53 ? 88  ASP A CG  1 
ATOM   720  O OD1 . ASP A 1 90 ? 21.572  -1.189  11.864  1.00 29.43 ? 88  ASP A OD1 1 
ATOM   721  O OD2 . ASP A 1 90 ? 23.442  -0.064  11.690  1.00 29.74 ? 88  ASP A OD2 1 
ATOM   722  N N   . GLN B 1 1  ? -34.126 22.203  -9.773  1.00 27.09 ? -1  GLN B N   1 
ATOM   723  C CA  . GLN B 1 1  ? -34.085 21.227  -8.621  1.00 26.90 ? -1  GLN B CA  1 
ATOM   724  C C   . GLN B 1 1  ? -32.995 20.183  -8.799  1.00 25.47 ? -1  GLN B C   1 
ATOM   725  O O   . GLN B 1 1  ? -33.034 19.397  -9.734  1.00 24.94 ? -1  GLN B O   1 
ATOM   726  C CB  . GLN B 1 1  ? -35.411 20.508  -8.472  1.00 27.37 ? -1  GLN B CB  1 
ATOM   727  C CG  . GLN B 1 1  ? -36.508 21.368  -7.880  1.00 29.62 ? -1  GLN B CG  1 
ATOM   728  C CD  . GLN B 1 1  ? -37.819 20.644  -7.961  1.00 34.69 ? -1  GLN B CD  1 
ATOM   729  O OE1 . GLN B 1 1  ? -38.151 20.078  -9.001  1.00 38.71 ? -1  GLN B OE1 1 
ATOM   730  N NE2 . GLN B 1 1  ? -38.585 20.648  -6.874  1.00 38.83 ? -1  GLN B NE2 1 
ATOM   731  N N   . GLY B 1 2  ? -32.058 20.160  -7.857  1.00 24.97 ? 0   GLY B N   1 
ATOM   732  C CA  . GLY B 1 2  ? -30.814 19.406  -7.982  1.00 24.55 ? 0   GLY B CA  1 
ATOM   733  C C   . GLY B 1 2  ? -30.594 18.584  -6.726  1.00 24.11 ? 0   GLY B C   1 
ATOM   734  O O   . GLY B 1 2  ? -31.277 18.837  -5.700  1.00 23.44 ? 0   GLY B O   1 
ATOM   735  N N   . MET B 1 3  ? -29.685 17.601  -6.817  1.00 23.02 ? 1   MET B N   1 
ATOM   736  C CA  . MET B 1 3  ? -29.319 16.753  -5.656  1.00 23.43 ? 1   MET B CA  1 
ATOM   737  C C   . MET B 1 3  ? -29.044 17.667  -4.452  1.00 23.53 ? 1   MET B C   1 
ATOM   738  O O   . MET B 1 3  ? -28.481 18.778  -4.617  1.00 23.60 ? 1   MET B O   1 
ATOM   739  C CB  . MET B 1 3  ? -28.069 15.862  -5.873  1.00 23.40 ? 1   MET B CB  1 
ATOM   740  C CG  . MET B 1 3  ? -27.663 15.453  -7.278  1.00 25.27 ? 1   MET B CG  1 
ATOM   741  S SD  . MET B 1 3  ? -26.048 14.660  -7.257  1.00 24.93 ? 1   MET B SD  1 
ATOM   742  C CE  . MET B 1 3  ? -24.945 16.098  -7.373  1.00 28.38 ? 1   MET B CE  1 
ATOM   743  N N   . SER B 1 4  ? -29.425 17.218  -3.252  1.00 22.63 ? 2   SER B N   1 
ATOM   744  C CA  . SER B 1 4  ? -29.232 18.028  -2.050  1.00 22.41 ? 2   SER B CA  1 
ATOM   745  C C   . SER B 1 4  ? -27.766 18.163  -1.719  1.00 23.02 ? 2   SER B C   1 
ATOM   746  O O   . SER B 1 4  ? -26.890 17.494  -2.307  1.00 22.32 ? 2   SER B O   1 
ATOM   747  C CB  . SER B 1 4  ? -29.956 17.426  -0.837  1.00 21.49 ? 2   SER B CB  1 
ATOM   748  O OG  . SER B 1 4  ? -29.264 16.293  -0.392  1.00 16.18 ? 2   SER B OG  1 
ATOM   749  N N   . ASP B 1 5  ? -27.530 19.002  -0.712  1.00 24.50 ? 3   ASP B N   1 
ATOM   750  C CA  . ASP B 1 5  ? -26.238 19.138  -0.047  1.00 25.92 ? 3   ASP B CA  1 
ATOM   751  C C   . ASP B 1 5  ? -25.517 17.815  0.203   1.00 24.94 ? 3   ASP B C   1 
ATOM   752  O O   . ASP B 1 5  ? -24.280 17.773  0.193   1.00 24.41 ? 3   ASP B O   1 
ATOM   753  C CB  . ASP B 1 5  ? -26.450 19.889  1.306   1.00 27.33 ? 3   ASP B CB  1 
ATOM   754  C CG  . ASP B 1 5  ? -27.585 19.263  2.190   1.00 32.25 ? 3   ASP B CG  1 
ATOM   755  O OD1 . ASP B 1 5  ? -27.526 18.047  2.510   1.00 38.78 ? 3   ASP B OD1 1 
ATOM   756  O OD2 . ASP B 1 5  ? -28.547 19.996  2.575   1.00 39.52 ? 3   ASP B OD2 1 
ATOM   757  N N   . ALA B 1 6  ? -26.289 16.729  0.409   1.00 24.39 ? 4   ALA B N   1 
ATOM   758  C CA  . ALA B 1 6  ? -25.724 15.395  0.664   1.00 23.00 ? 4   ALA B CA  1 
ATOM   759  C C   . ALA B 1 6  ? -24.857 14.899  -0.476  1.00 22.23 ? 4   ALA B C   1 
ATOM   760  O O   . ALA B 1 6  ? -23.973 14.057  -0.291  1.00 22.29 ? 4   ALA B O   1 
ATOM   761  C CB  . ALA B 1 6  ? -26.859 14.391  0.961   1.00 23.10 ? 4   ALA B CB  1 
ATOM   762  N N   . PHE B 1 7  ? -25.081 15.408  -1.678  1.00 20.29 ? 5   PHE B N   1 
ATOM   763  C CA  . PHE B 1 7  ? -24.368 14.885  -2.832  1.00 18.68 ? 5   PHE B CA  1 
ATOM   764  C C   . PHE B 1 7  ? -23.296 15.809  -3.463  1.00 18.96 ? 5   PHE B C   1 
ATOM   765  O O   . PHE B 1 7  ? -22.778 15.516  -4.535  1.00 19.84 ? 5   PHE B O   1 
ATOM   766  C CB  . PHE B 1 7  ? -25.395 14.403  -3.873  1.00 18.32 ? 5   PHE B CB  1 
ATOM   767  C CG  . PHE B 1 7  ? -26.242 13.272  -3.362  1.00 14.06 ? 5   PHE B CG  1 
ATOM   768  C CD1 . PHE B 1 7  ? -25.767 11.995  -3.335  1.00 13.45 ? 5   PHE B CD1 1 
ATOM   769  C CD2 . PHE B 1 7  ? -27.478 13.510  -2.855  1.00 13.95 ? 5   PHE B CD2 1 
ATOM   770  C CE1 . PHE B 1 7  ? -26.523 10.928  -2.826  1.00 11.80 ? 5   PHE B CE1 1 
ATOM   771  C CE2 . PHE B 1 7  ? -28.225 12.468  -2.346  1.00 10.65 ? 5   PHE B CE2 1 
ATOM   772  C CZ  . PHE B 1 7  ? -27.737 11.179  -2.322  1.00 12.84 ? 5   PHE B CZ  1 
ATOM   773  N N   . THR B 1 8  ? -22.933 16.873  -2.776  1.00 19.45 ? 6   THR B N   1 
ATOM   774  C CA  . THR B 1 8  ? -21.775 17.682  -3.208  1.00 18.50 ? 6   THR B CA  1 
ATOM   775  C C   . THR B 1 8  ? -20.479 16.856  -3.095  1.00 17.60 ? 6   THR B C   1 
ATOM   776  O O   . THR B 1 8  ? -20.395 16.011  -2.243  1.00 14.39 ? 6   THR B O   1 
ATOM   777  C CB  . THR B 1 8  ? -21.619 18.929  -2.359  1.00 18.85 ? 6   THR B CB  1 
ATOM   778  O OG1 . THR B 1 8  ? -20.511 19.712  -2.858  1.00 26.15 ? 6   THR B OG1 1 
ATOM   779  C CG2 . THR B 1 8  ? -21.356 18.621  -0.943  1.00 13.25 ? 6   THR B CG2 1 
ATOM   780  N N   . ASP B 1 9  ? -19.464 17.147  -3.911  1.00 16.98 ? 7   ASP B N   1 
ATOM   781  C CA  . ASP B 1 9  ? -18.181 16.449  -3.788  1.00 16.75 ? 7   ASP B CA  1 
ATOM   782  C C   . ASP B 1 9  ? -17.616 16.534  -2.395  1.00 15.74 ? 7   ASP B C   1 
ATOM   783  O O   . ASP B 1 9  ? -17.092 15.542  -1.939  1.00 15.61 ? 7   ASP B O   1 
ATOM   784  C CB  . ASP B 1 9  ? -17.105 16.980  -4.762  1.00 18.41 ? 7   ASP B CB  1 
ATOM   785  C CG  . ASP B 1 9  ? -17.256 16.425  -6.181  1.00 23.36 ? 7   ASP B CG  1 
ATOM   786  O OD1 . ASP B 1 9  ? -18.266 15.740  -6.460  1.00 25.63 ? 7   ASP B OD1 1 
ATOM   787  O OD2 . ASP B 1 9  ? -16.356 16.671  -7.019  1.00 30.89 ? 7   ASP B OD2 1 
ATOM   788  N N   . VAL B 1 10 ? -17.660 17.713  -1.741  1.00 14.25 ? 8   VAL B N   1 
ATOM   789  C CA  . VAL B 1 10 ? -17.071 17.868  -0.403  1.00 14.68 ? 8   VAL B CA  1 
ATOM   790  C C   . VAL B 1 10 ? -17.823 17.038  0.629   1.00 13.69 ? 8   VAL B C   1 
ATOM   791  O O   . VAL B 1 10 ? -17.196 16.404  1.462   1.00 12.88 ? 8   VAL B O   1 
ATOM   792  C CB  . VAL B 1 10 ? -16.872 19.384  0.077   1.00 16.07 ? 8   VAL B CB  1 
ATOM   793  C CG1 . VAL B 1 10 ? -15.772 19.463  1.076   1.00 16.32 ? 8   VAL B CG1 1 
ATOM   794  C CG2 . VAL B 1 10 ? -16.492 20.252  -1.047  1.00 19.74 ? 8   VAL B CG2 1 
ATOM   795  N N   . ALA B 1 11 ? -19.148 16.977  0.539   1.00 12.96 ? 9   ALA B N   1 
ATOM   796  C CA  . ALA B 1 11 ? -19.946 16.129  1.454   1.00 13.01 ? 9   ALA B CA  1 
ATOM   797  C C   . ALA B 1 11 ? -19.699 14.634  1.251   1.00 13.23 ? 9   ALA B C   1 
ATOM   798  O O   . ALA B 1 11 ? -19.596 13.863  2.217   1.00 12.85 ? 9   ALA B O   1 
ATOM   799  C CB  . ALA B 1 11 ? -21.434 16.415  1.289   1.00 13.04 ? 9   ALA B CB  1 
ATOM   800  N N   . LYS B 1 12 ? -19.640 14.235  -0.021  1.00 12.66 ? 10  LYS B N   1 
ATOM   801  C CA  . LYS B 1 12 ? -19.549 12.834  -0.393  1.00 12.38 ? 10  LYS B CA  1 
ATOM   802  C C   . LYS B 1 12 ? -18.178 12.334  -0.004  1.00 10.76 ? 10  LYS B C   1 
ATOM   803  O O   . LYS B 1 12 ? -18.076 11.234  0.571   1.00 10.35 ? 10  LYS B O   1 
ATOM   804  C CB  . LYS B 1 12 ? -19.747 12.665  -1.906  1.00 12.65 ? 10  LYS B CB  1 
ATOM   805  C CG  . LYS B 1 12 ? -21.208 12.775  -2.360  1.00 18.47 ? 10  LYS B CG  1 
ATOM   806  C CD  . LYS B 1 12 ? -21.436 12.112  -3.743  1.00 23.92 ? 10  LYS B CD  1 
ATOM   807  C CE  . LYS B 1 12 ? -20.606 12.812  -4.839  1.00 27.47 ? 10  LYS B CE  1 
ATOM   808  N NZ  . LYS B 1 12 ? -21.069 12.393  -6.198  1.00 30.73 ? 10  LYS B NZ  1 
ATOM   809  N N   . MET B 1 13 ? -17.143 13.158  -0.273  1.00 10.31 ? 11  MET B N   1 
ATOM   810  C CA  . MET B 1 13 ? -15.760 12.771  0.030   1.00 10.66 ? 11  MET B CA  1 
ATOM   811  C C   . MET B 1 13 ? -15.594 12.643  1.557   1.00 11.43 ? 11  MET B C   1 
ATOM   812  O O   . MET B 1 13 ? -14.939 11.724  2.036   1.00 8.50  ? 11  MET B O   1 
ATOM   813  C CB  . MET B 1 13 ? -14.734 13.748  -0.561  1.00 10.19 ? 11  MET B CB  1 
ATOM   814  C CG  . MET B 1 13 ? -13.297 13.307  -0.466  1.00 11.83 ? 11  MET B CG  1 
ATOM   815  S SD  . MET B 1 13 ? -12.922 11.638  -1.159  1.00 8.22  ? 11  MET B SD  1 
ATOM   816  C CE  . MET B 1 13 ? -11.550 12.132  -2.249  1.00 13.95 ? 11  MET B CE  1 
ATOM   817  N N   . LYS B 1 14 ? -16.207 13.563  2.307   1.00 11.15 ? 12  LYS B N   1 
ATOM   818  C CA  . LYS B 1 14 ? -16.162 13.475  3.757   1.00 11.92 ? 12  LYS B CA  1 
ATOM   819  C C   . LYS B 1 14 ? -16.730 12.171  4.257   1.00 10.44 ? 12  LYS B C   1 
ATOM   820  O O   . LYS B 1 14 ? -16.056 11.495  5.079   1.00 9.79  ? 12  LYS B O   1 
ATOM   821  C CB  . LYS B 1 14 ? -16.886 14.660  4.405   1.00 11.83 ? 12  LYS B CB  1 
ATOM   822  C CG  . LYS B 1 14 ? -17.102 14.511  5.934   1.00 15.81 ? 12  LYS B CG  1 
ATOM   823  C CD  . LYS B 1 14 ? -17.880 15.757  6.425   1.00 18.16 ? 12  LYS B CD  1 
ATOM   824  C CE  . LYS B 1 14 ? -17.954 15.779  7.939   1.00 18.99 ? 12  LYS B CE  1 
ATOM   825  N NZ  . LYS B 1 14 ? -18.996 14.883  8.392   1.00 18.72 ? 12  LYS B NZ  1 
ATOM   826  N N   . LYS B 1 15 ? -17.906 11.799  3.746   1.00 10.30 ? 13  LYS B N   1 
ATOM   827  C CA  . LYS B 1 15 ? -18.550 10.513  4.043   1.00 10.76 ? 13  LYS B CA  1 
ATOM   828  C C   . LYS B 1 15 ? -17.709 9.306   3.646   1.00 9.04  ? 13  LYS B C   1 
ATOM   829  O O   . LYS B 1 15 ? -17.611 8.342   4.410   1.00 8.31  ? 13  LYS B O   1 
ATOM   830  C CB  . LYS B 1 15 ? -19.950 10.420  3.397   1.00 12.21 ? 13  LYS B CB  1 
ATOM   831  C CG  . LYS B 1 15 ? -20.748 9.149   3.691   1.00 17.51 ? 13  LYS B CG  1 
ATOM   832  C CD  . LYS B 1 15 ? -20.905 8.986   5.184   1.00 25.82 ? 13  LYS B CD  1 
ATOM   833  C CE  . LYS B 1 15 ? -22.244 8.324   5.609   1.00 30.41 ? 13  LYS B CE  1 
ATOM   834  N NZ  . LYS B 1 15 ? -22.121 7.948   7.077   1.00 31.65 ? 13  LYS B NZ  1 
ATOM   835  N N   . ILE B 1 16 ? -17.089 9.361   2.469   1.00 7.78  ? 14  ILE B N   1 
ATOM   836  C CA  . ILE B 1 16 ? -16.311 8.195   1.999   1.00 8.07  ? 14  ILE B CA  1 
ATOM   837  C C   . ILE B 1 16 ? -15.155 7.949   2.933   1.00 8.22  ? 14  ILE B C   1 
ATOM   838  O O   . ILE B 1 16 ? -14.912 6.844   3.359   1.00 8.39  ? 14  ILE B O   1 
ATOM   839  C CB  . ILE B 1 16 ? -15.760 8.443   0.571   1.00 7.60  ? 14  ILE B CB  1 
ATOM   840  C CG1 . ILE B 1 16 ? -16.878 8.404   -0.445  1.00 10.63 ? 14  ILE B CG1 1 
ATOM   841  C CG2 . ILE B 1 16 ? -14.652 7.455   0.255   1.00 6.94  ? 14  ILE B CG2 1 
ATOM   842  C CD1 . ILE B 1 16 ? -16.554 9.084   -1.754  1.00 12.71 ? 14  ILE B CD1 1 
ATOM   843  N N   . LYS B 1 17 ? -14.431 9.016   3.280   1.00 8.58  ? 15  LYS B N   1 
ATOM   844  C CA  . LYS B 1 17 ? -13.296 8.855   4.172   1.00 9.54  ? 15  LYS B CA  1 
ATOM   845  C C   . LYS B 1 17 ? -13.698 8.322   5.537   1.00 9.44  ? 15  LYS B C   1 
ATOM   846  O O   . LYS B 1 17 ? -13.015 7.454   6.117   1.00 8.61  ? 15  LYS B O   1 
ATOM   847  C CB  . LYS B 1 17 ? -12.522 10.190  4.276   1.00 9.07  ? 15  LYS B CB  1 
ATOM   848  C CG  . LYS B 1 17 ? -11.781 10.473  2.995   1.00 11.92 ? 15  LYS B CG  1 
ATOM   849  C CD  . LYS B 1 17 ? -10.956 11.823  3.074   1.00 17.73 ? 15  LYS B CD  1 
ATOM   850  C CE  . LYS B 1 17 ? -10.076 11.979  1.841   1.00 22.02 ? 15  LYS B CE  1 
ATOM   851  N NZ  . LYS B 1 17 ? -8.688  11.395  2.087   1.00 24.59 ? 15  LYS B NZ  1 
ATOM   852  N N   . GLU B 1 18 ? -14.819 8.821   6.022   1.00 9.37  ? 16  GLU B N   1 
ATOM   853  C CA  . GLU B 1 18 ? -15.374 8.410   7.316   1.00 10.76 ? 16  GLU B CA  1 
ATOM   854  C C   . GLU B 1 18 ? -15.780 6.974   7.307   1.00 10.68 ? 16  GLU B C   1 
ATOM   855  O O   . GLU B 1 18 ? -15.458 6.252   8.225   1.00 11.15 ? 16  GLU B O   1 
ATOM   856  C CB  . GLU B 1 18 ? -16.581 9.264   7.705   1.00 11.23 ? 16  GLU B CB  1 
ATOM   857  C CG  . GLU B 1 18 ? -16.158 10.647  8.127   1.00 14.51 ? 16  GLU B CG  1 
ATOM   858  C CD  . GLU B 1 18 ? -17.338 11.605  8.371   1.00 19.59 ? 16  GLU B CD  1 
ATOM   859  O OE1 . GLU B 1 18 ? -18.495 11.273  8.003   1.00 19.31 ? 16  GLU B OE1 1 
ATOM   860  O OE2 . GLU B 1 18 ? -17.109 12.717  8.946   1.00 24.01 ? 16  GLU B OE2 1 
ATOM   861  N N   . GLU B 1 19 ? -16.461 6.559   6.244   1.00 9.10  ? 17  GLU B N   1 
ATOM   862  C CA  . GLU B 1 19 ? -16.968 5.203   6.154   1.00 9.63  ? 17  GLU B CA  1 
ATOM   863  C C   . GLU B 1 19 ? -15.867 4.144   6.014   1.00 8.42  ? 17  GLU B C   1 
ATOM   864  O O   . GLU B 1 19 ? -15.917 3.095   6.642   1.00 7.92  ? 17  GLU B O   1 
ATOM   865  C CB  . GLU B 1 19 ? -17.971 5.058   5.013   1.00 10.62 ? 17  GLU B CB  1 
ATOM   866  C CG  . GLU B 1 19 ? -19.300 5.636   5.307   1.00 13.31 ? 17  GLU B CG  1 
ATOM   867  C CD  . GLU B 1 19 ? -20.260 5.555   4.158   1.00 21.59 ? 17  GLU B CD  1 
ATOM   868  O OE1 . GLU B 1 19 ? -19.843 5.699   2.981   1.00 23.91 ? 17  GLU B OE1 1 
ATOM   869  O OE2 . GLU B 1 19 ? -21.447 5.424   4.453   1.00 32.86 ? 17  GLU B OE2 1 
ATOM   870  N N   . ILE B 1 20 ? -14.858 4.461   5.227   1.00 6.41  ? 18  ILE B N   1 
ATOM   871  C CA  . ILE B 1 20 ? -13.704 3.613   5.063   1.00 7.50  ? 18  ILE B CA  1 
ATOM   872  C C   . ILE B 1 20 ? -12.946 3.460   6.362   1.00 7.67  ? 18  ILE B C   1 
ATOM   873  O O   . ILE B 1 20 ? -12.696 2.347   6.823   1.00 7.92  ? 18  ILE B O   1 
ATOM   874  C CB  . ILE B 1 20 ? -12.784 4.138   3.967   1.00 8.76  ? 18  ILE B CB  1 
ATOM   875  C CG1 . ILE B 1 20 ? -13.476 3.971   2.605   1.00 10.99 ? 18  ILE B CG1 1 
ATOM   876  C CG2 . ILE B 1 20 ? -11.411 3.405   4.033   1.00 10.46 ? 18  ILE B CG2 1 
ATOM   877  C CD1 . ILE B 1 20 ? -13.285 2.622   1.965   1.00 22.39 ? 18  ILE B CD1 1 
ATOM   878  N N   . LYS B 1 21 ? -12.705 4.572   7.042   1.00 9.31  ? 19  LYS B N   1 
ATOM   879  C CA  . LYS B 1 21 ? -11.984 4.512   8.322   1.00 10.56 ? 19  LYS B CA  1 
ATOM   880  C C   . LYS B 1 21 ? -12.742 3.672   9.330   1.00 10.36 ? 19  LYS B C   1 
ATOM   881  O O   . LYS B 1 21 ? -12.177 2.818   10.035  1.00 8.85  ? 19  LYS B O   1 
ATOM   882  C CB  . LYS B 1 21 ? -11.709 5.929   8.859   1.00 12.26 ? 19  LYS B CB  1 
ATOM   883  C CG  . LYS B 1 21 ? -10.778 5.934   10.034  1.00 18.22 ? 19  LYS B CG  1 
ATOM   884  C CD  . LYS B 1 21 ? -10.746 7.332   10.732  1.00 26.77 ? 19  LYS B CD  1 
ATOM   885  C CE  . LYS B 1 21 ? -9.982  7.320   12.092  1.00 31.78 ? 19  LYS B CE  1 
ATOM   886  N NZ  . LYS B 1 21 ? -10.867 7.050   13.324  1.00 33.77 ? 19  LYS B NZ  1 
ATOM   887  N N   . ALA B 1 22 ? -14.055 3.836   9.350   1.00 10.20 ? 20  ALA B N   1 
ATOM   888  C CA  . ALA B 1 22 ? -14.861 3.175   10.359  1.00 10.78 ? 20  ALA B CA  1 
ATOM   889  C C   . ALA B 1 22 ? -14.918 1.659   10.131  1.00 12.00 ? 20  ALA B C   1 
ATOM   890  O O   . ALA B 1 22 ? -15.039 0.877   11.097  1.00 11.95 ? 20  ALA B O   1 
ATOM   891  C CB  . ALA B 1 22 ? -16.286 3.774   10.425  1.00 12.68 ? 20  ALA B CB  1 
ATOM   892  N N   . HIS B 1 23 ? -14.782 1.236   8.872   1.00 9.50  ? 21  HIS B N   1 
ATOM   893  C CA  . HIS B 1 23 ? -14.800 -0.168  8.511   1.00 10.37 ? 21  HIS B CA  1 
ATOM   894  C C   . HIS B 1 23 ? -13.461 -0.908  8.479   1.00 10.36 ? 21  HIS B C   1 
ATOM   895  O O   . HIS B 1 23 ? -13.409 -2.054  8.047   1.00 11.28 ? 21  HIS B O   1 
ATOM   896  C CB  . HIS B 1 23 ? -15.456 -0.330  7.127   1.00 10.63 ? 21  HIS B CB  1 
ATOM   897  C CG  . HIS B 1 23 ? -16.324 -1.539  7.033   1.00 13.28 ? 21  HIS B CG  1 
ATOM   898  N ND1 . HIS B 1 23 ? -16.136 -2.564  6.116   1.00 17.01 ? 21  HIS B ND1 1 
ATOM   899  C CD2 . HIS B 1 23 ? -17.394 -1.896  7.776   1.00 10.17 ? 21  HIS B CD2 1 
ATOM   900  C CE1 . HIS B 1 23 ? -17.080 -3.481  6.291   1.00 12.31 ? 21  HIS B CE1 1 
ATOM   901  N NE2 . HIS B 1 23 ? -17.863 -3.090  7.279   1.00 18.52 ? 21  HIS B NE2 1 
ATOM   902  N N   . GLU B 1 24 ? -12.371 -0.271  8.934   1.00 11.47 ? 22  GLU B N   1 
ATOM   903  C CA  . GLU B 1 24 ? -11.046 -0.876  8.850   1.00 12.79 ? 22  GLU B CA  1 
ATOM   904  C C   . GLU B 1 24 ? -11.072 -2.232  9.532   1.00 12.73 ? 22  GLU B C   1 
ATOM   905  O O   . GLU B 1 24 ? -11.612 -2.371  10.621  1.00 12.73 ? 22  GLU B O   1 
ATOM   906  C CB  . GLU B 1 24 ? -9.962  0.047   9.461   1.00 13.19 ? 22  GLU B CB  1 
ATOM   907  C CG  . GLU B 1 24 ? -8.586  -0.583  9.425   1.00 14.95 ? 22  GLU B CG  1 
ATOM   908  C CD  . GLU B 1 24 ? -7.461  0.303   9.917   1.00 20.60 ? 22  GLU B CD  1 
ATOM   909  O OE1 . GLU B 1 24 ? -7.680  1.511   10.198  1.00 20.49 ? 22  GLU B OE1 1 
ATOM   910  O OE2 . GLU B 1 24 ? -6.335  -0.239  10.043  1.00 24.54 ? 22  GLU B OE2 1 
ATOM   911  N N   . GLY B 1 25 ? -10.504 -3.220  8.853   1.00 12.39 ? 23  GLY B N   1 
ATOM   912  C CA  . GLY B 1 25 ? -10.443 -4.611  9.287   1.00 12.48 ? 23  GLY B CA  1 
ATOM   913  C C   . GLY B 1 25 ? -11.588 -5.481  8.877   1.00 12.00 ? 23  GLY B C   1 
ATOM   914  O O   . GLY B 1 25 ? -11.587 -6.681  9.163   1.00 15.44 ? 23  GLY B O   1 
ATOM   915  N N   . GLN B 1 26 ? -12.647 -4.894  8.325   1.00 9.89  ? 24  GLN B N   1 
ATOM   916  C CA  . GLN B 1 26 ? -13.866 -5.637  7.972   1.00 9.39  ? 24  GLN B CA  1 
ATOM   917  C C   . GLN B 1 26 ? -13.988 -5.886  6.482   1.00 9.64  ? 24  GLN B C   1 
ATOM   918  O O   . GLN B 1 26 ? -13.134 -5.501  5.717   1.00 9.23  ? 24  GLN B O   1 
ATOM   919  C CB  . GLN B 1 26 ? -15.109 -4.917  8.499   1.00 10.04 ? 24  GLN B CB  1 
ATOM   920  C CG  . GLN B 1 26 ? -14.963 -4.641  9.996   1.00 12.76 ? 24  GLN B CG  1 
ATOM   921  C CD  . GLN B 1 26 ? -16.222 -4.060  10.598  1.00 17.37 ? 24  GLN B CD  1 
ATOM   922  O OE1 . GLN B 1 26 ? -16.231 -2.948  11.127  1.00 22.32 ? 24  GLN B OE1 1 
ATOM   923  N NE2 . GLN B 1 26 ? -17.299 -4.811  10.499  1.00 17.84 ? 24  GLN B NE2 1 
ATOM   924  N N   . VAL B 1 27 ? -15.020 -6.614  6.092   1.00 9.51  ? 25  VAL B N   1 
ATOM   925  C CA  . VAL B 1 27 ? -15.151 -7.014  4.672   1.00 9.80  ? 25  VAL B CA  1 
ATOM   926  C C   . VAL B 1 27 ? -15.877 -5.998  3.830   1.00 9.51  ? 25  VAL B C   1 
ATOM   927  O O   . VAL B 1 27 ? -16.890 -5.381  4.256   1.00 10.12 ? 25  VAL B O   1 
ATOM   928  C CB  . VAL B 1 27 ? -15.888 -8.340  4.585   1.00 10.80 ? 25  VAL B CB  1 
ATOM   929  C CG1 . VAL B 1 27 ? -16.154 -8.716  3.117   1.00 7.68  ? 25  VAL B CG1 1 
ATOM   930  C CG2 . VAL B 1 27 ? -15.102 -9.441  5.274   1.00 11.95 ? 25  VAL B CG2 1 
ATOM   931  N N   . VAL B 1 28 ? -15.382 -5.810  2.621   1.00 9.00  ? 26  VAL B N   1 
ATOM   932  C CA  . VAL B 1 28 ? -16.038 -4.936  1.649   1.00 8.36  ? 26  VAL B CA  1 
ATOM   933  C C   . VAL B 1 28 ? -16.364 -5.686  0.385   1.00 8.92  ? 26  VAL B C   1 
ATOM   934  O O   . VAL B 1 28 ? -15.675 -6.630  0.028   1.00 7.52  ? 26  VAL B O   1 
ATOM   935  C CB  . VAL B 1 28 ? -15.163 -3.696  1.308   1.00 7.35  ? 26  VAL B CB  1 
ATOM   936  C CG1 . VAL B 1 28 ? -15.038 -2.802  2.564   1.00 9.50  ? 26  VAL B CG1 1 
ATOM   937  C CG2 . VAL B 1 28 ? -13.778 -4.064  0.702   1.00 8.14  ? 26  VAL B CG2 1 
ATOM   938  N N   . GLU B 1 29 ? -17.456 -5.298  -0.266  1.00 7.28  ? 27  GLU B N   1 
ATOM   939  C CA  . GLU B 1 29 ? -17.711 -5.695  -1.629  1.00 8.04  ? 27  GLU B CA  1 
ATOM   940  C C   . GLU B 1 29 ? -17.345 -4.550  -2.571  1.00 8.62  ? 27  GLU B C   1 
ATOM   941  O O   . GLU B 1 29 ? -17.773 -3.422  -2.363  1.00 8.95  ? 27  GLU B O   1 
ATOM   942  C CB  . GLU B 1 29 ? -19.168 -6.114  -1.837  1.00 8.08  ? 27  GLU B CB  1 
ATOM   943  C CG  . GLU B 1 29 ? -19.458 -6.430  -3.302  1.00 8.74  ? 27  GLU B CG  1 
ATOM   944  C CD  . GLU B 1 29 ? -20.850 -7.060  -3.547  1.00 13.14 ? 27  GLU B CD  1 
ATOM   945  O OE1 . GLU B 1 29 ? -21.586 -7.186  -2.559  1.00 17.62 ? 27  GLU B OE1 1 
ATOM   946  O OE2 . GLU B 1 29 ? -21.116 -7.427  -4.719  1.00 13.93 ? 27  GLU B OE2 1 
ATOM   947  N N   . MET B 1 30 ? -16.580 -4.841  -3.616  1.00 7.86  ? 28  MET B N   1 
ATOM   948  C CA  . MET B 1 30 ? -16.137 -3.771  -4.525  1.00 8.54  ? 28  MET B CA  1 
ATOM   949  C C   . MET B 1 30 ? -16.371 -4.184  -5.964  1.00 10.47 ? 28  MET B C   1 
ATOM   950  O O   . MET B 1 30 ? -16.281 -5.367  -6.347  1.00 10.98 ? 28  MET B O   1 
ATOM   951  C CB  . MET B 1 30 ? -14.679 -3.384  -4.308  1.00 7.63  ? 28  MET B CB  1 
ATOM   952  C CG  . MET B 1 30 ? -14.349 -2.751  -2.957  1.00 10.91 ? 28  MET B CG  1 
ATOM   953  S SD  . MET B 1 30 ? -12.624 -2.105  -2.751  1.00 6.34  ? 28  MET B SD  1 
ATOM   954  C CE  . MET B 1 30 ? -12.547 -0.722  -3.926  1.00 12.54 ? 28  MET B CE  1 
ATOM   955  N N   . THR B 1 31 ? -16.577 -3.171  -6.790  1.00 12.58 ? 29  THR B N   1 
ATOM   956  C CA  . THR B 1 31 ? -16.802 -3.358  -8.189  1.00 15.88 ? 29  THR B CA  1 
ATOM   957  C C   . THR B 1 31 ? -15.731 -2.608  -8.990  1.00 19.12 ? 29  THR B C   1 
ATOM   958  O O   . THR B 1 31 ? -14.987 -1.757  -8.416  1.00 19.47 ? 29  THR B O   1 
ATOM   959  C CB  . THR B 1 31 ? -18.177 -2.723  -8.468  1.00 18.62 ? 29  THR B CB  1 
ATOM   960  O OG1 . THR B 1 31 ? -18.868 -3.437  -9.480  1.00 27.90 ? 29  THR B OG1 1 
ATOM   961  C CG2 . THR B 1 31 ? -17.971 -1.349  -8.856  1.00 13.73 ? 29  THR B CG2 1 
ATOM   962  N N   . LEU B 1 32 ? -15.655 -2.884  -10.299 1.00 20.17 ? 30  LEU B N   1 
ATOM   963  C CA  . LEU B 1 32 ? -14.932 -2.025  -11.260 1.00 23.26 ? 30  LEU B CA  1 
ATOM   964  C C   . LEU B 1 32 ? -15.910 -1.609  -12.376 1.00 25.18 ? 30  LEU B C   1 
ATOM   965  O O   . LEU B 1 32 ? -16.317 -2.448  -13.178 1.00 25.80 ? 30  LEU B O   1 
ATOM   966  C CB  . LEU B 1 32 ? -13.729 -2.753  -11.856 1.00 23.33 ? 30  LEU B CB  1 
ATOM   967  C CG  . LEU B 1 32 ? -12.919 -2.021  -12.944 1.00 26.82 ? 30  LEU B CG  1 
ATOM   968  C CD1 . LEU B 1 32 ? -12.675 -0.530  -12.595 1.00 27.43 ? 30  LEU B CD1 1 
ATOM   969  C CD2 . LEU B 1 32 ? -11.590 -2.765  -13.226 1.00 29.27 ? 30  LEU B CD2 1 
ATOM   970  N N   . GLU B 1 33 ? -16.277 -0.328  -12.423 1.00 26.06 ? 31  GLU B N   1 
ATOM   971  C CA  . GLU B 1 33 ? -17.306 0.153   -13.338 1.00 26.92 ? 31  GLU B CA  1 
ATOM   972  C C   . GLU B 1 33 ? -16.876 0.197   -14.795 1.00 26.90 ? 31  GLU B C   1 
ATOM   973  O O   . GLU B 1 33 ? -15.691 0.349   -15.069 1.00 28.50 ? 31  GLU B O   1 
ATOM   974  C CB  . GLU B 1 33 ? -17.777 1.533   -12.891 1.00 27.08 ? 31  GLU B CB  1 
ATOM   975  C CG  . GLU B 1 33 ? -18.537 1.448   -11.592 1.00 27.20 ? 31  GLU B CG  1 
ATOM   976  C CD  . GLU B 1 33 ? -19.591 0.348   -11.665 1.00 30.77 ? 31  GLU B CD  1 
ATOM   977  O OE1 . GLU B 1 33 ? -20.358 0.369   -12.650 1.00 29.88 ? 31  GLU B OE1 1 
ATOM   978  O OE2 . GLU B 1 33 ? -19.625 -0.537  -10.761 1.00 27.99 ? 31  GLU B OE2 1 
ATOM   979  N N   . LYS B 1 40 ? -17.903 -9.527  -11.889 1.00 27.80 ? 38  LYS B N   1 
ATOM   980  C CA  . LYS B 1 40 ? -16.491 -9.315  -11.630 1.00 25.78 ? 38  LYS B CA  1 
ATOM   981  C C   . LYS B 1 40 ? -16.346 -8.649  -10.242 1.00 22.89 ? 38  LYS B C   1 
ATOM   982  O O   . LYS B 1 40 ? -15.221 -8.359  -9.828  1.00 23.25 ? 38  LYS B O   1 
ATOM   983  C CB  . LYS B 1 40 ? -15.889 -8.469  -12.780 1.00 27.32 ? 38  LYS B CB  1 
ATOM   984  C CG  . LYS B 1 40 ? -14.541 -7.814  -12.507 1.00 31.05 ? 38  LYS B CG  1 
ATOM   985  C CD  . LYS B 1 40 ? -13.850 -7.245  -13.784 1.00 35.10 ? 38  LYS B CD  1 
ATOM   986  C CE  . LYS B 1 40 ? -13.294 -8.320  -14.716 1.00 36.88 ? 38  LYS B CE  1 
ATOM   987  N NZ  . LYS B 1 40 ? -14.280 -8.723  -15.773 1.00 37.59 ? 38  LYS B NZ  1 
ATOM   988  N N   . ASN B 1 41 ? -17.478 -8.433  -9.541  1.00 18.63 ? 39  ASN B N   1 
ATOM   989  C CA  . ASN B 1 41 ? -17.507 -7.980  -8.141  1.00 15.27 ? 39  ASN B CA  1 
ATOM   990  C C   . ASN B 1 41 ? -16.614 -8.895  -7.308  1.00 12.29 ? 39  ASN B C   1 
ATOM   991  O O   . ASN B 1 41 ? -16.435 -10.089 -7.619  1.00 11.21 ? 39  ASN B O   1 
ATOM   992  C CB  . ASN B 1 41 ? -18.910 -7.979  -7.529  1.00 15.87 ? 39  ASN B CB  1 
ATOM   993  C CG  . ASN B 1 41 ? -19.794 -6.865  -8.069  1.00 17.45 ? 39  ASN B CG  1 
ATOM   994  O OD1 . ASN B 1 41 ? -19.540 -6.340  -9.158  1.00 22.72 ? 39  ASN B OD1 1 
ATOM   995  N ND2 . ASN B 1 41 ? -20.728 -6.414  -7.260  1.00 16.11 ? 39  ASN B ND2 1 
ATOM   996  N N   . ARG B 1 42 ? -16.033 -8.315  -6.275  1.00 9.63  ? 40  ARG B N   1 
ATOM   997  C CA  . ARG B 1 42 ? -15.101 -9.026  -5.432  1.00 8.99  ? 40  ARG B CA  1 
ATOM   998  C C   . ARG B 1 42 ? -15.399 -8.708  -3.989  1.00 8.44  ? 40  ARG B C   1 
ATOM   999  O O   . ARG B 1 42 ? -15.798 -7.588  -3.665  1.00 8.84  ? 40  ARG B O   1 
ATOM   1000 C CB  . ARG B 1 42 ? -13.663 -8.611  -5.734  1.00 9.90  ? 40  ARG B CB  1 
ATOM   1001 C CG  . ARG B 1 42 ? -13.082 -9.086  -7.018  1.00 12.92 ? 40  ARG B CG  1 
ATOM   1002 C CD  . ARG B 1 42 ? -11.674 -8.427  -7.137  1.00 15.44 ? 40  ARG B CD  1 
ATOM   1003 N NE  . ARG B 1 42 ? -11.760 -6.976  -7.347  1.00 18.44 ? 40  ARG B NE  1 
ATOM   1004 C CZ  . ARG B 1 42 ? -10.731 -6.141  -7.442  1.00 25.07 ? 40  ARG B CZ  1 
ATOM   1005 N NH1 . ARG B 1 42 ? -9.462  -6.581  -7.324  1.00 24.94 ? 40  ARG B NH1 1 
ATOM   1006 N NH2 . ARG B 1 42 ? -10.971 -4.846  -7.646  1.00 25.40 ? 40  ARG B NH2 1 
ATOM   1007 N N   . LEU B 1 43 ? -15.171 -9.673  -3.110  1.00 6.96  ? 41  LEU B N   1 
ATOM   1008 C CA  . LEU B 1 43 ? -15.132 -9.386  -1.675  1.00 6.52  ? 41  LEU B CA  1 
ATOM   1009 C C   . LEU B 1 43 ? -13.693 -9.312  -1.251  1.00 6.16  ? 41  LEU B C   1 
ATOM   1010 O O   . LEU B 1 43 ? -12.872 -10.103 -1.684  1.00 5.82  ? 41  LEU B O   1 
ATOM   1011 C CB  . LEU B 1 43 ? -15.832 -10.463 -0.857  1.00 5.59  ? 41  LEU B CB  1 
ATOM   1012 C CG  . LEU B 1 43 ? -17.256 -10.786 -1.302  1.00 8.49  ? 41  LEU B CG  1 
ATOM   1013 C CD1 . LEU B 1 43 ? -17.821 -11.882 -0.458  1.00 7.19  ? 41  LEU B CD1 1 
ATOM   1014 C CD2 . LEU B 1 43 ? -18.143 -9.552  -1.222  1.00 11.72 ? 41  LEU B CD2 1 
ATOM   1015 N N   . GLY B 1 44 ? -13.415 -8.365  -0.369  1.00 5.25  ? 42  GLY B N   1 
ATOM   1016 C CA  . GLY B 1 44 ? -12.074 -8.193  0.174   1.00 7.24  ? 42  GLY B CA  1 
ATOM   1017 C C   . GLY B 1 44 ? -12.088 -7.770  1.621   1.00 8.23  ? 42  GLY B C   1 
ATOM   1018 O O   . GLY B 1 44 ? -13.090 -7.348  2.152   1.00 8.55  ? 42  GLY B O   1 
ATOM   1019 N N   . LYS B 1 45 ? -10.931 -7.880  2.256   1.00 7.65  ? 43  LYS B N   1 
ATOM   1020 C CA  . LYS B 1 45 ? -10.752 -7.405  3.602   1.00 9.20  ? 43  LYS B CA  1 
ATOM   1021 C C   . LYS B 1 45 ? -10.041 -6.050  3.591   1.00 7.31  ? 43  LYS B C   1 
ATOM   1022 O O   . LYS B 1 45 ? -9.011  -5.858  2.939   1.00 8.65  ? 43  LYS B O   1 
ATOM   1023 C CB  . LYS B 1 45 ? -9.923  -8.408  4.413   1.00 11.09 ? 43  LYS B CB  1 
ATOM   1024 C CG  . LYS B 1 45 ? -10.456 -9.792  4.373   1.00 16.91 ? 43  LYS B CG  1 
ATOM   1025 C CD  . LYS B 1 45 ? -9.599  -10.756 5.246   1.00 22.18 ? 43  LYS B CD  1 
ATOM   1026 C CE  . LYS B 1 45 ? -10.057 -12.205 5.012   1.00 24.21 ? 43  LYS B CE  1 
ATOM   1027 N NZ  . LYS B 1 45 ? -9.430  -13.117 6.007   1.00 27.80 ? 43  LYS B NZ  1 
ATOM   1028 N N   . LEU B 1 46 ? -10.596 -5.108  4.315   1.00 8.23  ? 44  LEU B N   1 
ATOM   1029 C CA  . LEU B 1 46 ? -10.032 -3.743  4.364   1.00 8.23  ? 44  LEU B CA  1 
ATOM   1030 C C   . LEU B 1 46 ? -8.878  -3.734  5.362   1.00 8.78  ? 44  LEU B C   1 
ATOM   1031 O O   . LEU B 1 46 ? -9.064  -3.494  6.544   1.00 13.20 ? 44  LEU B O   1 
ATOM   1032 C CB  . LEU B 1 46 ? -11.139 -2.757  4.718   1.00 9.27  ? 44  LEU B CB  1 
ATOM   1033 C CG  . LEU B 1 46 ? -10.816 -1.263  4.703   1.00 11.32 ? 44  LEU B CG  1 
ATOM   1034 C CD1 . LEU B 1 46 ? -10.296 -0.726  3.325   1.00 10.23 ? 44  LEU B CD1 1 
ATOM   1035 C CD2 . LEU B 1 46 ? -12.110 -0.442  5.059   1.00 11.09 ? 44  LEU B CD2 1 
ATOM   1036 N N   . ILE B 1 47 ? -7.701  -4.071  4.898   1.00 9.57  ? 45  ILE B N   1 
ATOM   1037 C CA  . ILE B 1 47 ? -6.596  -4.381  5.799   1.00 9.96  ? 45  ILE B CA  1 
ATOM   1038 C C   . ILE B 1 47 ? -5.835  -3.160  6.355   1.00 10.42 ? 45  ILE B C   1 
ATOM   1039 O O   . ILE B 1 47 ? -5.240  -3.246  7.455   1.00 10.82 ? 45  ILE B O   1 
ATOM   1040 C CB  . ILE B 1 47 ? -5.614  -5.413  5.212   1.00 10.40 ? 45  ILE B CB  1 
ATOM   1041 C CG1 . ILE B 1 47 ? -4.990  -4.944  3.912   1.00 11.80 ? 45  ILE B CG1 1 
ATOM   1042 C CG2 . ILE B 1 47 ? -6.316  -6.750  5.138   1.00 9.24  ? 45  ILE B CG2 1 
ATOM   1043 C CD1 . ILE B 1 47 ? -3.818  -5.837  3.407   1.00 14.75 ? 45  ILE B CD1 1 
ATOM   1044 N N   . GLU B 1 48 ? -5.854  -2.058  5.633   1.00 8.64  ? 46  GLU B N   1 
ATOM   1045 C CA  . GLU B 1 48 ? -5.187  -0.818  6.095   1.00 9.86  ? 46  GLU B CA  1 
ATOM   1046 C C   . GLU B 1 48 ? -5.965  0.385   5.587   1.00 9.76  ? 46  GLU B C   1 
ATOM   1047 O O   . GLU B 1 48 ? -6.450  0.365   4.438   1.00 9.26  ? 46  GLU B O   1 
ATOM   1048 C CB  . GLU B 1 48 ? -3.746  -0.715  5.572   1.00 9.67  ? 46  GLU B CB  1 
ATOM   1049 C CG  . GLU B 1 48 ? -2.818  -1.842  5.946   1.00 10.43 ? 46  GLU B CG  1 
ATOM   1050 C CD  . GLU B 1 48 ? -2.477  -1.890  7.456   1.00 12.23 ? 46  GLU B CD  1 
ATOM   1051 O OE1 . GLU B 1 48 ? -2.861  -0.962  8.277   1.00 14.04 ? 46  GLU B OE1 1 
ATOM   1052 O OE2 . GLU B 1 48 ? -1.807  -2.868  7.790   1.00 16.04 ? 46  GLU B OE2 1 
ATOM   1053 N N   . VAL B 1 49 ? -6.018  1.462   6.379   1.00 9.14  ? 47  VAL B N   1 
ATOM   1054 C CA  . VAL B 1 49 ? -6.617  2.711   5.948   1.00 8.58  ? 47  VAL B CA  1 
ATOM   1055 C C   . VAL B 1 49 ? -5.670  3.840   6.332   1.00 9.69  ? 47  VAL B C   1 
ATOM   1056 O O   . VAL B 1 49 ? -5.228  3.908   7.493   1.00 10.01 ? 47  VAL B O   1 
ATOM   1057 C CB  . VAL B 1 49 ? -7.985  2.917   6.612   1.00 9.49  ? 47  VAL B CB  1 
ATOM   1058 C CG1 . VAL B 1 49 ? -8.608  4.317   6.191   1.00 9.19  ? 47  VAL B CG1 1 
ATOM   1059 C CG2 . VAL B 1 49 ? -8.903  1.824   6.145   1.00 8.44  ? 47  VAL B CG2 1 
ATOM   1060 N N   . TYR B 1 50 ? -5.323  4.657   5.354   1.00 8.51  ? 48  TYR B N   1 
ATOM   1061 C CA  . TYR B 1 50 ? -4.413  5.794   5.536   1.00 8.66  ? 48  TYR B CA  1 
ATOM   1062 C C   . TYR B 1 50 ? -5.038  7.075   5.028   1.00 10.31 ? 48  TYR B C   1 
ATOM   1063 O O   . TYR B 1 50 ? -6.072  7.079   4.358   1.00 8.95  ? 48  TYR B O   1 
ATOM   1064 C CB  . TYR B 1 50 ? -3.107  5.506   4.816   1.00 9.43  ? 48  TYR B CB  1 
ATOM   1065 C CG  . TYR B 1 50 ? -2.412  4.246   5.274   1.00 9.30  ? 48  TYR B CG  1 
ATOM   1066 C CD1 . TYR B 1 50 ? -1.777  4.179   6.508   1.00 9.22  ? 48  TYR B CD1 1 
ATOM   1067 C CD2 . TYR B 1 50 ? -2.357  3.100   4.469   1.00 9.34  ? 48  TYR B CD2 1 
ATOM   1068 C CE1 . TYR B 1 50 ? -1.159  3.031   6.956   1.00 12.35 ? 48  TYR B CE1 1 
ATOM   1069 C CE2 . TYR B 1 50 ? -1.688  1.937   4.914   1.00 10.06 ? 48  TYR B CE2 1 
ATOM   1070 C CZ  . TYR B 1 50 ? -1.107  1.901   6.151   1.00 11.11 ? 48  TYR B CZ  1 
ATOM   1071 O OH  . TYR B 1 50 ? -0.461  0.745   6.595   1.00 12.24 ? 48  TYR B OH  1 
ATOM   1072 N N   . PRO B 1 51 ? -4.394  8.217   5.301   1.00 11.27 ? 49  PRO B N   1 
ATOM   1073 C CA  . PRO B 1 51 ? -4.953  9.481   4.887   1.00 12.25 ? 49  PRO B CA  1 
ATOM   1074 C C   . PRO B 1 51 ? -5.222  9.651   3.386   1.00 11.89 ? 49  PRO B C   1 
ATOM   1075 O O   . PRO B 1 51 ? -6.202  10.276  3.035   1.00 13.53 ? 49  PRO B O   1 
ATOM   1076 C CB  . PRO B 1 51 ? -3.884  10.479  5.384   1.00 12.85 ? 49  PRO B CB  1 
ATOM   1077 C CG  . PRO B 1 51 ? -3.381  9.824   6.627   1.00 13.88 ? 49  PRO B CG  1 
ATOM   1078 C CD  . PRO B 1 51 ? -3.254  8.380   6.225   1.00 12.51 ? 49  PRO B CD  1 
ATOM   1079 N N   . SER B 1 52 ? -4.382  9.072   2.530   1.00 12.26 ? 50  SER B N   1 
ATOM   1080 C CA  . SER B 1 52 ? -4.473  9.258   1.101   1.00 13.75 ? 50  SER B CA  1 
ATOM   1081 C C   . SER B 1 52 ? -4.780  7.996   0.328   1.00 12.73 ? 50  SER B C   1 
ATOM   1082 O O   . SER B 1 52 ? -4.842  8.039   -0.904  1.00 13.23 ? 50  SER B O   1 
ATOM   1083 C CB  . SER B 1 52 ? -3.161  9.797   0.554   1.00 15.09 ? 50  SER B CB  1 
ATOM   1084 O OG  . SER B 1 52 ? -2.183  8.750   0.422   1.00 20.36 ? 50  SER B OG  1 
ATOM   1085 N N   . LEU B 1 53 ? -4.860  6.877   1.021   1.00 10.94 ? 51  LEU B N   1 
ATOM   1086 C CA  . LEU B 1 53 ? -5.163  5.641   0.343   1.00 11.17 ? 51  LEU B CA  1 
ATOM   1087 C C   . LEU B 1 53 ? -5.616  4.611   1.333   1.00 8.49  ? 51  LEU B C   1 
ATOM   1088 O O   . LEU B 1 53 ? -5.441  4.761   2.503   1.00 8.69  ? 51  LEU B O   1 
ATOM   1089 C CB  . LEU B 1 53 ? -3.981  5.175   -0.480  1.00 12.58 ? 51  LEU B CB  1 
ATOM   1090 C CG  . LEU B 1 53 ? -2.780  4.706   0.253   1.00 13.92 ? 51  LEU B CG  1 
ATOM   1091 C CD1 . LEU B 1 53 ? -2.803  3.244   0.385   1.00 16.88 ? 51  LEU B CD1 1 
ATOM   1092 C CD2 . LEU B 1 53 ? -1.458  5.094   -0.554  1.00 21.36 ? 51  LEU B CD2 1 
ATOM   1093 N N   . PHE B 1 54 ? -6.204  3.541   0.801   1.00 8.62  ? 52  PHE B N   1 
ATOM   1094 C CA  . PHE B 1 54 ? -6.585  2.409   1.576   1.00 7.21  ? 52  PHE B CA  1 
ATOM   1095 C C   . PHE B 1 54 ? -6.246  1.127   0.807   1.00 7.04  ? 52  PHE B C   1 
ATOM   1096 O O   . PHE B 1 54 ? -6.035  1.120   -0.425  1.00 7.52  ? 52  PHE B O   1 
ATOM   1097 C CB  . PHE B 1 54 ? -8.066  2.517   2.025   1.00 8.07  ? 52  PHE B CB  1 
ATOM   1098 C CG  . PHE B 1 54 ? -9.076  2.438   0.891   1.00 5.06  ? 52  PHE B CG  1 
ATOM   1099 C CD1 . PHE B 1 54 ? -9.639  1.198   0.499   1.00 5.89  ? 52  PHE B CD1 1 
ATOM   1100 C CD2 . PHE B 1 54 ? -9.477  3.577   0.210   1.00 7.57  ? 52  PHE B CD2 1 
ATOM   1101 C CE1 . PHE B 1 54 ? -10.586 1.156   -0.502  1.00 8.71  ? 52  PHE B CE1 1 
ATOM   1102 C CE2 . PHE B 1 54 ? -10.468 3.500   -0.800  1.00 10.76 ? 52  PHE B CE2 1 
ATOM   1103 C CZ  . PHE B 1 54 ? -10.994 2.307   -1.155  1.00 6.58  ? 52  PHE B CZ  1 
ATOM   1104 N N   . ILE B 1 55 ? -6.154  0.056   1.560   1.00 6.62  ? 53  ILE B N   1 
ATOM   1105 C CA  . ILE B 1 55 ? -5.612  -1.217  1.064   1.00 7.38  ? 53  ILE B CA  1 
ATOM   1106 C C   . ILE B 1 55 ? -6.575  -2.355  1.316   1.00 7.35  ? 53  ILE B C   1 
ATOM   1107 O O   . ILE B 1 55 ? -7.039  -2.548  2.428   1.00 8.14  ? 53  ILE B O   1 
ATOM   1108 C CB  . ILE B 1 55 ? -4.218  -1.476  1.670   1.00 9.02  ? 53  ILE B CB  1 
ATOM   1109 C CG1 . ILE B 1 55 ? -3.328  -0.274  1.348   1.00 11.32 ? 53  ILE B CG1 1 
ATOM   1110 C CG2 . ILE B 1 55 ? -3.591  -2.755  1.083   1.00 9.54  ? 53  ILE B CG2 1 
ATOM   1111 C CD1 . ILE B 1 55 ? -1.872  -0.418  1.753   1.00 13.89 ? 53  ILE B CD1 1 
ATOM   1112 N N   . VAL B 1 56 ? -6.861  -3.126  0.275   1.00 6.90  ? 54  VAL B N   1 
ATOM   1113 C CA  . VAL B 1 56 ? -7.788  -4.239  0.365   1.00 6.46  ? 54  VAL B CA  1 
ATOM   1114 C C   . VAL B 1 56 ? -7.094  -5.556  -0.061  1.00 7.49  ? 54  VAL B C   1 
ATOM   1115 O O   . VAL B 1 56 ? -6.374  -5.593  -1.043  1.00 8.33  ? 54  VAL B O   1 
ATOM   1116 C CB  . VAL B 1 56 ? -9.072  -3.983  -0.487  1.00 7.55  ? 54  VAL B CB  1 
ATOM   1117 C CG1 . VAL B 1 56 ? -10.087 -5.173  -0.374  1.00 6.61  ? 54  VAL B CG1 1 
ATOM   1118 C CG2 . VAL B 1 56 ? -9.753  -2.673  -0.103  1.00 6.62  ? 54  VAL B CG2 1 
ATOM   1119 N N   . GLU B 1 57 ? -7.312  -6.608  0.719   1.00 7.82  ? 55  GLU B N   1 
ATOM   1120 C CA  . GLU B 1 57 ? -6.819  -7.956  0.366   1.00 8.97  ? 55  GLU B CA  1 
ATOM   1121 C C   . GLU B 1 57 ? -7.969  -8.741  -0.252  1.00 7.83  ? 55  GLU B C   1 
ATOM   1122 O O   . GLU B 1 57 ? -9.062  -8.842  0.360   1.00 7.45  ? 55  GLU B O   1 
ATOM   1123 C CB  . GLU B 1 57 ? -6.417  -8.685  1.608   1.00 9.96  ? 55  GLU B CB  1 
ATOM   1124 C CG  . GLU B 1 57 ? -5.839  -10.106 1.342   1.00 11.56 ? 55  GLU B CG  1 
ATOM   1125 C CD  . GLU B 1 57 ? -5.878  -10.929 2.631   1.00 18.87 ? 55  GLU B CD  1 
ATOM   1126 O OE1 . GLU B 1 57 ? -4.962  -10.775 3.476   1.00 20.96 ? 55  GLU B OE1 1 
ATOM   1127 O OE2 . GLU B 1 57 ? -6.853  -11.664 2.839   1.00 17.39 ? 55  GLU B OE2 1 
ATOM   1128 N N   . PHE B 1 58 ? -7.755  -9.210  -1.463  1.00 7.08  ? 56  PHE B N   1 
ATOM   1129 C CA  . PHE B 1 58 ? -8.792  -9.942  -2.202  1.00 7.73  ? 56  PHE B CA  1 
ATOM   1130 C C   . PHE B 1 58 ? -8.385  -11.398 -2.300  1.00 7.95  ? 56  PHE B C   1 
ATOM   1131 O O   . PHE B 1 58 ? -7.170  -11.693 -2.380  1.00 10.55 ? 56  PHE B O   1 
ATOM   1132 C CB  . PHE B 1 58 ? -8.937  -9.382  -3.615  1.00 7.74  ? 56  PHE B CB  1 
ATOM   1133 C CG  . PHE B 1 58 ? -9.554  -8.011  -3.687  1.00 7.19  ? 56  PHE B CG  1 
ATOM   1134 C CD1 . PHE B 1 58 ? -10.926 -7.822  -3.476  1.00 7.46  ? 56  PHE B CD1 1 
ATOM   1135 C CD2 . PHE B 1 58 ? -8.768  -6.900  -4.010  1.00 7.13  ? 56  PHE B CD2 1 
ATOM   1136 C CE1 . PHE B 1 58 ? -11.469 -6.544  -3.532  1.00 6.95  ? 56  PHE B CE1 1 
ATOM   1137 C CE2 . PHE B 1 58 ? -9.327  -5.639  -4.114  1.00 7.29  ? 56  PHE B CE2 1 
ATOM   1138 C CZ  . PHE B 1 58 ? -10.673 -5.448  -3.846  1.00 7.84  ? 56  PHE B CZ  1 
ATOM   1139 N N   . GLY B 1 59 ? -9.372  -12.287 -2.277  1.00 7.04  ? 57  GLY B N   1 
ATOM   1140 C CA  . GLY B 1 59 ? -9.190  -13.679 -2.610  1.00 7.73  ? 57  GLY B CA  1 
ATOM   1141 C C   . GLY B 1 59 ? -9.351  -14.616 -1.449  1.00 7.36  ? 57  GLY B C   1 
ATOM   1142 O O   . GLY B 1 59 ? -9.415  -15.860 -1.612  1.00 9.18  ? 57  GLY B O   1 
ATOM   1143 N N   . ASP B 1 60 ? -9.409  -14.077 -0.249  1.00 8.51  ? 58  ASP B N   1 
ATOM   1144 C CA  . ASP B 1 60 ? -9.505  -14.953 0.938   1.00 9.97  ? 58  ASP B CA  1 
ATOM   1145 C C   . ASP B 1 60 ? -10.746 -14.751 1.815   1.00 10.50 ? 58  ASP B C   1 
ATOM   1146 O O   . ASP B 1 60 ? -10.811 -15.238 2.955   1.00 10.77 ? 58  ASP B O   1 
ATOM   1147 C CB  . ASP B 1 60 ? -8.231  -14.812 1.772   1.00 10.97 ? 58  ASP B CB  1 
ATOM   1148 C CG  . ASP B 1 60 ? -7.820  -16.149 2.456   1.00 16.43 ? 58  ASP B CG  1 
ATOM   1149 O OD1 . ASP B 1 60 ? -8.191  -17.265 1.976   1.00 13.92 ? 58  ASP B OD1 1 
ATOM   1150 O OD2 . ASP B 1 60 ? -7.166  -16.056 3.502   1.00 22.63 ? 58  ASP B OD2 1 
ATOM   1151 N N   . VAL B 1 61 ? -11.763 -14.106 1.278   1.00 7.72  ? 59  VAL B N   1 
ATOM   1152 C CA  . VAL B 1 61 ? -13.009 -13.928 2.008   1.00 8.62  ? 59  VAL B CA  1 
ATOM   1153 C C   . VAL B 1 61 ? -13.904 -15.106 1.710   1.00 8.98  ? 59  VAL B C   1 
ATOM   1154 O O   . VAL B 1 61 ? -14.096 -15.450 0.559   1.00 9.16  ? 59  VAL B O   1 
ATOM   1155 C CB  . VAL B 1 61 ? -13.730 -12.617 1.611   1.00 7.34  ? 59  VAL B CB  1 
ATOM   1156 C CG1 . VAL B 1 61 ? -15.103 -12.422 2.396   1.00 8.06  ? 59  VAL B CG1 1 
ATOM   1157 C CG2 . VAL B 1 61 ? -12.821 -11.420 1.891   1.00 7.64  ? 59  VAL B CG2 1 
ATOM   1158 N N   . GLU B 1 62 ? -14.466 -15.719 2.742   1.00 9.80  ? 60  GLU B N   1 
ATOM   1159 C CA  . GLU B 1 62 ? -15.476 -16.759 2.538   1.00 12.35 ? 60  GLU B CA  1 
ATOM   1160 C C   . GLU B 1 62 ? -16.607 -16.343 1.607   1.00 11.69 ? 60  GLU B C   1 
ATOM   1161 O O   . GLU B 1 62 ? -17.213 -15.292 1.770   1.00 10.07 ? 60  GLU B O   1 
ATOM   1162 C CB  . GLU B 1 62 ? -16.001 -17.230 3.907   1.00 14.51 ? 60  GLU B CB  1 
ATOM   1163 C CG  . GLU B 1 62 ? -17.050 -18.278 3.797   1.00 20.11 ? 60  GLU B CG  1 
ATOM   1164 C CD  . GLU B 1 62 ? -17.375 -18.929 5.125   1.00 27.42 ? 60  GLU B CD  1 
ATOM   1165 O OE1 . GLU B 1 62 ? -17.039 -18.363 6.204   1.00 32.14 ? 60  GLU B OE1 1 
ATOM   1166 O OE2 . GLU B 1 62 ? -17.965 -20.026 5.065   1.00 33.07 ? 60  GLU B OE2 1 
ATOM   1167 N N   . GLY B 1 63 ? -16.890 -17.151 0.601   1.00 11.58 ? 61  GLY B N   1 
ATOM   1168 C CA  . GLY B 1 63 ? -17.897 -16.804 -0.408  1.00 12.21 ? 61  GLY B CA  1 
ATOM   1169 C C   . GLY B 1 63 ? -17.277 -16.244 -1.689  1.00 12.09 ? 61  GLY B C   1 
ATOM   1170 O O   . GLY B 1 63 ? -17.934 -16.206 -2.746  1.00 12.45 ? 61  GLY B O   1 
ATOM   1171 N N   . ASP B 1 64 ? -16.032 -15.810 -1.594  1.00 9.05  ? 62  ASP B N   1 
ATOM   1172 C CA  . ASP B 1 64 ? -15.304 -15.301 -2.754  1.00 9.31  ? 62  ASP B CA  1 
ATOM   1173 C C   . ASP B 1 64 ? -13.853 -15.722 -2.697  1.00 7.74  ? 62  ASP B C   1 
ATOM   1174 O O   . ASP B 1 64 ? -12.942 -14.960 -3.040  1.00 7.12  ? 62  ASP B O   1 
ATOM   1175 C CB  . ASP B 1 64 ? -15.462 -13.766 -2.893  1.00 9.99  ? 62  ASP B CB  1 
ATOM   1176 C CG  . ASP B 1 64 ? -14.932 -13.240 -4.236  1.00 11.52 ? 62  ASP B CG  1 
ATOM   1177 O OD1 . ASP B 1 64 ? -15.058 -13.960 -5.264  1.00 11.50 ? 62  ASP B OD1 1 
ATOM   1178 O OD2 . ASP B 1 64 ? -14.347 -12.115 -4.280  1.00 11.67 ? 62  ASP B OD2 1 
ATOM   1179 N N   . LYS B 1 65 ? -13.609 -16.970 -2.285  1.00 7.82  ? 63  LYS B N   1 
ATOM   1180 C CA  . LYS B 1 65 ? -12.250 -17.468 -2.206  1.00 7.70  ? 63  LYS B CA  1 
ATOM   1181 C C   . LYS B 1 65 ? -11.697 -17.688 -3.604  1.00 7.15  ? 63  LYS B C   1 
ATOM   1182 O O   . LYS B 1 65 ? -12.402 -18.210 -4.470  1.00 6.31  ? 63  LYS B O   1 
ATOM   1183 C CB  . LYS B 1 65 ? -12.224 -18.797 -1.460  1.00 9.27  ? 63  LYS B CB  1 
ATOM   1184 C CG  . LYS B 1 65 ? -12.568 -18.719 0.001   1.00 13.34 ? 63  LYS B CG  1 
ATOM   1185 C CD  . LYS B 1 65 ? -11.430 -18.399 0.885   1.00 12.90 ? 63  LYS B CD  1 
ATOM   1186 C CE  . LYS B 1 65 ? -11.842 -18.617 2.337   1.00 17.84 ? 63  LYS B CE  1 
ATOM   1187 N NZ  . LYS B 1 65 ? -10.678 -18.421 3.235   1.00 20.68 ? 63  LYS B NZ  1 
ATOM   1188 N N   . GLN B 1 66 ? -10.451 -17.309 -3.796  1.00 6.46  ? 64  GLN B N   1 
ATOM   1189 C CA  . GLN B 1 66 ? -9.784  -17.437 -5.085  1.00 7.28  ? 64  GLN B CA  1 
ATOM   1190 C C   . GLN B 1 66 ? -8.461  -18.135 -4.898  1.00 7.30  ? 64  GLN B C   1 
ATOM   1191 O O   . GLN B 1 66 ? -7.887  -18.140 -3.783  1.00 7.21  ? 64  GLN B O   1 
ATOM   1192 C CB  . GLN B 1 66 ? -9.556  -16.050 -5.709  1.00 7.80  ? 64  GLN B CB  1 
ATOM   1193 C CG  . GLN B 1 66 ? -10.873 -15.223 -5.887  1.00 11.33 ? 64  GLN B CG  1 
ATOM   1194 C CD  . GLN B 1 66 ? -11.853 -15.814 -6.856  1.00 14.87 ? 64  GLN B CD  1 
ATOM   1195 O OE1 . GLN B 1 66 ? -11.478 -16.566 -7.788  1.00 22.53 ? 64  GLN B OE1 1 
ATOM   1196 N NE2 . GLN B 1 66 ? -13.129 -15.555 -6.626  1.00 16.41 ? 64  GLN B NE2 1 
ATOM   1197 N N   . VAL B 1 67 ? -7.918  -18.663 -6.010  1.00 6.95  ? 65  VAL B N   1 
ATOM   1198 C CA  . VAL B 1 67 ? -6.590  -19.255 -5.982  1.00 7.43  ? 65  VAL B CA  1 
ATOM   1199 C C   . VAL B 1 67 ? -5.533  -18.188 -5.591  1.00 10.44 ? 65  VAL B C   1 
ATOM   1200 O O   . VAL B 1 67 ? -4.646  -18.471 -4.802  1.00 12.78 ? 65  VAL B O   1 
ATOM   1201 C CB  . VAL B 1 67 ? -6.233  -19.853 -7.361  1.00 7.14  ? 65  VAL B CB  1 
ATOM   1202 C CG1 . VAL B 1 67 ? -4.747  -20.275 -7.405  1.00 7.73  ? 65  VAL B CG1 1 
ATOM   1203 C CG2 . VAL B 1 67 ? -7.209  -21.066 -7.696  1.00 4.75  ? 65  VAL B CG2 1 
ATOM   1204 N N   . ASN B 1 68 ? -5.649  -16.997 -6.187  1.00 11.89 ? 66  ASN B N   1 
ATOM   1205 C CA  . ASN B 1 68 ? -4.685  -15.872 -6.025  1.00 14.41 ? 66  ASN B CA  1 
ATOM   1206 C C   . ASN B 1 68 ? -5.225  -14.964 -4.937  1.00 13.81 ? 66  ASN B C   1 
ATOM   1207 O O   . ASN B 1 68 ? -6.341  -14.438 -5.064  1.00 14.31 ? 66  ASN B O   1 
ATOM   1208 C CB  . ASN B 1 68 ? -4.560  -15.032 -7.339  1.00 16.19 ? 66  ASN B CB  1 
ATOM   1209 C CG  . ASN B 1 68 ? -3.830  -15.769 -8.484  1.00 18.53 ? 66  ASN B CG  1 
ATOM   1210 O OD1 . ASN B 1 68 ? -2.623  -15.609 -8.664  1.00 25.86 ? 66  ASN B OD1 1 
ATOM   1211 N ND2 . ASN B 1 68 ? -4.564  -16.555 -9.281  1.00 23.82 ? 66  ASN B ND2 1 
ATOM   1212 N N   . VAL B 1 69 ? -4.442  -14.796 -3.866  1.00 14.09 ? 67  VAL B N   1 
ATOM   1213 C CA  . VAL B 1 69 ? -4.762  -13.807 -2.783  1.00 13.54 ? 67  VAL B CA  1 
ATOM   1214 C C   . VAL B 1 69 ? -3.839  -12.634 -3.014  1.00 14.79 ? 67  VAL B C   1 
ATOM   1215 O O   . VAL B 1 69 ? -2.600  -12.817 -3.089  1.00 14.56 ? 67  VAL B O   1 
ATOM   1216 C CB  . VAL B 1 69 ? -4.546  -14.386 -1.366  1.00 13.27 ? 67  VAL B CB  1 
ATOM   1217 C CG1 . VAL B 1 69 ? -4.723  -13.298 -0.262  1.00 13.92 ? 67  VAL B CG1 1 
ATOM   1218 C CG2 . VAL B 1 69 ? -5.466  -15.547 -1.136  1.00 14.44 ? 67  VAL B CG2 1 
ATOM   1219 N N   . TYR B 1 70 ? -4.396  -11.441 -3.214  1.00 14.10 ? 68  TYR B N   1 
ATOM   1220 C CA  . TYR B 1 70 ? -3.545  -10.302 -3.532  1.00 14.67 ? 68  TYR B CA  1 
ATOM   1221 C C   . TYR B 1 70 ? -4.045  -9.088  -2.827  1.00 14.13 ? 68  TYR B C   1 
ATOM   1222 O O   . TYR B 1 70 ? -5.155  -9.067  -2.274  1.00 12.67 ? 68  TYR B O   1 
ATOM   1223 C CB  . TYR B 1 70 ? -3.476  -10.059 -5.020  1.00 14.34 ? 68  TYR B CB  1 
ATOM   1224 C CG  . TYR B 1 70 ? -4.818  -9.803  -5.670  1.00 16.53 ? 68  TYR B CG  1 
ATOM   1225 C CD1 . TYR B 1 70 ? -5.229  -8.521  -5.956  1.00 20.73 ? 68  TYR B CD1 1 
ATOM   1226 C CD2 . TYR B 1 70 ? -5.665  -10.863 -6.001  1.00 23.02 ? 68  TYR B CD2 1 
ATOM   1227 C CE1 . TYR B 1 70 ? -6.464  -8.269  -6.554  1.00 23.33 ? 68  TYR B CE1 1 
ATOM   1228 C CE2 . TYR B 1 70 ? -6.937  -10.621 -6.608  1.00 23.58 ? 68  TYR B CE2 1 
ATOM   1229 C CZ  . TYR B 1 70 ? -7.300  -9.326  -6.885  1.00 22.09 ? 68  TYR B CZ  1 
ATOM   1230 O OH  . TYR B 1 70 ? -8.515  -9.073  -7.457  1.00 26.57 ? 68  TYR B OH  1 
ATOM   1231 N N   . VAL B 1 71 ? -3.196  -8.079  -2.856  1.00 13.62 ? 69  VAL B N   1 
ATOM   1232 C CA  . VAL B 1 71 ? -3.465  -6.840  -2.156  1.00 13.64 ? 69  VAL B CA  1 
ATOM   1233 C C   . VAL B 1 71 ? -3.458  -5.755  -3.167  1.00 12.86 ? 69  VAL B C   1 
ATOM   1234 O O   . VAL B 1 71 ? -2.587  -5.724  -4.102  1.00 13.27 ? 69  VAL B O   1 
ATOM   1235 C CB  . VAL B 1 71 ? -2.436  -6.640  -1.010  1.00 14.96 ? 69  VAL B CB  1 
ATOM   1236 C CG1 . VAL B 1 71 ? -2.586  -5.349  -0.361  1.00 16.24 ? 69  VAL B CG1 1 
ATOM   1237 C CG2 . VAL B 1 71 ? -2.593  -7.721  0.027   1.00 16.09 ? 69  VAL B CG2 1 
ATOM   1238 N N   . GLU B 1 72 ? -4.419  -4.852  -3.047  1.00 10.83 ? 70  GLU B N   1 
ATOM   1239 C CA  . GLU B 1 72 ? -4.560  -3.736  -3.963  1.00 11.77 ? 70  GLU B CA  1 
ATOM   1240 C C   . GLU B 1 72 ? -4.802  -2.426  -3.215  1.00 11.95 ? 70  GLU B C   1 
ATOM   1241 O O   . GLU B 1 72 ? -5.551  -2.397  -2.247  1.00 11.28 ? 70  GLU B O   1 
ATOM   1242 C CB  . GLU B 1 72 ? -5.707  -3.993  -4.920  1.00 12.14 ? 70  GLU B CB  1 
ATOM   1243 C CG  . GLU B 1 72 ? -5.833  -2.983  -6.031  1.00 15.80 ? 70  GLU B CG  1 
ATOM   1244 C CD  . GLU B 1 72 ? -6.787  -3.455  -7.123  1.00 18.08 ? 70  GLU B CD  1 
ATOM   1245 O OE1 . GLU B 1 72 ? -7.134  -4.644  -7.122  1.00 19.30 ? 70  GLU B OE1 1 
ATOM   1246 O OE2 . GLU B 1 72 ? -7.182  -2.625  -7.948  1.00 20.87 ? 70  GLU B OE2 1 
ATOM   1247 N N   . SER B 1 73 ? -4.160  -1.348  -3.641  1.00 11.74 ? 71  SER B N   1 
ATOM   1248 C CA  . SER B 1 73 ? -4.383  -0.077  -3.010  1.00 11.43 ? 71  SER B CA  1 
ATOM   1249 C C   . SER B 1 73 ? -5.392  0.738   -3.894  1.00 11.13 ? 71  SER B C   1 
ATOM   1250 O O   . SER B 1 73 ? -5.402  0.650   -5.153  1.00 11.63 ? 71  SER B O   1 
ATOM   1251 C CB  . SER B 1 73 ? -3.023  0.626   -2.767  1.00 14.12 ? 71  SER B CB  1 
ATOM   1252 O OG  . SER B 1 73 ? -2.648  1.166   -3.984  1.00 20.99 ? 71  SER B OG  1 
ATOM   1253 N N   . PHE B 1 74 ? -6.202  1.538   -3.229  1.00 9.10  ? 72  PHE B N   1 
ATOM   1254 C CA  . PHE B 1 74 ? -7.151  2.435   -3.834  1.00 9.75  ? 72  PHE B CA  1 
ATOM   1255 C C   . PHE B 1 74 ? -6.997  3.824   -3.261  1.00 10.06 ? 72  PHE B C   1 
ATOM   1256 O O   . PHE B 1 74 ? -6.675  4.005   -2.082  1.00 9.96  ? 72  PHE B O   1 
ATOM   1257 C CB  . PHE B 1 74 ? -8.585  1.958   -3.548  1.00 9.44  ? 72  PHE B CB  1 
ATOM   1258 C CG  . PHE B 1 74 ? -8.874  0.637   -4.107  1.00 8.61  ? 72  PHE B CG  1 
ATOM   1259 C CD1 . PHE B 1 74 ? -9.337  0.520   -5.423  1.00 10.31 ? 72  PHE B CD1 1 
ATOM   1260 C CD2 . PHE B 1 74 ? -8.641  -0.503  -3.368  1.00 9.96  ? 72  PHE B CD2 1 
ATOM   1261 C CE1 . PHE B 1 74 ? -9.594  -0.709  -5.960  1.00 9.33  ? 72  PHE B CE1 1 
ATOM   1262 C CE2 . PHE B 1 74 ? -8.900  -1.772  -3.923  1.00 10.87 ? 72  PHE B CE2 1 
ATOM   1263 C CZ  . PHE B 1 74 ? -9.348  -1.871  -5.208  1.00 7.52  ? 72  PHE B CZ  1 
ATOM   1264 N N   . THR B 1 75 ? -7.305  4.815   -4.080  1.00 10.25 ? 73  THR B N   1 
ATOM   1265 C CA  . THR B 1 75 ? -7.371  6.168   -3.580  1.00 9.99  ? 73  THR B CA  1 
ATOM   1266 C C   . THR B 1 75 ? -8.812  6.457   -3.203  1.00 10.42 ? 73  THR B C   1 
ATOM   1267 O O   . THR B 1 75 ? -9.732  5.811   -3.659  1.00 9.51  ? 73  THR B O   1 
ATOM   1268 C CB  . THR B 1 75 ? -6.880  7.210   -4.611  1.00 10.73 ? 73  THR B CB  1 
ATOM   1269 O OG1 . THR B 1 75 ? -7.792  7.192   -5.704  1.00 9.74  ? 73  THR B OG1 1 
ATOM   1270 C CG2 . THR B 1 75 ? -5.484  6.888   -5.102  1.00 11.96 ? 73  THR B CG2 1 
ATOM   1271 N N   . TYR B 1 76 ? -9.030  7.502   -2.429  1.00 9.53  ? 74  TYR B N   1 
ATOM   1272 C CA  . TYR B 1 76 ? -10.419 7.907   -2.157  1.00 9.46  ? 74  TYR B CA  1 
ATOM   1273 C C   . TYR B 1 76 ? -11.120 8.467   -3.395  1.00 8.57  ? 74  TYR B C   1 
ATOM   1274 O O   . TYR B 1 76 ? -12.315 8.367   -3.558  1.00 9.52  ? 74  TYR B O   1 
ATOM   1275 C CB  . TYR B 1 76 ? -10.451 8.888   -0.965  1.00 9.82  ? 74  TYR B CB  1 
ATOM   1276 C CG  . TYR B 1 76 ? -9.920  8.238   0.261   1.00 9.83  ? 74  TYR B CG  1 
ATOM   1277 C CD1 . TYR B 1 76 ? -10.657 7.259   0.941   1.00 8.79  ? 74  TYR B CD1 1 
ATOM   1278 C CD2 . TYR B 1 76 ? -8.640  8.509   0.723   1.00 14.42 ? 74  TYR B CD2 1 
ATOM   1279 C CE1 . TYR B 1 76 ? -10.201 6.639   2.027   1.00 10.89 ? 74  TYR B CE1 1 
ATOM   1280 C CE2 . TYR B 1 76 ? -8.164  7.879   1.882   1.00 13.15 ? 74  TYR B CE2 1 
ATOM   1281 C CZ  . TYR B 1 76 ? -8.952  6.941   2.521   1.00 13.16 ? 74  TYR B CZ  1 
ATOM   1282 O OH  . TYR B 1 76 ? -8.501  6.258   3.632   1.00 9.30  ? 74  TYR B OH  1 
ATOM   1283 N N   . SER B 1 77 ? -10.337 9.086   -4.278  1.00 10.55 ? 75  SER B N   1 
ATOM   1284 C CA  . SER B 1 77 ? -10.842 9.488   -5.588  1.00 10.12 ? 75  SER B CA  1 
ATOM   1285 C C   . SER B 1 77 ? -11.432 8.350   -6.440  1.00 9.52  ? 75  SER B C   1 
ATOM   1286 O O   . SER B 1 77 ? -12.443 8.545   -7.152  1.00 10.48 ? 75  SER B O   1 
ATOM   1287 C CB  . SER B 1 77 ? -9.679  10.181  -6.324  1.00 10.88 ? 75  SER B CB  1 
ATOM   1288 O OG  . SER B 1 77 ? -10.112 10.576  -7.614  1.00 16.00 ? 75  SER B OG  1 
ATOM   1289 N N   . ASP B 1 78 ? -10.828 7.154   -6.366  1.00 9.91  ? 76  ASP B N   1 
ATOM   1290 C CA  . ASP B 1 78 ? -11.358 5.956   -7.036  1.00 10.35 ? 76  ASP B CA  1 
ATOM   1291 C C   . ASP B 1 78 ? -12.833 5.749   -6.632  1.00 10.22 ? 76  ASP B C   1 
ATOM   1292 O O   . ASP B 1 78 ? -13.673 5.396   -7.458  1.00 10.07 ? 76  ASP B O   1 
ATOM   1293 C CB  . ASP B 1 78 ? -10.535 4.713   -6.736  1.00 11.68 ? 76  ASP B CB  1 
ATOM   1294 C CG  . ASP B 1 78 ? -9.130  4.733   -7.315  1.00 13.12 ? 76  ASP B CG  1 
ATOM   1295 O OD1 . ASP B 1 78 ? -8.913  5.431   -8.345  1.00 12.86 ? 76  ASP B OD1 1 
ATOM   1296 O OD2 . ASP B 1 78 ? -8.214  4.040   -6.744  1.00 10.70 ? 76  ASP B OD2 1 
ATOM   1297 N N   . ILE B 1 79 ? -13.149 6.045   -5.380  1.00 7.71  ? 77  ILE B N   1 
ATOM   1298 C CA  . ILE B 1 79 ? -14.509 5.884   -4.902  1.00 7.77  ? 77  ILE B CA  1 
ATOM   1299 C C   . ILE B 1 79 ? -15.388 7.091   -5.262  1.00 7.29  ? 77  ILE B C   1 
ATOM   1300 O O   . ILE B 1 79 ? -16.537 6.940   -5.730  1.00 7.62  ? 77  ILE B O   1 
ATOM   1301 C CB  . ILE B 1 79 ? -14.541 5.662   -3.365  1.00 7.47  ? 77  ILE B CB  1 
ATOM   1302 C CG1 . ILE B 1 79 ? -13.636 4.499   -2.946  1.00 8.56  ? 77  ILE B CG1 1 
ATOM   1303 C CG2 . ILE B 1 79 ? -16.014 5.384   -2.877  1.00 6.27  ? 77  ILE B CG2 1 
ATOM   1304 C CD1 . ILE B 1 79 ? -13.918 3.150   -3.667  1.00 9.01  ? 77  ILE B CD1 1 
ATOM   1305 N N   . LEU B 1 80 ? -14.866 8.290   -5.040  1.00 8.27  ? 78  LEU B N   1 
ATOM   1306 C CA  . LEU B 1 80 ? -15.598 9.530   -5.296  1.00 8.43  ? 78  LEU B CA  1 
ATOM   1307 C C   . LEU B 1 80 ? -16.034 9.586   -6.765  1.00 8.67  ? 78  LEU B C   1 
ATOM   1308 O O   . LEU B 1 80 ? -17.162 9.929   -7.066  1.00 8.52  ? 78  LEU B O   1 
ATOM   1309 C CB  . LEU B 1 80 ? -14.757 10.758  -4.979  1.00 9.67  ? 78  LEU B CB  1 
ATOM   1310 C CG  . LEU B 1 80 ? -15.487 12.107  -5.126  1.00 10.92 ? 78  LEU B CG  1 
ATOM   1311 C CD1 . LEU B 1 80 ? -16.664 12.296  -4.154  1.00 11.08 ? 78  LEU B CD1 1 
ATOM   1312 C CD2 . LEU B 1 80 ? -14.398 13.238  -4.888  1.00 13.15 ? 78  LEU B CD2 1 
ATOM   1313 N N   . THR B 1 81 ? -15.125 9.277   -7.666  1.00 8.38  ? 79  THR B N   1 
ATOM   1314 C CA  . THR B 1 81 ? -15.422 9.305   -9.105  1.00 9.91  ? 79  THR B CA  1 
ATOM   1315 C C   . THR B 1 81 ? -16.303 8.153   -9.602  1.00 9.50  ? 79  THR B C   1 
ATOM   1316 O O   . THR B 1 81 ? -16.675 8.112   -10.777 1.00 9.64  ? 79  THR B O   1 
ATOM   1317 C CB  . THR B 1 81 ? -14.108 9.261   -9.911  1.00 8.82  ? 79  THR B CB  1 
ATOM   1318 O OG1 . THR B 1 81 ? -13.436 8.000   -9.667  1.00 11.67 ? 79  THR B OG1 1 
ATOM   1319 C CG2 . THR B 1 81 ? -13.194 10.410  -9.499  1.00 14.53 ? 79  THR B CG2 1 
ATOM   1320 N N   . GLU B 1 82 ? -16.627 7.206   -8.730  1.00 8.62  ? 80  GLU B N   1 
ATOM   1321 C CA  . GLU B 1 82 ? -17.374 6.021   -9.085  1.00 9.12  ? 80  GLU B CA  1 
ATOM   1322 C C   . GLU B 1 82 ? -16.680 5.099   -10.102 1.00 10.64 ? 80  GLU B C   1 
ATOM   1323 O O   . GLU B 1 82 ? -17.334 4.290   -10.759 1.00 11.77 ? 80  GLU B O   1 
ATOM   1324 C CB  . GLU B 1 82 ? -18.818 6.390   -9.494  1.00 9.82  ? 80  GLU B CB  1 
ATOM   1325 C CG  . GLU B 1 82 ? -19.525 7.190   -8.412  1.00 8.99  ? 80  GLU B CG  1 
ATOM   1326 C CD  . GLU B 1 82 ? -20.964 7.682   -8.754  1.00 13.57 ? 80  GLU B CD  1 
ATOM   1327 O OE1 . GLU B 1 82 ? -21.291 8.062   -9.931  1.00 14.13 ? 80  GLU B OE1 1 
ATOM   1328 O OE2 . GLU B 1 82 ? -21.759 7.642   -7.814  1.00 11.32 ? 80  GLU B OE2 1 
ATOM   1329 N N   . LYS B 1 83 ? -15.362 5.205   -10.195 1.00 10.35 ? 81  LYS B N   1 
ATOM   1330 C CA  . LYS B 1 83 ? -14.548 4.181   -10.865 1.00 11.40 ? 81  LYS B CA  1 
ATOM   1331 C C   . LYS B 1 83 ? -14.748 2.807   -10.241 1.00 9.65  ? 81  LYS B C   1 
ATOM   1332 O O   . LYS B 1 83 ? -14.997 1.824   -10.946 1.00 11.46 ? 81  LYS B O   1 
ATOM   1333 C CB  . LYS B 1 83 ? -13.066 4.539   -10.823 1.00 11.36 ? 81  LYS B CB  1 
ATOM   1334 C CG  . LYS B 1 83 ? -12.177 3.529   -11.505 1.00 14.72 ? 81  LYS B CG  1 
ATOM   1335 C CD  . LYS B 1 83 ? -10.706 3.870   -11.224 1.00 20.46 ? 81  LYS B CD  1 
ATOM   1336 C CE  . LYS B 1 83 ? -9.743  3.018   -12.058 1.00 25.24 ? 81  LYS B CE  1 
ATOM   1337 N NZ  . LYS B 1 83 ? -8.357  3.305   -11.577 1.00 29.18 ? 81  LYS B NZ  1 
ATOM   1338 N N   . ASN B 1 84 ? -14.670 2.772   -8.925  1.00 7.45  ? 82  ASN B N   1 
ATOM   1339 C CA  . ASN B 1 84 ? -14.928 1.577   -8.113  1.00 7.58  ? 82  ASN B CA  1 
ATOM   1340 C C   . ASN B 1 84 ? -16.087 1.882   -7.167  1.00 7.80  ? 82  ASN B C   1 
ATOM   1341 O O   . ASN B 1 84 ? -16.128 2.937   -6.546  1.00 9.91  ? 82  ASN B O   1 
ATOM   1342 C CB  . ASN B 1 84 ? -13.674 1.195   -7.297  1.00 8.67  ? 82  ASN B CB  1 
ATOM   1343 C CG  . ASN B 1 84 ? -12.429 0.913   -8.184  1.00 8.67  ? 82  ASN B CG  1 
ATOM   1344 O OD1 . ASN B 1 84 ? -12.327 -0.141  -8.874  1.00 13.85 ? 82  ASN B OD1 1 
ATOM   1345 N ND2 . ASN B 1 84 ? -11.505 1.830   -8.174  1.00 7.53  ? 82  ASN B ND2 1 
ATOM   1346 N N   . LEU B 1 85 ? -17.052 0.980   -7.077  1.00 8.35  ? 83  LEU B N   1 
ATOM   1347 C CA  . LEU B 1 85 ? -18.093 1.101   -6.076  1.00 9.14  ? 83  LEU B CA  1 
ATOM   1348 C C   . LEU B 1 85 ? -17.739 0.214   -4.898  1.00 8.07  ? 83  LEU B C   1 
ATOM   1349 O O   . LEU B 1 85 ? -17.040 -0.799  -5.065  1.00 9.30  ? 83  LEU B O   1 
ATOM   1350 C CB  . LEU B 1 85 ? -19.450 0.746   -6.667  1.00 8.97  ? 83  LEU B CB  1 
ATOM   1351 C CG  . LEU B 1 85 ? -19.836 1.414   -7.999  1.00 9.02  ? 83  LEU B CG  1 
ATOM   1352 C CD1 . LEU B 1 85 ? -21.199 0.850   -8.460  1.00 13.64 ? 83  LEU B CD1 1 
ATOM   1353 C CD2 . LEU B 1 85 ? -19.890 2.927   -7.835  1.00 10.46 ? 83  LEU B CD2 1 
ATOM   1354 N N   . ILE B 1 86 ? -18.174 0.611   -3.702  1.00 8.52  ? 84  ILE B N   1 
ATOM   1355 C CA  . ILE B 1 86 ? -17.847 -0.102  -2.497  1.00 8.42  ? 84  ILE B CA  1 
ATOM   1356 C C   . ILE B 1 86 ? -19.065 -0.236  -1.635  1.00 9.48  ? 84  ILE B C   1 
ATOM   1357 O O   . ILE B 1 86 ? -19.872 0.700   -1.551  1.00 8.36  ? 84  ILE B O   1 
ATOM   1358 C CB  . ILE B 1 86 ? -16.657 0.575   -1.719  1.00 9.77  ? 84  ILE B CB  1 
ATOM   1359 C CG1 . ILE B 1 86 ? -16.150 -0.310  -0.579  1.00 10.31 ? 84  ILE B CG1 1 
ATOM   1360 C CG2 . ILE B 1 86 ? -17.007 2.055   -1.291  1.00 11.47 ? 84  ILE B CG2 1 
ATOM   1361 C CD1 . ILE B 1 86 ? -14.774 0.141   -0.020  1.00 16.60 ? 84  ILE B CD1 1 
ATOM   1362 N N   . HIS B 1 87 ? -19.189 -1.368  -0.962  1.00 9.14  ? 85  HIS B N   1 
ATOM   1363 C CA  . HIS B 1 87 ? -20.243 -1.600  -0.001  1.00 11.61 ? 85  HIS B CA  1 
ATOM   1364 C C   . HIS B 1 87 ? -19.638 -2.264  1.239   1.00 11.73 ? 85  HIS B C   1 
ATOM   1365 O O   . HIS B 1 87 ? -18.749 -3.133  1.130   1.00 11.51 ? 85  HIS B O   1 
ATOM   1366 C CB  . HIS B 1 87 ? -21.317 -2.446  -0.681  1.00 13.13 ? 85  HIS B CB  1 
ATOM   1367 C CG  . HIS B 1 87 ? -22.476 -2.823  0.197   1.00 19.65 ? 85  HIS B CG  1 
ATOM   1368 N ND1 . HIS B 1 87 ? -23.214 -1.897  0.895   1.00 29.45 ? 85  HIS B ND1 1 
ATOM   1369 C CD2 . HIS B 1 87 ? -23.065 -4.020  0.419   1.00 28.60 ? 85  HIS B CD2 1 
ATOM   1370 C CE1 . HIS B 1 87 ? -24.193 -2.516  1.538   1.00 31.81 ? 85  HIS B CE1 1 
ATOM   1371 N NE2 . HIS B 1 87 ? -24.123 -3.806  1.266   1.00 32.52 ? 85  HIS B NE2 1 
ATOM   1372 N N   . TYR B 1 88 ? -20.098 -1.852  2.412   1.00 12.26 ? 86  TYR B N   1 
ATOM   1373 C CA  . TYR B 1 88 ? -19.463 -2.209  3.673   1.00 12.48 ? 86  TYR B CA  1 
ATOM   1374 C C   . TYR B 1 88 ? -20.279 -3.325  4.276   1.00 15.20 ? 86  TYR B C   1 
ATOM   1375 O O   . TYR B 1 88 ? -21.404 -3.089  4.673   1.00 15.55 ? 86  TYR B O   1 
ATOM   1376 C CB  . TYR B 1 88 ? -19.400 -0.969  4.608   1.00 14.54 ? 86  TYR B CB  1 
ATOM   1377 C CG  . TYR B 1 88 ? -18.675 0.142   3.979   1.00 12.35 ? 86  TYR B CG  1 
ATOM   1378 C CD1 . TYR B 1 88 ? -17.271 0.147   3.914   1.00 15.22 ? 86  TYR B CD1 1 
ATOM   1379 C CD2 . TYR B 1 88 ? -19.355 1.174   3.381   1.00 16.84 ? 86  TYR B CD2 1 
ATOM   1380 C CE1 . TYR B 1 88 ? -16.584 1.150   3.261   1.00 14.88 ? 86  TYR B CE1 1 
ATOM   1381 C CE2 . TYR B 1 88 ? -18.687 2.191   2.757   1.00 16.62 ? 86  TYR B CE2 1 
ATOM   1382 C CZ  . TYR B 1 88 ? -17.275 2.171   2.707   1.00 16.79 ? 86  TYR B CZ  1 
ATOM   1383 O OH  . TYR B 1 88 ? -16.653 3.173   2.045   1.00 18.26 ? 86  TYR B OH  1 
ATOM   1384 N N   . LEU B 1 89 ? -19.760 -4.543  4.307   1.00 14.21 ? 87  LEU B N   1 
ATOM   1385 C CA  . LEU B 1 89 ? -20.538 -5.701  4.773   1.00 16.92 ? 87  LEU B CA  1 
ATOM   1386 C C   . LEU B 1 89 ? -20.385 -5.842  6.275   1.00 18.93 ? 87  LEU B C   1 
ATOM   1387 O O   . LEU B 1 89 ? -19.297 -5.663  6.810   1.00 17.26 ? 87  LEU B O   1 
ATOM   1388 C CB  . LEU B 1 89 ? -20.110 -6.990  4.043   1.00 16.60 ? 87  LEU B CB  1 
ATOM   1389 C CG  . LEU B 1 89 ? -20.029 -6.876  2.512   1.00 19.35 ? 87  LEU B CG  1 
ATOM   1390 C CD1 . LEU B 1 89 ? -19.992 -8.243  1.882   1.00 23.71 ? 87  LEU B CD1 1 
ATOM   1391 C CD2 . LEU B 1 89 ? -21.192 -6.077  1.915   1.00 24.95 ? 87  LEU B CD2 1 
ATOM   1392 N N   . ASP B 1 90 ? -21.486 -6.174  6.948   1.00 22.59 ? 88  ASP B N   1 
ATOM   1393 C CA  . ASP B 1 90 ? -21.434 -6.382  8.413   1.00 25.53 ? 88  ASP B CA  1 
ATOM   1394 C C   . ASP B 1 90 ? -21.406 -7.875  8.769   1.00 26.36 ? 88  ASP B C   1 
ATOM   1395 O O   . ASP B 1 90 ? -21.139 -8.719  7.895   1.00 27.39 ? 88  ASP B O   1 
ATOM   1396 C CB  . ASP B 1 90 ? -22.618 -5.691  9.085   1.00 27.18 ? 88  ASP B CB  1 
ATOM   1397 C CG  . ASP B 1 90 ? -22.545 -4.168  8.983   1.00 29.76 ? 88  ASP B CG  1 
ATOM   1398 O OD1 . ASP B 1 90 ? -21.454 -3.560  9.212   1.00 32.81 ? 88  ASP B OD1 1 
ATOM   1399 O OD2 . ASP B 1 90 ? -23.594 -3.576  8.661   1.00 33.33 ? 88  ASP B OD2 1 
HETATM 1400 O O   . HOH C 2 .  ? -0.614  12.044  6.164   1.00 29.46 ? 89  HOH A O   1 
HETATM 1401 O O   . HOH C 2 .  ? 19.150  12.517  -2.823  1.00 38.74 ? 90  HOH A O   1 
HETATM 1402 O O   . HOH C 2 .  ? 8.371   19.054  2.033   1.00 8.67  ? 91  HOH A O   1 
HETATM 1403 O O   . HOH C 2 .  ? 25.475  1.951   12.797  1.00 33.57 ? 92  HOH A O   1 
HETATM 1404 O O   . HOH C 2 .  ? 15.135  -20.014 -0.457  1.00 22.77 ? 93  HOH A O   1 
HETATM 1405 O O   . HOH C 2 .  ? 18.000  -5.421  -1.310  1.00 29.59 ? 94  HOH A O   1 
HETATM 1406 O O   . HOH C 2 .  ? 4.092   13.853  -1.242  1.00 32.22 ? 95  HOH A O   1 
HETATM 1407 O O   . HOH C 2 .  ? 10.766  11.139  6.142   1.00 8.68  ? 96  HOH A O   1 
HETATM 1408 O O   . HOH C 2 .  ? 19.709  -16.027 0.889   1.00 22.70 ? 97  HOH A O   1 
HETATM 1409 O O   . HOH C 2 .  ? 7.768   8.959   8.015   1.00 10.77 ? 98  HOH A O   1 
HETATM 1410 O O   . HOH C 2 .  ? 4.439   -2.441  12.583  1.00 25.19 ? 99  HOH A O   1 
HETATM 1411 O O   . HOH C 2 .  ? 12.184  4.904   -3.890  1.00 11.18 ? 100 HOH A O   1 
HETATM 1412 O O   . HOH C 2 .  ? 6.778   -9.913  -4.524  1.00 15.85 ? 101 HOH A O   1 
HETATM 1413 O O   . HOH C 2 .  ? 17.714  7.569   10.332  1.00 30.76 ? 102 HOH A O   1 
HETATM 1414 O O   . HOH C 2 .  ? 17.291  -18.496 -8.716  1.00 9.44  ? 103 HOH A O   1 
HETATM 1415 O O   . HOH C 2 .  ? 8.773   8.158   11.316  1.00 26.82 ? 104 HOH A O   1 
HETATM 1416 O O   . HOH C 2 .  ? 20.263  -4.966  -5.261  1.00 15.08 ? 105 HOH A O   1 
HETATM 1417 O O   . HOH C 2 .  ? 6.594   15.622  8.799   1.00 19.04 ? 106 HOH A O   1 
HETATM 1418 O O   . HOH C 2 .  ? 3.327   7.430   -3.650  1.00 30.64 ? 107 HOH A O   1 
HETATM 1419 O O   . HOH C 2 .  ? 8.405   4.236   -6.388  1.00 31.47 ? 108 HOH A O   1 
HETATM 1420 O O   . HOH C 2 .  ? 19.551  -5.377  7.395   1.00 28.90 ? 109 HOH A O   1 
HETATM 1421 O O   . HOH C 2 .  ? 3.169   -5.600  9.844   1.00 19.10 ? 110 HOH A O   1 
HETATM 1422 O O   . HOH C 2 .  ? 6.445   -13.859 1.863   1.00 24.50 ? 111 HOH A O   1 
HETATM 1423 O O   . HOH C 2 .  ? 13.433  18.078  1.524   1.00 25.28 ? 112 HOH A O   1 
HETATM 1424 O O   . HOH C 2 .  ? 13.776  13.331  0.595   1.00 17.91 ? 113 HOH A O   1 
HETATM 1425 O O   . HOH C 2 .  ? 3.133   -2.472  -4.146  1.00 32.21 ? 114 HOH A O   1 
HETATM 1426 O O   . HOH C 2 .  ? 2.017   19.201  6.799   1.00 26.06 ? 115 HOH A O   1 
HETATM 1427 O O   . HOH C 2 .  ? 16.722  -3.042  -4.913  1.00 14.24 ? 116 HOH A O   1 
HETATM 1428 O O   . HOH C 2 .  ? 1.077   15.454  5.893   1.00 28.14 ? 117 HOH A O   1 
HETATM 1429 O O   . HOH C 2 .  ? 1.380   -4.431  -5.099  1.00 26.51 ? 118 HOH A O   1 
HETATM 1430 O O   . HOH C 2 .  ? -1.006  11.420  2.914   1.00 15.49 ? 119 HOH A O   1 
HETATM 1431 O O   . HOH C 2 .  ? 16.046  2.509   12.067  1.00 17.78 ? 120 HOH A O   1 
HETATM 1432 O O   . HOH C 2 .  ? 6.065   14.555  0.735   1.00 31.20 ? 121 HOH A O   1 
HETATM 1433 O O   . HOH C 2 .  ? 0.714   -7.793  8.364   1.00 34.58 ? 122 HOH A O   1 
HETATM 1434 O O   . HOH C 2 .  ? 18.582  -8.428  9.029   1.00 26.18 ? 123 HOH A O   1 
HETATM 1435 O O   . HOH C 2 .  ? 16.713  -6.015  0.709   1.00 21.19 ? 124 HOH A O   1 
HETATM 1436 O O   . HOH C 2 .  ? 0.594   1.933   -2.491  1.00 23.41 ? 125 HOH A O   1 
HETATM 1437 O O   . HOH C 2 .  ? 10.632  11.110  2.972   1.00 16.95 ? 126 HOH A O   1 
HETATM 1438 O O   . HOH C 2 .  ? 12.523  -4.270  13.840  1.00 23.49 ? 127 HOH A O   1 
HETATM 1439 O O   . HOH C 2 .  ? 14.093  -15.849 -11.213 1.00 23.88 ? 128 HOH A O   1 
HETATM 1440 O O   . HOH C 2 .  ? 6.035   17.424  0.874   1.00 15.47 ? 129 HOH A O   1 
HETATM 1441 O O   . HOH C 2 .  ? 14.159  -11.706 9.663   1.00 16.96 ? 130 HOH A O   1 
HETATM 1442 O O   . HOH C 2 .  ? 9.356   11.812  0.598   1.00 18.48 ? 131 HOH A O   1 
HETATM 1443 O O   . HOH C 2 .  ? 7.520   0.542   -6.822  1.00 20.00 ? 132 HOH A O   1 
HETATM 1444 O O   . HOH C 2 .  ? 21.170  -10.299 -8.595  1.00 39.72 ? 133 HOH A O   1 
HETATM 1445 O O   . HOH C 2 .  ? -0.747  -1.921  -2.069  1.00 23.58 ? 134 HOH A O   1 
HETATM 1446 O O   . HOH C 2 .  ? 8.314   -8.234  10.903  1.00 29.28 ? 135 HOH A O   1 
HETATM 1447 O O   . HOH C 2 .  ? 11.186  18.772  3.263   1.00 23.65 ? 136 HOH A O   1 
HETATM 1448 O O   . HOH C 2 .  ? 10.787  -10.935 -9.035  1.00 30.72 ? 137 HOH A O   1 
HETATM 1449 O O   . HOH C 2 .  ? 3.924   -11.008 6.601   1.00 26.51 ? 138 HOH A O   1 
HETATM 1450 O O   . HOH C 2 .  ? 5.620   1.596   -5.145  1.00 25.05 ? 139 HOH A O   1 
HETATM 1451 O O   . HOH C 2 .  ? 17.139  -6.004  8.440   1.00 23.10 ? 140 HOH A O   1 
HETATM 1452 O O   . HOH C 2 .  ? 1.436   6.320   -2.192  1.00 29.30 ? 141 HOH A O   1 
HETATM 1453 O O   . HOH C 2 .  ? 0.270   9.076   5.788   1.00 20.24 ? 142 HOH A O   1 
HETATM 1454 O O   . HOH C 2 .  ? 0.582   7.941   7.778   1.00 39.14 ? 143 HOH A O   1 
HETATM 1455 O O   . HOH C 2 .  ? 12.475  9.930   13.253  1.00 22.33 ? 144 HOH A O   1 
HETATM 1456 O O   . HOH C 2 .  ? 17.926  -6.203  -4.436  1.00 24.08 ? 145 HOH A O   1 
HETATM 1457 O O   . HOH C 2 .  ? 11.205  13.226  -0.760  1.00 30.44 ? 146 HOH A O   1 
HETATM 1458 O O   . HOH C 2 .  ? 4.554   17.056  8.182   1.00 20.31 ? 147 HOH A O   1 
HETATM 1459 O O   . HOH C 2 .  ? 13.263  -15.259 3.926   1.00 21.31 ? 148 HOH A O   1 
HETATM 1460 O O   . HOH C 2 .  ? 18.841  -6.705  -11.369 1.00 27.62 ? 149 HOH A O   1 
HETATM 1461 O O   . HOH C 2 .  ? 17.054  -4.794  10.879  1.00 21.42 ? 150 HOH A O   1 
HETATM 1462 O O   . HOH C 2 .  ? 19.872  -18.763 0.854   1.00 39.98 ? 151 HOH A O   1 
HETATM 1463 O O   . HOH C 2 .  ? 13.871  -17.776 -1.854  1.00 11.71 ? 152 HOH A O   1 
HETATM 1464 O O   . HOH C 2 .  ? 3.760   -9.372  -4.459  1.00 27.30 ? 153 HOH A O   1 
HETATM 1465 O O   . HOH C 2 .  ? 14.042  8.348   -6.127  1.00 34.27 ? 154 HOH A O   1 
HETATM 1466 O O   . HOH C 2 .  ? 11.957  11.851  -2.979  1.00 31.52 ? 155 HOH A O   1 
HETATM 1467 O O   . HOH C 2 .  ? 17.271  13.407  -0.882  1.00 27.90 ? 156 HOH A O   1 
HETATM 1468 O O   . HOH C 2 .  ? 4.794   -1.712  -6.033  1.00 20.60 ? 157 HOH A O   1 
HETATM 1469 O O   . HOH C 2 .  ? 6.980   -12.680 -2.909  1.00 23.61 ? 158 HOH A O   1 
HETATM 1470 O O   . HOH C 2 .  ? 5.769   -6.505  -8.350  1.00 21.08 ? 159 HOH A O   1 
HETATM 1471 O O   . HOH C 2 .  ? 20.886  -2.239  3.818   1.00 25.96 ? 160 HOH A O   1 
HETATM 1472 O O   . HOH C 2 .  ? -0.305  12.240  -0.670  1.00 29.27 ? 161 HOH A O   1 
HETATM 1473 O O   . HOH C 2 .  ? 0.055   -10.370 1.348   1.00 14.42 ? 162 HOH A O   1 
HETATM 1474 O O   . HOH C 2 .  ? 11.988  -16.362 -0.366  1.00 14.42 ? 163 HOH A O   1 
HETATM 1475 O O   . HOH C 2 .  ? 16.492  10.019  11.709  1.00 22.62 ? 164 HOH A O   1 
HETATM 1476 O O   . HOH C 2 .  ? 28.088  9.969   -9.304  1.00 26.36 ? 165 HOH A O   1 
HETATM 1477 O O   . HOH C 2 .  ? 17.238  5.298   12.461  1.00 25.89 ? 166 HOH A O   1 
HETATM 1478 O O   . HOH C 2 .  ? 21.950  4.893   3.632   1.00 30.94 ? 167 HOH A O   1 
HETATM 1479 O O   . HOH C 2 .  ? 19.537  -2.990  -11.767 1.00 24.78 ? 168 HOH A O   1 
HETATM 1480 O O   . HOH C 2 .  ? 9.179   -10.327 4.704   1.00 26.48 ? 169 HOH A O   1 
HETATM 1481 O O   . HOH C 2 .  ? 2.750   -7.974  9.556   1.00 14.84 ? 170 HOH A O   1 
HETATM 1482 O O   . HOH C 2 .  ? 19.003  -16.715 -10.393 1.00 21.85 ? 171 HOH A O   1 
HETATM 1483 O O   . HOH C 2 .  ? 20.857  2.313   -11.311 1.00 36.03 ? 172 HOH A O   1 
HETATM 1484 O O   . HOH C 2 .  ? 16.518  1.415   14.171  1.00 32.57 ? 173 HOH A O   1 
HETATM 1485 O O   . HOH C 2 .  ? 10.017  10.804  -4.288  1.00 41.89 ? 174 HOH A O   1 
HETATM 1486 O O   . HOH C 2 .  ? 5.597   8.878   11.889  1.00 30.25 ? 175 HOH A O   1 
HETATM 1487 O O   . HOH C 2 .  ? 4.089   1.688   -7.731  1.00 48.20 ? 176 HOH A O   1 
HETATM 1488 O O   . HOH C 2 .  ? 32.650  8.262   -11.173 1.00 30.88 ? 177 HOH A O   1 
HETATM 1489 O O   . HOH C 2 .  ? 18.389  15.159  -4.568  1.00 32.45 ? 178 HOH A O   1 
HETATM 1490 O O   . HOH C 2 .  ? 11.643  -13.952 6.096   1.00 29.18 ? 179 HOH A O   1 
HETATM 1491 O O   . HOH C 2 .  ? 12.885  -11.105 11.971  1.00 27.03 ? 180 HOH A O   1 
HETATM 1492 O O   . HOH C 2 .  ? 4.546   -8.354  10.472  1.00 22.14 ? 181 HOH A O   1 
HETATM 1493 O O   . HOH C 2 .  ? 16.437  15.473  3.830   1.00 28.46 ? 182 HOH A O   1 
HETATM 1494 O O   . HOH C 2 .  ? 23.066  -10.579 -2.622  1.00 25.17 ? 183 HOH A O   1 
HETATM 1495 O O   . HOH C 2 .  ? 11.969  -16.830 2.208   1.00 30.82 ? 184 HOH A O   1 
HETATM 1496 O O   . HOH C 2 .  ? 13.576  2.000   -11.161 1.00 27.79 ? 185 HOH A O   1 
HETATM 1497 O O   . HOH C 2 .  ? 25.702  2.392   5.450   1.00 34.54 ? 186 HOH A O   1 
HETATM 1498 O O   . HOH C 2 .  ? 16.372  -6.243  -12.746 1.00 33.71 ? 187 HOH A O   1 
HETATM 1499 O O   . HOH C 2 .  ? 3.960   11.270  -3.041  1.00 36.21 ? 188 HOH A O   1 
HETATM 1500 O O   . HOH C 2 .  ? 6.415   18.032  -5.868  1.00 61.13 ? 189 HOH A O   1 
HETATM 1501 O O   . HOH C 2 .  ? 4.945   15.919  -3.826  1.00 39.13 ? 190 HOH A O   1 
HETATM 1502 O O   . HOH C 2 .  ? 18.972  -20.585 -7.861  1.00 32.71 ? 191 HOH A O   1 
HETATM 1503 O O   . HOH C 2 .  ? 20.777  7.009   -9.228  1.00 35.50 ? 194 HOH A O   1 
HETATM 1504 O O   . HOH C 2 .  ? 2.604   -11.792 -4.847  1.00 23.48 ? 196 HOH A O   1 
HETATM 1505 O O   . HOH C 2 .  ? 21.188  4.871   11.453  1.00 31.19 ? 197 HOH A O   1 
HETATM 1506 O O   . HOH D 2 .  ? -1.157  8.384   3.173   1.00 2.00  ? 89  HOH B O   1 
HETATM 1507 O O   . HOH D 2 .  ? -9.440  -18.256 -8.312  1.00 6.95  ? 90  HOH B O   1 
HETATM 1508 O O   . HOH D 2 .  ? -14.142 16.981  -2.359  1.00 28.32 ? 91  HOH B O   1 
HETATM 1509 O O   . HOH D 2 .  ? -9.091  -11.662 1.225   1.00 8.12  ? 92  HOH B O   1 
HETATM 1510 O O   . HOH D 2 .  ? -12.170 -12.814 -1.513  1.00 8.85  ? 93  HOH B O   1 
HETATM 1511 O O   . HOH D 2 .  ? -2.228  -1.843  -5.859  1.00 17.17 ? 94  HOH B O   1 
HETATM 1512 O O   . HOH D 2 .  ? -21.335 6.492   -5.479  1.00 14.00 ? 95  HOH B O   1 
HETATM 1513 O O   . HOH D 2 .  ? -18.184 0.499   11.619  1.00 31.75 ? 96  HOH B O   1 
HETATM 1514 O O   . HOH D 2 .  ? -7.397  -16.334 -8.555  1.00 12.68 ? 97  HOH B O   1 
HETATM 1515 O O   . HOH D 2 .  ? -1.854  -19.156 -5.000  1.00 30.20 ? 98  HOH B O   1 
HETATM 1516 O O   . HOH D 2 .  ? -10.218 7.400   5.764   1.00 14.01 ? 99  HOH B O   1 
HETATM 1517 O O   . HOH D 2 .  ? -7.413  11.954  -0.271  1.00 30.77 ? 100 HOH B O   1 
HETATM 1518 O O   . HOH D 2 .  ? -13.322 5.576   12.604  1.00 29.92 ? 101 HOH B O   1 
HETATM 1519 O O   . HOH D 2 .  ? -7.865  10.725  -3.124  1.00 18.52 ? 102 HOH B O   1 
HETATM 1520 O O   . HOH D 2 .  ? -9.041  -3.344  -9.263  1.00 27.02 ? 103 HOH B O   1 
HETATM 1521 O O   . HOH D 2 .  ? -14.802 -12.524 -7.606  1.00 16.66 ? 104 HOH B O   1 
HETATM 1522 O O   . HOH D 2 .  ? -3.861  3.471   -5.137  1.00 27.44 ? 105 HOH B O   1 
HETATM 1523 O O   . HOH D 2 .  ? -8.640  -12.985 -6.105  1.00 30.02 ? 106 HOH B O   1 
HETATM 1524 O O   . HOH D 2 .  ? -4.341  1.032   8.798   1.00 21.06 ? 107 HOH B O   1 
HETATM 1525 O O   . HOH D 2 .  ? -13.885 -1.522  11.935  1.00 16.96 ? 108 HOH B O   1 
HETATM 1526 O O   . HOH D 2 .  ? -20.801 14.239  4.499   1.00 19.24 ? 109 HOH B O   1 
HETATM 1527 O O   . HOH D 2 .  ? -19.133 5.000   -0.938  1.00 24.26 ? 110 HOH B O   1 
HETATM 1528 O O   . HOH D 2 .  ? -0.408  0.660   9.119   1.00 17.46 ? 111 HOH B O   1 
HETATM 1529 O O   . HOH D 2 .  ? -14.765 7.272   10.658  1.00 19.09 ? 112 HOH B O   1 
HETATM 1530 O O   . HOH D 2 .  ? -16.910 -5.499  -10.682 1.00 28.10 ? 113 HOH B O   1 
HETATM 1531 O O   . HOH D 2 .  ? -12.438 -20.629 -6.562  1.00 14.32 ? 114 HOH B O   1 
HETATM 1532 O O   . HOH D 2 .  ? -6.985  8.340   -8.119  1.00 16.03 ? 115 HOH B O   1 
HETATM 1533 O O   . HOH D 2 .  ? -17.432 -15.687 -5.509  1.00 24.06 ? 116 HOH B O   1 
HETATM 1534 O O   . HOH D 2 .  ? -22.395 0.142   2.182   1.00 25.90 ? 117 HOH B O   1 
HETATM 1535 O O   . HOH D 2 .  ? -18.494 2.255   7.374   1.00 18.78 ? 118 HOH B O   1 
HETATM 1536 O O   . HOH D 2 .  ? -18.806 -1.841  12.731  1.00 28.97 ? 119 HOH B O   1 
HETATM 1537 O O   . HOH D 2 .  ? -8.688  -13.684 -8.777  1.00 24.44 ? 120 HOH B O   1 
HETATM 1538 O O   . HOH D 2 .  ? -9.542  7.645   -9.584  1.00 36.36 ? 121 HOH B O   1 
HETATM 1539 O O   . HOH D 2 .  ? -0.427  -8.774  -3.680  1.00 16.77 ? 122 HOH B O   1 
HETATM 1540 O O   . HOH D 2 .  ? -6.687  -13.454 4.732   1.00 27.80 ? 123 HOH B O   1 
HETATM 1541 O O   . HOH D 2 .  ? -18.276 8.507   -14.423 1.00 57.21 ? 124 HOH B O   1 
HETATM 1542 O O   . HOH D 2 .  ? -20.566 12.929  6.801   1.00 28.54 ? 125 HOH B O   1 
HETATM 1543 O O   . HOH D 2 .  ? -21.047 2.313   6.314   1.00 30.43 ? 126 HOH B O   1 
HETATM 1544 O O   . HOH D 2 .  ? -19.535 19.006  4.277   1.00 23.93 ? 127 HOH B O   1 
HETATM 1545 O O   . HOH D 2 .  ? -17.228 -7.598  7.558   1.00 19.52 ? 128 HOH B O   1 
HETATM 1546 O O   . HOH D 2 .  ? -1.971  -16.354 -3.566  1.00 32.28 ? 129 HOH B O   1 
HETATM 1547 O O   . HOH D 2 .  ? -12.410 -12.260 -8.765  1.00 19.75 ? 130 HOH B O   1 
HETATM 1548 O O   . HOH D 2 .  ? -2.194  -6.676  -6.581  1.00 35.49 ? 131 HOH B O   1 
HETATM 1549 O O   . HOH D 2 .  ? -5.504  -2.679  10.041  1.00 33.94 ? 132 HOH B O   1 
HETATM 1550 O O   . HOH D 2 .  ? -11.676 -11.691 -4.472  1.00 20.02 ? 133 HOH B O   1 
HETATM 1551 O O   . HOH D 2 .  ? -10.483 -11.481 -6.977  1.00 23.03 ? 134 HOH B O   1 
HETATM 1552 O O   . HOH D 2 .  ? -18.679 0.145   8.953   1.00 20.40 ? 135 HOH B O   1 
HETATM 1553 O O   . HOH D 2 .  ? -19.719 4.266   9.163   1.00 17.58 ? 136 HOH B O   1 
HETATM 1554 O O   . HOH D 2 .  ? -6.628  0.179   -7.602  1.00 20.16 ? 137 HOH B O   1 
HETATM 1555 O O   . HOH D 2 .  ? -14.071 -14.539 5.462   1.00 22.15 ? 138 HOH B O   1 
HETATM 1556 O O   . HOH D 2 .  ? -0.490  9.022   -1.650  1.00 30.11 ? 139 HOH B O   1 
HETATM 1557 O O   . HOH D 2 .  ? -20.715 -4.997  -11.357 1.00 31.83 ? 140 HOH B O   1 
HETATM 1558 O O   . HOH D 2 .  ? -0.494  -12.925 -0.814  1.00 35.21 ? 141 HOH B O   1 
HETATM 1559 O O   . HOH D 2 .  ? -8.982  1.472   -8.935  1.00 17.73 ? 143 HOH B O   1 
HETATM 1560 O O   . HOH D 2 .  ? -10.880 -15.417 5.561   1.00 26.61 ? 144 HOH B O   1 
HETATM 1561 O O   . HOH D 2 .  ? -12.910 -9.819  -10.406 1.00 38.89 ? 145 HOH B O   1 
HETATM 1562 O O   . HOH D 2 .  ? -5.794  3.252   10.626  1.00 21.85 ? 146 HOH B O   1 
HETATM 1563 O O   . HOH D 2 .  ? -19.150 7.663   -4.255  1.00 28.78 ? 147 HOH B O   1 
HETATM 1564 O O   . HOH D 2 .  ? -13.998 -5.524  -8.217  1.00 25.14 ? 148 HOH B O   1 
HETATM 1565 O O   . HOH D 2 .  ? -19.358 3.302   -3.634  1.00 20.64 ? 149 HOH B O   1 
HETATM 1566 O O   . HOH D 2 .  ? -20.911 20.556  2.407   1.00 32.76 ? 150 HOH B O   1 
HETATM 1567 O O   . HOH D 2 .  ? -17.932 5.145   1.205   1.00 26.77 ? 151 HOH B O   1 
HETATM 1568 O O   . HOH D 2 .  ? -4.515  -5.381  8.761   1.00 36.81 ? 152 HOH B O   1 
HETATM 1569 O O   . HOH D 2 .  ? -16.996 -7.593  10.225  1.00 25.47 ? 153 HOH B O   1 
HETATM 1570 O O   . HOH D 2 .  ? -13.887 12.643  6.468   1.00 17.46 ? 154 HOH B O   1 
HETATM 1571 O O   . HOH D 2 .  ? -10.016 -0.985  -10.391 1.00 24.17 ? 155 HOH B O   1 
HETATM 1572 O O   . HOH D 2 .  ? -3.750  3.468   9.358   1.00 28.03 ? 156 HOH B O   1 
HETATM 1573 O O   . HOH D 2 .  ? -14.995 -17.092 -8.255  1.00 29.51 ? 157 HOH B O   1 
HETATM 1574 O O   . HOH D 2 .  ? -11.558 -18.731 5.578   1.00 40.00 ? 158 HOH B O   1 
HETATM 1575 O O   . HOH D 2 .  ? -8.124  6.333   14.133  1.00 57.87 ? 160 HOH B O   1 
HETATM 1576 O O   . HOH D 2 .  ? -17.979 4.679   -5.642  1.00 20.34 ? 161 HOH B O   1 
HETATM 1577 O O   . HOH D 2 .  ? -6.021  7.707   8.159   1.00 20.14 ? 162 HOH B O   1 
HETATM 1578 O O   . HOH D 2 .  ? -18.211 20.224  -3.427  1.00 26.22 ? 163 HOH B O   1 
HETATM 1579 O O   . HOH D 2 .  ? -20.779 7.326   -12.488 1.00 22.27 ? 164 HOH B O   1 
HETATM 1580 O O   . HOH D 2 .  ? -18.423 -11.803 -8.572  1.00 21.50 ? 165 HOH B O   1 
HETATM 1581 O O   . HOH D 2 .  ? -19.170 4.949   -12.748 1.00 24.53 ? 166 HOH B O   1 
HETATM 1582 O O   . HOH D 2 .  ? -19.736 19.561  -5.583  1.00 22.89 ? 167 HOH B O   1 
HETATM 1583 O O   . HOH D 2 .  ? -7.008  -6.337  9.227   1.00 33.94 ? 168 HOH B O   1 
HETATM 1584 O O   . HOH D 2 .  ? -17.963 -13.849 3.881   1.00 21.92 ? 169 HOH B O   1 
HETATM 1585 O O   . HOH D 2 .  ? -19.934 -9.799  -10.457 1.00 24.70 ? 170 HOH B O   1 
HETATM 1586 O O   . HOH D 2 .  ? -9.561  3.094   10.591  1.00 31.73 ? 171 HOH B O   1 
HETATM 1587 O O   . HOH D 2 .  ? -5.817  3.978   -7.656  1.00 29.26 ? 175 HOH B O   1 
HETATM 1588 O O   . HOH D 2 .  ? -20.252 9.527   -0.063  1.00 23.41 ? 180 HOH B O   1 
HETATM 1589 O O   . HOH D 2 .  ? -19.919 10.190  -6.088  1.00 24.68 ? 182 HOH B O   1 
HETATM 1590 O O   . HOH D 2 .  ? -23.079 -5.911  -1.327  1.00 33.97 ? 183 HOH B O   1 
HETATM 1591 O O   . HOH D 2 .  ? -21.201 2.998   -13.379 1.00 29.09 ? 184 HOH B O   1 
HETATM 1592 O O   . HOH D 2 .  ? -1.761  2.656   10.698  1.00 34.66 ? 189 HOH B O   1 
HETATM 1593 O O   . HOH D 2 .  ? -29.165 16.582  -9.674  1.00 26.39 ? 190 HOH B O   1 
HETATM 1594 O O   . HOH D 2 .  ? -8.534  14.455  -1.539  1.00 35.49 ? 192 HOH B O   1 
HETATM 1595 O O   . HOH D 2 .  ? -4.145  -0.335  -7.058  1.00 46.47 ? 193 HOH B O   1 
HETATM 1596 O O   . HOH D 2 .  ? -18.495 -11.377 4.051   1.00 30.76 ? 195 HOH B O   1 
HETATM 1597 O O   . HOH D 2 .  ? -2.915  8.403   -2.898  1.00 33.27 ? 198 HOH B O   1 
# 
